data_7OKP
#
_entry.id   7OKP
#
_cell.length_a   74.909
_cell.length_b   99.580
_cell.length_c   208.075
_cell.angle_alpha   90.000
_cell.angle_beta   90.000
_cell.angle_gamma   90.000
#
_symmetry.space_group_name_H-M   'P 21 21 2'
#
loop_
_entity.id
_entity.type
_entity.pdbx_description
1 polymer 'Histone-arginine methyltransferase CARM1'
2 polymer 'Histone H3.3'
3 non-polymer 'MALONATE ION'
4 non-polymer (2~{R},3~{R},4~{S},5~{R})-2-(6-aminopurin-9-yl)-5-[(~{E})-prop-1-enyl]oxolane-3,4-diol
5 water water
#
loop_
_entity_poly.entity_id
_entity_poly.type
_entity_poly.pdbx_seq_one_letter_code
_entity_poly.pdbx_strand_id
1 'polypeptide(L)'
;GHMGHTLERSVFSERTEESSAVQYFQFYGYLSQQQNMMQDYVRTGTYQRAILQNHTDFKDKIVLDVGCGSGILSFFAAQA
GARKIYAVEASTMAQHAEVLVKSNNLTDRIVVIPGKVEEVSLPEQVDIIISEPMGYMLFNERMLESYLHAKKYLKPSGNM
FPTIGDVHLAPFTDEQLYMEQFTKANFWYQPSFHGVDLSALRGAAVDEYFRQPVVDTFDIRILMAKSVKYTVNFLEAKEG
DLHRIEIPFKFHMLHSGLVHGLAFWFDVAFIGSIMTVWLSTAPTEPLTHWYQVRCLFQSPLFAKAGDTLSGTCLLIANKR
QSYDISIVAQVDQTGSKSSNLLDLKNPFFRYTGTTPSPPPGSHYTSPSENM
;
A,B,C,D
2 'polypeptide(L)' (ACE)GKAPR(ALY)QLAT E,F,G,H
#
loop_
_chem_comp.id
_chem_comp.type
_chem_comp.name
_chem_comp.formula
ACE non-polymer 'ACETYL GROUP' 'C2 H4 O'
MLI non-polymer 'MALONATE ION' 'C3 H2 O4 -2'
QVR non-polymer (2~{R},3~{R},4~{S},5~{R})-2-(6-aminopurin-9-yl)-5-[(~{E})-prop-1-enyl]oxolane-3,4-diol 'C12 H15 N5 O3'
#
# COMPACT_ATOMS: atom_id res chain seq x y z
N ARG A 9 35.60 -28.18 -18.49
CA ARG A 9 35.45 -26.75 -18.79
C ARG A 9 35.84 -25.92 -17.57
N SER A 10 35.07 -26.05 -16.49
CA SER A 10 35.36 -25.35 -15.25
C SER A 10 35.11 -26.27 -14.07
N VAL A 11 35.73 -25.93 -12.94
CA VAL A 11 35.58 -26.74 -11.73
C VAL A 11 34.11 -26.85 -11.36
N PHE A 12 33.33 -25.78 -11.58
CA PHE A 12 31.92 -25.84 -11.21
C PHE A 12 31.14 -26.78 -12.12
N SER A 13 31.43 -26.75 -13.42
CA SER A 13 30.70 -27.61 -14.34
C SER A 13 30.99 -29.08 -14.08
N GLU A 14 32.21 -29.40 -13.64
CA GLU A 14 32.59 -30.80 -13.44
C GLU A 14 31.79 -31.42 -12.30
N ARG A 15 31.59 -30.70 -11.21
CA ARG A 15 30.98 -31.24 -10.00
C ARG A 15 29.49 -30.98 -9.89
N THR A 16 28.88 -30.36 -10.90
CA THR A 16 27.48 -29.96 -10.83
C THR A 16 26.77 -30.35 -12.12
N GLU A 17 25.72 -31.17 -12.00
CA GLU A 17 24.85 -31.44 -13.13
C GLU A 17 24.19 -30.14 -13.58
N GLU A 18 24.07 -29.98 -14.91
CA GLU A 18 23.50 -28.74 -15.44
C GLU A 18 22.10 -28.50 -14.88
N SER A 19 21.28 -29.55 -14.82
CA SER A 19 19.90 -29.39 -14.34
C SER A 19 19.87 -28.85 -12.91
N SER A 20 20.80 -29.30 -12.06
CA SER A 20 20.85 -28.78 -10.70
C SER A 20 21.24 -27.32 -10.70
N ALA A 21 22.20 -26.93 -11.55
CA ALA A 21 22.62 -25.54 -11.61
C ALA A 21 21.47 -24.65 -12.08
N VAL A 22 20.77 -25.08 -13.14
CA VAL A 22 19.67 -24.30 -13.70
C VAL A 22 18.69 -23.97 -12.58
N GLN A 23 18.06 -25.00 -12.03
CA GLN A 23 17.13 -24.81 -10.91
C GLN A 23 17.76 -23.96 -9.81
N TYR A 24 19.06 -24.11 -9.58
CA TYR A 24 19.71 -23.46 -8.44
C TYR A 24 19.83 -21.95 -8.66
N PHE A 25 20.40 -21.54 -9.78
CA PHE A 25 20.59 -20.12 -10.04
C PHE A 25 19.30 -19.44 -10.49
N GLN A 26 18.33 -20.20 -11.00
CA GLN A 26 17.01 -19.62 -11.22
C GLN A 26 16.37 -19.19 -9.91
N PHE A 27 16.54 -20.00 -8.86
CA PHE A 27 16.02 -19.65 -7.53
C PHE A 27 16.58 -18.30 -7.08
N TYR A 28 17.90 -18.14 -7.15
CA TYR A 28 18.55 -16.92 -6.69
C TYR A 28 18.38 -15.74 -7.64
N GLY A 29 17.68 -15.92 -8.76
CA GLY A 29 17.41 -14.80 -9.65
C GLY A 29 16.21 -13.97 -9.25
N TYR A 30 15.46 -14.40 -8.25
CA TYR A 30 14.25 -13.71 -7.83
C TYR A 30 14.58 -12.75 -6.69
N LEU A 31 14.14 -11.49 -6.85
CA LEU A 31 14.33 -10.50 -5.81
C LEU A 31 13.61 -10.88 -4.53
N SER A 32 12.55 -11.71 -4.63
CA SER A 32 11.85 -12.14 -3.43
C SER A 32 12.71 -13.03 -2.55
N GLN A 33 13.65 -13.76 -3.14
CA GLN A 33 14.57 -14.55 -2.34
C GLN A 33 15.65 -13.68 -1.71
N GLN A 34 16.22 -12.74 -2.47
CA GLN A 34 17.10 -11.76 -1.85
C GLN A 34 16.38 -11.09 -0.69
N GLN A 35 15.19 -10.56 -0.95
CA GLN A 35 14.42 -9.90 0.10
C GLN A 35 14.32 -10.78 1.35
N ASN A 36 13.94 -12.04 1.18
CA ASN A 36 13.85 -12.94 2.34
C ASN A 36 15.18 -13.00 3.09
N MET A 37 16.28 -13.11 2.35
CA MET A 37 17.59 -13.17 3.00
C MET A 37 17.95 -11.84 3.67
N MET A 38 17.72 -10.72 2.96
CA MET A 38 18.10 -9.43 3.53
C MET A 38 17.28 -9.10 4.76
N GLN A 39 16.01 -9.51 4.78
CA GLN A 39 15.15 -9.25 5.93
C GLN A 39 15.46 -10.17 7.11
N ASP A 40 16.41 -11.09 6.99
CA ASP A 40 16.92 -11.80 8.15
C ASP A 40 17.79 -10.83 8.94
N TYR A 41 17.22 -10.27 10.02
CA TYR A 41 17.92 -9.21 10.74
C TYR A 41 19.23 -9.71 11.35
N VAL A 42 19.19 -10.89 11.97
CA VAL A 42 20.43 -11.44 12.52
C VAL A 42 21.48 -11.58 11.43
N ARG A 43 21.12 -12.24 10.32
CA ARG A 43 22.03 -12.43 9.21
C ARG A 43 22.59 -11.08 8.76
N THR A 44 21.73 -10.22 8.20
CA THR A 44 22.21 -8.96 7.65
C THR A 44 22.81 -8.07 8.74
N GLY A 45 22.19 -8.04 9.92
CA GLY A 45 22.74 -7.24 11.00
C GLY A 45 24.16 -7.67 11.36
N THR A 46 24.37 -8.97 11.53
CA THR A 46 25.69 -9.45 11.95
C THR A 46 26.74 -9.20 10.87
N TYR A 47 26.39 -9.44 9.60
CA TYR A 47 27.35 -9.21 8.53
C TYR A 47 27.75 -7.74 8.47
N GLN A 48 26.78 -6.83 8.63
CA GLN A 48 27.09 -5.41 8.64
C GLN A 48 28.06 -5.06 9.76
N ARG A 49 27.76 -5.49 10.99
CA ARG A 49 28.64 -5.21 12.10
C ARG A 49 30.04 -5.77 11.86
N ALA A 50 30.12 -7.04 11.44
CA ALA A 50 31.42 -7.66 11.24
C ALA A 50 32.27 -6.89 10.24
N ILE A 51 31.66 -6.14 9.33
CA ILE A 51 32.41 -5.44 8.29
C ILE A 51 32.78 -4.02 8.72
N LEU A 52 31.78 -3.24 9.13
CA LEU A 52 32.06 -1.83 9.46
C LEU A 52 32.86 -1.71 10.75
N GLN A 53 32.69 -2.65 11.68
CA GLN A 53 33.43 -2.61 12.94
C GLN A 53 34.85 -3.12 12.80
N ASN A 54 35.14 -3.89 11.76
CA ASN A 54 36.51 -4.22 11.38
C ASN A 54 36.97 -3.36 10.21
N HIS A 55 36.76 -2.05 10.34
CA HIS A 55 36.97 -1.14 9.21
C HIS A 55 38.40 -1.17 8.70
N THR A 56 39.37 -1.41 9.59
CA THR A 56 40.76 -1.46 9.14
C THR A 56 40.99 -2.62 8.18
N ASP A 57 40.17 -3.66 8.26
CA ASP A 57 40.30 -4.80 7.34
C ASP A 57 39.72 -4.52 5.96
N PHE A 58 39.13 -3.35 5.75
CA PHE A 58 38.50 -3.02 4.47
C PHE A 58 38.97 -1.68 3.96
N LYS A 59 39.34 -0.77 4.86
CA LYS A 59 39.72 0.58 4.45
C LYS A 59 40.85 0.53 3.45
N ASP A 60 40.59 1.03 2.25
CA ASP A 60 41.56 1.11 1.15
C ASP A 60 41.99 -0.27 0.67
N LYS A 61 41.22 -1.31 0.97
CA LYS A 61 41.56 -2.66 0.58
C LYS A 61 40.90 -3.02 -0.75
N ILE A 62 41.35 -4.13 -1.33
CA ILE A 62 40.73 -4.74 -2.49
C ILE A 62 39.90 -5.91 -1.99
N VAL A 63 38.63 -5.98 -2.43
CA VAL A 63 37.68 -6.92 -1.88
C VAL A 63 37.09 -7.78 -2.99
N LEU A 64 36.81 -9.04 -2.66
CA LEU A 64 36.08 -9.96 -3.53
C LEU A 64 34.81 -10.40 -2.81
N ASP A 65 33.66 -10.18 -3.45
CA ASP A 65 32.37 -10.59 -2.92
C ASP A 65 31.87 -11.78 -3.74
N VAL A 66 31.97 -12.98 -3.17
CA VAL A 66 31.62 -14.21 -3.88
C VAL A 66 30.14 -14.49 -3.69
N GLY A 67 29.41 -14.58 -4.79
CA GLY A 67 27.98 -14.80 -4.73
C GLY A 67 27.28 -13.62 -4.10
N CYS A 68 27.51 -12.43 -4.67
CA CYS A 68 27.09 -11.18 -4.02
C CYS A 68 25.58 -10.98 -4.02
N GLY A 69 24.85 -11.69 -4.89
CA GLY A 69 23.43 -11.43 -5.01
C GLY A 69 23.15 -9.98 -5.32
N SER A 70 22.41 -9.30 -4.45
CA SER A 70 22.05 -7.91 -4.69
C SER A 70 23.20 -6.94 -4.44
N GLY A 71 24.32 -7.42 -3.88
CA GLY A 71 25.46 -6.57 -3.62
C GLY A 71 25.50 -5.98 -2.23
N ILE A 72 24.60 -6.41 -1.35
CA ILE A 72 24.48 -5.79 -0.03
C ILE A 72 25.82 -5.84 0.71
N LEU A 73 26.46 -7.01 0.74
CA LEU A 73 27.75 -7.13 1.41
C LEU A 73 28.78 -6.21 0.77
N SER A 74 28.73 -6.04 -0.55
CA SER A 74 29.68 -5.16 -1.23
C SER A 74 29.46 -3.70 -0.89
N PHE A 75 28.25 -3.31 -0.48
CA PHE A 75 28.03 -1.95 -0.03
C PHE A 75 28.58 -1.75 1.38
N PHE A 76 28.41 -2.74 2.26
CA PHE A 76 29.02 -2.66 3.58
C PHE A 76 30.53 -2.47 3.47
N ALA A 77 31.18 -3.25 2.58
CA ALA A 77 32.61 -3.06 2.35
C ALA A 77 32.91 -1.66 1.85
N ALA A 78 32.08 -1.15 0.94
CA ALA A 78 32.21 0.25 0.52
C ALA A 78 32.03 1.18 1.71
N GLN A 79 30.98 0.95 2.50
CA GLN A 79 30.76 1.75 3.70
C GLN A 79 31.95 1.69 4.65
N ALA A 80 32.76 0.63 4.55
CA ALA A 80 33.94 0.48 5.39
C ALA A 80 35.19 1.12 4.78
N GLY A 81 35.11 1.60 3.55
CA GLY A 81 36.22 2.31 2.94
C GLY A 81 37.02 1.56 1.90
N ALA A 82 36.50 0.43 1.39
CA ALA A 82 37.24 -0.36 0.43
C ALA A 82 37.49 0.42 -0.86
N ARG A 83 38.65 0.22 -1.45
CA ARG A 83 39.05 0.96 -2.65
C ARG A 83 38.34 0.43 -3.89
N LYS A 84 38.44 -0.88 -4.12
CA LYS A 84 37.79 -1.53 -5.25
C LYS A 84 37.18 -2.83 -4.77
N ILE A 85 36.01 -3.17 -5.30
CA ILE A 85 35.27 -4.36 -4.90
C ILE A 85 34.81 -5.10 -6.14
N TYR A 86 35.26 -6.33 -6.30
CA TYR A 86 34.82 -7.20 -7.38
C TYR A 86 33.72 -8.10 -6.83
N ALA A 87 32.50 -7.86 -7.31
CA ALA A 87 31.30 -8.53 -6.82
C ALA A 87 30.88 -9.56 -7.85
N VAL A 88 31.07 -10.83 -7.54
CA VAL A 88 30.79 -11.93 -8.45
C VAL A 88 29.45 -12.55 -8.09
N GLU A 89 28.60 -12.73 -9.10
CA GLU A 89 27.30 -13.39 -8.90
C GLU A 89 26.94 -14.13 -10.17
N ALA A 90 26.55 -15.39 -10.03
CA ALA A 90 26.24 -16.25 -11.17
C ALA A 90 24.78 -16.14 -11.61
N SER A 91 23.87 -16.00 -10.66
CA SER A 91 22.46 -15.85 -10.99
C SER A 91 22.24 -14.54 -11.74
N THR A 92 21.04 -14.39 -12.31
CA THR A 92 20.70 -13.15 -12.98
C THR A 92 20.47 -12.00 -12.00
N MET A 93 20.67 -12.23 -10.70
CA MET A 93 20.68 -11.13 -9.76
C MET A 93 21.85 -10.18 -10.01
N ALA A 94 22.83 -10.59 -10.83
CA ALA A 94 23.98 -9.73 -11.10
C ALA A 94 23.55 -8.41 -11.72
N GLN A 95 22.56 -8.43 -12.61
CA GLN A 95 22.15 -7.22 -13.31
C GLN A 95 21.36 -6.29 -12.40
N HIS A 96 20.57 -6.83 -11.47
CA HIS A 96 19.91 -5.99 -10.48
C HIS A 96 20.94 -5.28 -9.60
N ALA A 97 22.02 -5.99 -9.25
CA ALA A 97 23.04 -5.40 -8.39
C ALA A 97 23.84 -4.32 -9.11
N GLU A 98 24.07 -4.49 -10.42
CA GLU A 98 24.68 -3.41 -11.17
C GLU A 98 23.82 -2.16 -11.12
N VAL A 99 22.50 -2.33 -11.24
CA VAL A 99 21.59 -1.20 -11.12
C VAL A 99 21.79 -0.51 -9.78
N LEU A 100 21.78 -1.29 -8.69
CA LEU A 100 22.02 -0.71 -7.38
C LEU A 100 23.39 -0.04 -7.29
N VAL A 101 24.38 -0.55 -8.03
CA VAL A 101 25.69 0.09 -8.02
C VAL A 101 25.61 1.45 -8.70
N LYS A 102 24.93 1.53 -9.85
CA LYS A 102 24.76 2.81 -10.52
C LYS A 102 23.90 3.75 -9.68
N SER A 103 22.74 3.29 -9.23
CA SER A 103 21.82 4.18 -8.52
C SER A 103 22.43 4.70 -7.23
N ASN A 104 23.35 3.94 -6.62
CA ASN A 104 24.05 4.39 -5.43
C ASN A 104 25.35 5.13 -5.75
N ASN A 105 25.66 5.33 -7.04
CA ASN A 105 26.83 6.08 -7.47
C ASN A 105 28.12 5.45 -6.93
N LEU A 106 28.25 4.13 -7.13
CA LEU A 106 29.42 3.39 -6.67
C LEU A 106 30.08 2.62 -7.80
N THR A 107 29.93 3.11 -9.03
CA THR A 107 30.51 2.42 -10.18
C THR A 107 32.03 2.48 -10.17
N ASP A 108 32.62 3.39 -9.39
CA ASP A 108 34.07 3.51 -9.33
C ASP A 108 34.70 2.62 -8.27
N ARG A 109 33.89 2.04 -7.37
CA ARG A 109 34.40 1.23 -6.28
C ARG A 109 33.87 -0.19 -6.27
N ILE A 110 32.68 -0.43 -6.82
CA ILE A 110 32.07 -1.75 -6.87
C ILE A 110 31.92 -2.16 -8.32
N VAL A 111 32.56 -3.27 -8.69
CA VAL A 111 32.47 -3.83 -10.03
C VAL A 111 31.70 -5.14 -9.93
N VAL A 112 30.55 -5.20 -10.59
CA VAL A 112 29.81 -6.45 -10.69
C VAL A 112 30.37 -7.26 -11.85
N ILE A 113 30.61 -8.54 -11.61
CA ILE A 113 31.07 -9.46 -12.64
C ILE A 113 30.06 -10.60 -12.75
N PRO A 114 29.18 -10.56 -13.75
CA PRO A 114 28.23 -11.67 -13.92
C PRO A 114 28.97 -12.95 -14.27
N GLY A 115 28.70 -14.01 -13.52
CA GLY A 115 29.34 -15.29 -13.78
C GLY A 115 29.68 -16.06 -12.53
N LYS A 116 30.00 -17.34 -12.70
CA LYS A 116 30.39 -18.18 -11.59
C LYS A 116 31.84 -17.90 -11.21
N VAL A 117 32.11 -17.88 -9.90
CA VAL A 117 33.44 -17.47 -9.44
C VAL A 117 34.51 -18.39 -10.00
N GLU A 118 34.16 -19.63 -10.32
CA GLU A 118 35.12 -20.57 -10.88
C GLU A 118 35.46 -20.28 -12.33
N GLU A 119 34.72 -19.39 -12.99
CA GLU A 119 34.89 -19.13 -14.42
C GLU A 119 35.25 -17.70 -14.76
N VAL A 120 34.96 -16.73 -13.91
CA VAL A 120 35.25 -15.33 -14.21
C VAL A 120 36.75 -15.06 -14.09
N SER A 121 37.18 -13.88 -14.53
CA SER A 121 38.58 -13.49 -14.50
C SER A 121 38.70 -12.13 -13.84
N LEU A 122 39.43 -12.07 -12.72
CA LEU A 122 39.64 -10.82 -12.00
C LEU A 122 40.92 -10.14 -12.46
N PRO A 123 40.94 -8.81 -12.53
CA PRO A 123 42.14 -8.10 -12.99
C PRO A 123 43.23 -7.97 -11.95
N GLU A 124 43.01 -8.41 -10.71
CA GLU A 124 44.02 -8.27 -9.67
C GLU A 124 43.67 -9.21 -8.52
N GLN A 125 44.61 -9.32 -7.58
CA GLN A 125 44.43 -10.08 -6.36
C GLN A 125 43.79 -9.19 -5.30
N VAL A 126 43.10 -9.83 -4.36
CA VAL A 126 42.34 -9.12 -3.33
C VAL A 126 43.00 -9.33 -1.98
N ASP A 127 42.72 -8.41 -1.06
CA ASP A 127 43.21 -8.50 0.31
C ASP A 127 42.25 -9.24 1.23
N ILE A 128 40.98 -9.35 0.84
CA ILE A 128 39.96 -9.94 1.70
C ILE A 128 38.82 -10.41 0.81
N ILE A 129 38.32 -11.61 1.10
CA ILE A 129 37.16 -12.16 0.42
C ILE A 129 36.00 -12.17 1.41
N ILE A 130 34.83 -11.70 0.96
CA ILE A 130 33.61 -11.74 1.75
C ILE A 130 32.59 -12.56 0.98
N SER A 131 31.76 -13.31 1.71
CA SER A 131 30.73 -14.12 1.07
C SER A 131 29.79 -14.64 2.14
N GLU A 132 28.66 -15.16 1.69
CA GLU A 132 27.67 -15.82 2.54
C GLU A 132 27.40 -17.19 1.96
N PRO A 133 28.39 -18.09 1.98
CA PRO A 133 28.24 -19.42 1.36
C PRO A 133 27.62 -20.48 2.27
N MET A 134 27.07 -20.11 3.41
CA MET A 134 26.49 -21.07 4.33
C MET A 134 25.11 -21.49 3.84
N GLY A 135 24.91 -22.79 3.60
CA GLY A 135 23.59 -23.34 3.45
C GLY A 135 23.07 -23.86 4.77
N TYR A 136 21.86 -24.42 4.75
CA TYR A 136 21.38 -25.07 5.95
C TYR A 136 22.24 -26.30 6.24
N MET A 137 22.36 -26.64 7.52
CA MET A 137 23.39 -27.57 7.99
C MET A 137 24.78 -27.15 7.51
N LEU A 138 24.93 -25.87 7.17
CA LEU A 138 26.17 -25.27 6.68
C LEU A 138 26.52 -25.73 5.27
N PHE A 139 26.55 -27.03 5.02
CA PHE A 139 27.20 -27.57 3.84
C PHE A 139 26.30 -27.66 2.61
N ASN A 140 24.98 -27.59 2.77
CA ASN A 140 24.10 -27.65 1.61
C ASN A 140 24.42 -26.56 0.60
N GLU A 141 24.26 -26.89 -0.68
CA GLU A 141 24.48 -26.00 -1.81
C GLU A 141 25.90 -26.12 -2.36
N ARG A 142 26.82 -26.65 -1.54
CA ARG A 142 28.21 -26.83 -1.94
C ARG A 142 28.86 -25.51 -2.34
N MET A 143 28.40 -24.41 -1.77
CA MET A 143 28.98 -23.11 -2.05
C MET A 143 30.24 -22.84 -1.24
N LEU A 144 30.46 -23.57 -0.15
CA LEU A 144 31.71 -23.44 0.59
C LEU A 144 32.90 -23.75 -0.31
N GLU A 145 32.75 -24.73 -1.20
CA GLU A 145 33.83 -25.04 -2.15
C GLU A 145 34.12 -23.86 -3.06
N SER A 146 33.06 -23.18 -3.53
CA SER A 146 33.26 -21.96 -4.30
C SER A 146 33.95 -20.89 -3.47
N TYR A 147 33.65 -20.85 -2.16
CA TYR A 147 34.29 -19.88 -1.28
C TYR A 147 35.78 -20.19 -1.11
N LEU A 148 36.13 -21.48 -0.95
CA LEU A 148 37.54 -21.85 -0.89
C LEU A 148 38.19 -21.76 -2.27
N HIS A 149 37.44 -22.09 -3.32
CA HIS A 149 37.99 -21.93 -4.67
C HIS A 149 38.42 -20.50 -4.92
N ALA A 150 37.68 -19.53 -4.39
CA ALA A 150 37.97 -18.12 -4.65
C ALA A 150 39.30 -17.69 -4.08
N LYS A 151 39.94 -18.52 -3.26
CA LYS A 151 41.23 -18.16 -2.66
C LYS A 151 42.35 -18.10 -3.69
N LYS A 152 42.11 -18.55 -4.92
CA LYS A 152 43.08 -18.33 -5.99
C LYS A 152 43.28 -16.84 -6.29
N TYR A 153 42.41 -15.97 -5.77
CA TYR A 153 42.53 -14.53 -5.94
C TYR A 153 43.00 -13.83 -4.68
N LEU A 154 43.16 -14.54 -3.57
CA LEU A 154 43.52 -13.93 -2.29
C LEU A 154 45.03 -13.89 -2.14
N LYS A 155 45.56 -12.69 -1.89
CA LYS A 155 46.97 -12.53 -1.62
C LYS A 155 47.38 -13.37 -0.41
N PRO A 156 48.67 -13.66 -0.26
CA PRO A 156 49.15 -14.22 1.01
C PRO A 156 48.99 -13.22 2.13
N SER A 157 48.45 -13.68 3.26
CA SER A 157 48.11 -12.89 4.44
C SER A 157 46.73 -12.27 4.29
N GLY A 158 46.05 -12.44 3.15
CA GLY A 158 44.68 -11.99 3.03
C GLY A 158 43.78 -12.66 4.05
N ASN A 159 42.57 -12.13 4.17
CA ASN A 159 41.62 -12.61 5.15
C ASN A 159 40.36 -13.12 4.46
N MET A 160 39.57 -13.89 5.23
CA MET A 160 38.33 -14.49 4.75
C MET A 160 37.23 -14.13 5.73
N PHE A 161 36.16 -13.54 5.23
CA PHE A 161 35.03 -13.06 6.04
C PHE A 161 33.76 -13.71 5.50
N PRO A 162 33.26 -14.80 6.11
CA PRO A 162 33.71 -15.43 7.36
C PRO A 162 35.04 -16.19 7.26
N THR A 163 35.66 -16.42 8.41
CA THR A 163 36.98 -17.04 8.49
C THR A 163 36.92 -18.52 8.83
N ILE A 164 35.99 -18.91 9.71
CA ILE A 164 35.83 -20.30 10.14
C ILE A 164 34.35 -20.62 10.22
N GLY A 165 34.05 -21.91 10.28
CA GLY A 165 32.69 -22.35 10.51
C GLY A 165 32.64 -23.51 11.48
N ASP A 166 31.79 -23.42 12.49
CA ASP A 166 31.63 -24.47 13.49
C ASP A 166 30.25 -25.10 13.31
N VAL A 167 30.21 -26.35 12.87
CA VAL A 167 28.97 -27.11 12.83
C VAL A 167 28.85 -27.91 14.13
N HIS A 168 27.68 -27.86 14.76
CA HIS A 168 27.45 -28.49 16.05
C HIS A 168 26.49 -29.66 15.89
N LEU A 169 26.81 -30.77 16.56
CA LEU A 169 25.99 -31.97 16.59
C LEU A 169 25.54 -32.26 18.01
N ALA A 170 24.28 -32.70 18.16
CA ALA A 170 23.85 -33.14 19.49
C ALA A 170 22.70 -34.12 19.36
N PRO A 171 22.65 -35.18 20.16
CA PRO A 171 21.51 -36.10 20.10
C PRO A 171 20.29 -35.47 20.76
N PHE A 172 19.11 -35.76 20.20
CA PHE A 172 17.87 -35.22 20.70
C PHE A 172 16.84 -36.32 20.92
N THR A 173 15.93 -36.08 21.86
CA THR A 173 14.74 -36.90 22.04
C THR A 173 13.54 -36.08 21.61
N ASP A 174 12.78 -36.62 20.65
CA ASP A 174 11.53 -36.00 20.21
C ASP A 174 10.65 -37.13 19.67
N GLU A 175 9.87 -37.74 20.58
CA GLU A 175 9.02 -38.86 20.20
C GLU A 175 7.94 -38.43 19.22
N GLN A 176 7.32 -37.27 19.47
CA GLN A 176 6.31 -36.75 18.56
C GLN A 176 6.85 -36.69 17.13
N LEU A 177 8.03 -36.12 16.95
CA LEU A 177 8.61 -36.02 15.61
C LEU A 177 8.77 -37.41 14.99
N TYR A 178 9.33 -38.35 15.76
CA TYR A 178 9.56 -39.69 15.23
C TYR A 178 8.24 -40.36 14.85
N MET A 179 7.26 -40.35 15.76
CA MET A 179 5.99 -41.02 15.51
C MET A 179 5.28 -40.40 14.31
N GLU A 180 5.42 -39.09 14.10
CA GLU A 180 4.82 -38.46 12.94
C GLU A 180 5.18 -39.21 11.66
N GLN A 181 6.38 -39.74 11.58
CA GLN A 181 6.82 -40.41 10.36
C GLN A 181 5.93 -41.59 10.04
N PHE A 182 5.61 -42.40 11.05
CA PHE A 182 4.79 -43.57 10.80
C PHE A 182 3.33 -43.20 10.63
N THR A 183 2.87 -42.14 11.32
CA THR A 183 1.50 -41.68 11.13
C THR A 183 1.26 -41.30 9.67
N LYS A 184 2.23 -40.64 9.04
CA LYS A 184 2.08 -40.23 7.64
C LYS A 184 2.22 -41.43 6.72
N ALA A 185 3.21 -42.29 6.96
CA ALA A 185 3.40 -43.45 6.11
C ALA A 185 2.26 -44.45 6.24
N ASN A 186 1.56 -44.44 7.39
CA ASN A 186 0.48 -45.38 7.60
C ASN A 186 -0.73 -45.10 6.72
N PHE A 187 -0.75 -43.97 6.02
CA PHE A 187 -1.75 -43.79 4.98
C PHE A 187 -1.83 -45.00 4.08
N TRP A 188 -0.68 -45.55 3.68
CA TRP A 188 -0.62 -46.65 2.75
C TRP A 188 -1.02 -47.99 3.35
N TYR A 189 -1.20 -48.06 4.67
CA TYR A 189 -1.54 -49.31 5.32
C TYR A 189 -3.05 -49.41 5.52
N GLN A 190 -3.74 -49.62 4.40
CA GLN A 190 -5.15 -49.94 4.40
C GLN A 190 -5.39 -50.95 3.29
N PRO A 191 -6.24 -51.96 3.54
CA PRO A 191 -6.48 -52.97 2.50
C PRO A 191 -7.42 -52.51 1.40
N SER A 192 -8.16 -51.42 1.61
CA SER A 192 -9.19 -51.01 0.66
C SER A 192 -9.26 -49.48 0.67
N PHE A 193 -8.27 -48.87 0.03
CA PHE A 193 -8.31 -47.45 -0.31
C PHE A 193 -9.02 -47.34 -1.66
N HIS A 194 -10.31 -47.04 -1.63
CA HIS A 194 -11.12 -47.06 -2.85
C HIS A 194 -11.04 -48.43 -3.52
N GLY A 195 -10.99 -49.47 -2.69
CA GLY A 195 -10.94 -50.83 -3.19
C GLY A 195 -9.56 -51.29 -3.62
N VAL A 196 -8.51 -50.62 -3.20
CA VAL A 196 -7.14 -51.01 -3.50
C VAL A 196 -6.40 -51.26 -2.19
N ASP A 197 -5.57 -52.30 -2.18
CA ASP A 197 -4.69 -52.58 -1.05
C ASP A 197 -3.38 -51.84 -1.28
N LEU A 198 -3.12 -50.84 -0.46
CA LEU A 198 -1.91 -50.03 -0.60
C LEU A 198 -0.78 -50.49 0.30
N SER A 199 -0.99 -51.51 1.11
CA SER A 199 -0.07 -51.80 2.21
C SER A 199 1.33 -52.18 1.72
N ALA A 200 1.44 -52.71 0.50
CA ALA A 200 2.76 -53.16 0.04
C ALA A 200 3.76 -52.02 -0.06
N LEU A 201 3.29 -50.77 -0.08
CA LEU A 201 4.17 -49.61 -0.20
C LEU A 201 4.40 -48.90 1.11
N ARG A 202 3.82 -49.37 2.20
CA ARG A 202 3.98 -48.69 3.49
C ARG A 202 5.45 -48.59 3.86
N GLY A 203 6.19 -49.69 3.72
CA GLY A 203 7.61 -49.67 4.06
C GLY A 203 8.38 -48.66 3.23
N ALA A 204 8.08 -48.57 1.94
CA ALA A 204 8.74 -47.57 1.11
C ALA A 204 8.33 -46.16 1.52
N ALA A 205 7.11 -45.99 2.06
CA ALA A 205 6.70 -44.68 2.52
C ALA A 205 7.50 -44.27 3.74
N VAL A 206 7.60 -45.16 4.73
CA VAL A 206 8.45 -44.90 5.88
C VAL A 206 9.85 -44.50 5.44
N ASP A 207 10.48 -45.33 4.60
CA ASP A 207 11.86 -45.05 4.19
C ASP A 207 12.00 -43.67 3.59
N GLU A 208 11.10 -43.33 2.65
CA GLU A 208 11.16 -42.01 2.02
C GLU A 208 11.13 -40.90 3.06
N TYR A 209 10.26 -41.03 4.06
CA TYR A 209 10.14 -39.95 5.05
C TYR A 209 11.38 -39.84 5.92
N PHE A 210 12.02 -40.97 6.25
CA PHE A 210 13.20 -40.90 7.11
C PHE A 210 14.43 -40.39 6.37
N ARG A 211 14.41 -40.45 5.04
CA ARG A 211 15.53 -39.90 4.27
C ARG A 211 15.55 -38.37 4.27
N GLN A 212 14.51 -37.72 4.80
CA GLN A 212 14.41 -36.27 4.74
C GLN A 212 14.92 -35.64 6.03
N PRO A 213 16.00 -34.86 6.01
CA PRO A 213 16.32 -34.04 7.18
C PRO A 213 15.17 -33.09 7.49
N VAL A 214 14.99 -32.79 8.77
CA VAL A 214 13.87 -31.97 9.23
C VAL A 214 14.38 -30.57 9.51
N VAL A 215 13.83 -29.59 8.79
CA VAL A 215 14.24 -28.20 8.92
C VAL A 215 13.17 -27.47 9.72
N ASP A 216 13.48 -27.17 10.98
CA ASP A 216 12.63 -26.36 11.82
C ASP A 216 13.44 -25.98 13.06
N THR A 217 12.78 -25.60 14.14
CA THR A 217 13.45 -25.27 15.37
C THR A 217 12.87 -26.12 16.50
N PHE A 218 13.49 -26.02 17.67
CA PHE A 218 13.10 -26.88 18.79
C PHE A 218 13.59 -26.25 20.08
N ASP A 219 13.02 -26.73 21.19
CA ASP A 219 13.45 -26.28 22.51
C ASP A 219 14.73 -27.00 22.91
N ILE A 220 15.66 -26.25 23.50
CA ILE A 220 16.99 -26.80 23.83
C ILE A 220 16.88 -28.02 24.72
N ARG A 221 15.80 -28.16 25.48
CA ARG A 221 15.69 -29.25 26.43
C ARG A 221 15.37 -30.59 25.76
N ILE A 222 15.30 -30.64 24.44
CA ILE A 222 15.22 -31.95 23.77
C ILE A 222 16.60 -32.55 23.57
N LEU A 223 17.66 -31.80 23.87
CA LEU A 223 19.02 -32.30 23.68
C LEU A 223 19.44 -33.10 24.90
N MET A 224 20.19 -34.18 24.66
CA MET A 224 20.54 -35.11 25.73
C MET A 224 22.02 -35.13 26.06
N ALA A 225 22.82 -34.30 25.40
CA ALA A 225 24.24 -34.19 25.74
C ALA A 225 24.81 -32.95 25.11
N LYS A 226 25.88 -32.43 25.70
CA LYS A 226 26.55 -31.26 25.17
C LYS A 226 26.93 -31.49 23.71
N SER A 227 27.04 -30.41 22.96
CA SER A 227 27.28 -30.50 21.52
C SER A 227 28.73 -30.88 21.23
N VAL A 228 28.93 -31.50 20.08
CA VAL A 228 30.24 -31.77 19.50
C VAL A 228 30.40 -30.86 18.30
N LYS A 229 31.55 -30.21 18.19
CA LYS A 229 31.77 -29.18 17.18
C LYS A 229 32.86 -29.62 16.20
N TYR A 230 32.54 -29.58 14.92
CA TYR A 230 33.48 -29.82 13.83
C TYR A 230 33.72 -28.49 13.14
N THR A 231 34.98 -28.11 13.00
CA THR A 231 35.34 -26.76 12.57
C THR A 231 36.03 -26.79 11.21
N VAL A 232 35.50 -26.02 10.27
CA VAL A 232 36.14 -25.78 8.99
C VAL A 232 36.80 -24.42 9.05
N ASN A 233 38.12 -24.39 8.89
CA ASN A 233 38.86 -23.13 8.84
C ASN A 233 39.01 -22.74 7.38
N PHE A 234 38.27 -21.70 6.97
CA PHE A 234 38.24 -21.33 5.56
C PHE A 234 39.57 -20.80 5.07
N LEU A 235 40.44 -20.33 5.97
CA LEU A 235 41.76 -19.86 5.55
C LEU A 235 42.71 -20.98 5.21
N GLU A 236 42.48 -22.19 5.72
CA GLU A 236 43.35 -23.32 5.48
C GLU A 236 42.73 -24.42 4.63
N ALA A 237 41.42 -24.60 4.71
CA ALA A 237 40.76 -25.69 3.98
C ALA A 237 40.93 -25.51 2.48
N LYS A 238 40.88 -26.63 1.77
CA LYS A 238 40.84 -26.64 0.33
C LYS A 238 39.55 -27.30 -0.13
N GLU A 239 39.15 -26.97 -1.37
CA GLU A 239 37.93 -27.50 -1.96
C GLU A 239 37.73 -28.98 -1.65
N GLY A 240 38.72 -29.80 -2.04
CA GLY A 240 38.60 -31.25 -1.94
C GLY A 240 38.31 -31.74 -0.54
N ASP A 241 38.65 -30.94 0.50
CA ASP A 241 38.37 -31.36 1.86
C ASP A 241 36.87 -31.50 2.12
N LEU A 242 36.03 -30.84 1.33
CA LEU A 242 34.59 -30.85 1.56
C LEU A 242 33.86 -31.89 0.72
N HIS A 243 34.54 -32.57 -0.21
CA HIS A 243 33.87 -33.65 -0.94
C HIS A 243 33.50 -34.80 -0.02
N ARG A 244 34.30 -35.03 1.02
CA ARG A 244 34.05 -36.09 2.00
C ARG A 244 34.27 -35.50 3.38
N ILE A 245 33.21 -35.39 4.18
CA ILE A 245 33.29 -34.79 5.50
C ILE A 245 32.90 -35.84 6.52
N GLU A 246 33.88 -36.31 7.28
CA GLU A 246 33.65 -37.29 8.33
C GLU A 246 33.67 -36.58 9.67
N ILE A 247 32.56 -36.67 10.40
CA ILE A 247 32.43 -36.01 11.70
C ILE A 247 32.31 -37.07 12.77
N PRO A 248 33.42 -37.52 13.36
CA PRO A 248 33.32 -38.47 14.48
C PRO A 248 32.63 -37.82 15.66
N PHE A 249 31.89 -38.62 16.42
CA PHE A 249 31.28 -38.08 17.63
C PHE A 249 31.23 -39.12 18.73
N LYS A 250 31.43 -38.65 19.96
CA LYS A 250 31.33 -39.44 21.19
C LYS A 250 30.59 -38.55 22.18
N PHE A 251 29.27 -38.71 22.24
CA PHE A 251 28.45 -37.93 23.16
C PHE A 251 28.35 -38.65 24.49
N HIS A 252 28.50 -37.89 25.57
CA HIS A 252 28.19 -38.39 26.90
C HIS A 252 26.79 -37.96 27.28
N MET A 253 25.89 -38.92 27.46
CA MET A 253 24.50 -38.61 27.74
C MET A 253 24.35 -37.98 29.12
N LEU A 254 23.62 -36.87 29.17
CA LEU A 254 23.24 -36.24 30.43
C LEU A 254 21.80 -36.51 30.79
N HIS A 255 21.02 -37.09 29.87
CA HIS A 255 19.60 -37.37 30.12
C HIS A 255 19.29 -38.78 29.63
N SER A 256 18.58 -39.54 30.46
CA SER A 256 18.11 -40.86 30.05
C SER A 256 16.94 -40.71 29.09
N GLY A 257 16.88 -41.58 28.09
CA GLY A 257 15.73 -41.62 27.22
C GLY A 257 16.06 -42.22 25.87
N LEU A 258 15.11 -42.05 24.96
CA LEU A 258 15.20 -42.56 23.60
C LEU A 258 15.83 -41.49 22.70
N VAL A 259 16.96 -41.82 22.09
CA VAL A 259 17.63 -40.92 21.15
C VAL A 259 16.99 -41.15 19.78
N HIS A 260 16.30 -40.13 19.26
CA HIS A 260 15.65 -40.25 17.97
C HIS A 260 16.49 -39.71 16.82
N GLY A 261 17.58 -38.99 17.10
CA GLY A 261 18.44 -38.51 16.03
C GLY A 261 19.46 -37.52 16.55
N LEU A 262 20.12 -36.85 15.61
CA LEU A 262 21.11 -35.82 15.90
C LEU A 262 20.62 -34.48 15.36
N ALA A 263 20.81 -33.42 16.17
CA ALA A 263 20.45 -32.07 15.78
C ALA A 263 21.70 -31.32 15.32
N PHE A 264 21.51 -30.46 14.31
CA PHE A 264 22.61 -29.73 13.68
C PHE A 264 22.33 -28.24 13.70
N TRP A 265 23.37 -27.45 13.95
CA TRP A 265 23.38 -26.02 13.65
C TRP A 265 24.82 -25.61 13.41
N PHE A 266 25.03 -24.33 13.12
CA PHE A 266 26.39 -23.88 12.85
C PHE A 266 26.57 -22.42 13.26
N ASP A 267 27.84 -22.04 13.38
CA ASP A 267 28.26 -20.68 13.65
C ASP A 267 29.40 -20.33 12.70
N VAL A 268 29.55 -19.04 12.44
CA VAL A 268 30.69 -18.54 11.68
C VAL A 268 31.27 -17.35 12.43
N ALA A 269 32.58 -17.15 12.29
CA ALA A 269 33.28 -16.06 12.95
C ALA A 269 34.02 -15.23 11.91
N PHE A 270 33.79 -13.91 11.96
CA PHE A 270 34.53 -12.95 11.14
C PHE A 270 35.68 -12.45 12.02
N ILE A 271 36.81 -13.12 11.93
CA ILE A 271 37.97 -12.82 12.77
C ILE A 271 38.72 -11.65 12.16
N GLY A 272 38.33 -10.43 12.55
CA GLY A 272 38.98 -9.24 12.03
C GLY A 272 40.17 -8.79 12.85
N SER A 273 40.91 -7.84 12.29
CA SER A 273 42.05 -7.29 13.02
C SER A 273 41.60 -6.56 14.28
N ILE A 274 40.38 -6.03 14.28
CA ILE A 274 39.89 -5.23 15.39
C ILE A 274 39.07 -6.06 16.36
N MET A 275 38.19 -6.92 15.85
CA MET A 275 37.41 -7.77 16.74
C MET A 275 36.95 -9.01 15.97
N THR A 276 36.41 -9.97 16.71
CA THR A 276 35.84 -11.19 16.16
C THR A 276 34.34 -11.16 16.38
N VAL A 277 33.59 -11.20 15.29
CA VAL A 277 32.13 -11.16 15.32
C VAL A 277 31.62 -12.56 15.00
N TRP A 278 30.65 -13.02 15.78
CA TRP A 278 30.07 -14.34 15.61
C TRP A 278 28.67 -14.24 15.04
N LEU A 279 28.38 -15.09 14.04
CA LEU A 279 27.03 -15.31 13.54
C LEU A 279 26.68 -16.75 13.87
N SER A 280 25.69 -16.94 14.76
CA SER A 280 25.35 -18.25 15.30
C SER A 280 23.89 -18.55 15.05
N THR A 281 23.63 -19.72 14.45
CA THR A 281 22.28 -20.17 14.16
C THR A 281 21.79 -21.23 15.17
N ALA A 282 22.24 -21.12 16.41
CA ALA A 282 21.98 -22.11 17.43
C ALA A 282 20.55 -21.97 17.98
N PRO A 283 19.99 -23.08 18.49
CA PRO A 283 18.65 -22.99 19.10
C PRO A 283 18.59 -22.10 20.33
N THR A 284 19.75 -21.71 20.87
CA THR A 284 19.80 -20.76 21.98
C THR A 284 19.71 -19.31 21.54
N GLU A 285 19.84 -19.05 20.24
CA GLU A 285 19.90 -17.72 19.69
C GLU A 285 18.65 -17.41 18.90
N PRO A 286 18.36 -16.13 18.67
CA PRO A 286 17.21 -15.79 17.83
C PRO A 286 17.25 -16.52 16.50
N LEU A 287 16.06 -16.89 16.03
CA LEU A 287 15.93 -17.66 14.80
C LEU A 287 16.45 -16.89 13.59
N THR A 288 17.20 -17.58 12.73
CA THR A 288 17.57 -17.11 11.40
C THR A 288 16.88 -17.96 10.35
N HIS A 289 17.00 -17.53 9.08
CA HIS A 289 16.36 -18.30 8.03
C HIS A 289 17.05 -19.65 7.77
N TRP A 290 18.14 -19.95 8.46
CA TRP A 290 18.72 -21.28 8.39
C TRP A 290 18.04 -22.26 9.35
N TYR A 291 17.36 -21.76 10.37
CA TYR A 291 16.63 -22.60 11.32
C TYR A 291 17.64 -23.54 11.98
N GLN A 292 17.28 -24.80 12.20
CA GLN A 292 18.19 -25.85 12.58
C GLN A 292 17.77 -27.10 11.81
N VAL A 293 18.66 -28.09 11.76
CA VAL A 293 18.43 -29.31 11.00
C VAL A 293 18.59 -30.51 11.92
N ARG A 294 17.60 -31.40 11.91
CA ARG A 294 17.62 -32.63 12.68
C ARG A 294 17.56 -33.82 11.74
N CYS A 295 18.37 -34.84 12.02
CA CYS A 295 18.40 -36.06 11.24
C CYS A 295 17.92 -37.22 12.11
N LEU A 296 16.79 -37.80 11.74
CA LEU A 296 16.19 -38.83 12.57
C LEU A 296 16.96 -40.14 12.43
N PHE A 297 16.73 -41.03 13.40
CA PHE A 297 17.25 -42.39 13.37
C PHE A 297 16.11 -43.32 12.99
N GLN A 298 16.35 -44.17 11.98
CA GLN A 298 15.33 -45.14 11.58
C GLN A 298 14.80 -45.90 12.80
N SER A 299 15.71 -46.44 13.60
CA SER A 299 15.38 -47.04 14.89
C SER A 299 16.00 -46.19 15.99
N PRO A 300 15.25 -45.80 17.01
CA PRO A 300 15.82 -44.98 18.08
C PRO A 300 16.61 -45.84 19.07
N LEU A 301 17.41 -45.17 19.88
CA LEU A 301 18.40 -45.81 20.75
C LEU A 301 18.16 -45.42 22.20
N PHE A 302 17.90 -46.43 23.05
CA PHE A 302 17.76 -46.18 24.46
C PHE A 302 19.12 -45.83 25.08
N ALA A 303 19.16 -44.75 25.85
CA ALA A 303 20.36 -44.35 26.56
C ALA A 303 19.97 -43.78 27.91
N LYS A 304 20.79 -44.05 28.91
CA LYS A 304 20.62 -43.47 30.24
C LYS A 304 21.73 -42.47 30.49
N ALA A 305 21.45 -41.53 31.39
CA ALA A 305 22.44 -40.54 31.79
C ALA A 305 23.69 -41.24 32.30
N GLY A 306 24.83 -40.93 31.69
CA GLY A 306 26.08 -41.59 31.99
C GLY A 306 26.57 -42.52 30.91
N ASP A 307 25.70 -42.97 30.02
CA ASP A 307 26.13 -43.75 28.87
C ASP A 307 26.85 -42.84 27.87
N THR A 308 27.52 -43.47 26.92
CA THR A 308 28.17 -42.76 25.82
C THR A 308 27.53 -43.18 24.52
N LEU A 309 27.09 -42.20 23.72
CA LEU A 309 26.62 -42.42 22.37
C LEU A 309 27.75 -42.07 21.41
N SER A 310 28.19 -43.03 20.61
CA SER A 310 29.33 -42.84 19.74
C SER A 310 28.99 -43.27 18.32
N GLY A 311 29.69 -42.67 17.36
CA GLY A 311 29.50 -43.02 15.97
C GLY A 311 30.07 -41.92 15.07
N THR A 312 29.65 -41.97 13.82
CA THR A 312 30.14 -41.05 12.81
C THR A 312 28.98 -40.47 12.02
N CYS A 313 29.13 -39.22 11.61
CA CYS A 313 28.23 -38.59 10.64
C CYS A 313 29.08 -38.29 9.42
N LEU A 314 28.79 -38.94 8.30
CA LEU A 314 29.59 -38.84 7.09
C LEU A 314 28.76 -38.19 5.99
N LEU A 315 29.28 -37.11 5.42
CA LEU A 315 28.62 -36.36 4.35
C LEU A 315 29.41 -36.54 3.07
N ILE A 316 28.75 -37.03 2.02
CA ILE A 316 29.38 -37.31 0.74
C ILE A 316 28.78 -36.38 -0.30
N ALA A 317 29.61 -35.50 -0.86
CA ALA A 317 29.14 -34.56 -1.86
C ALA A 317 28.59 -35.31 -3.07
N ASN A 318 27.49 -34.81 -3.62
CA ASN A 318 26.86 -35.33 -4.82
C ASN A 318 26.79 -34.23 -5.88
N LYS A 319 26.38 -34.63 -7.08
CA LYS A 319 26.33 -33.72 -8.21
C LYS A 319 25.07 -32.84 -8.21
N ARG A 320 24.26 -32.89 -7.14
CA ARG A 320 23.12 -32.00 -6.98
C ARG A 320 23.40 -30.87 -6.00
N GLN A 321 24.67 -30.47 -5.89
CA GLN A 321 25.08 -29.35 -5.03
C GLN A 321 24.70 -29.58 -3.58
N SER A 322 24.57 -30.83 -3.17
CA SER A 322 24.20 -31.14 -1.79
C SER A 322 25.06 -32.31 -1.33
N TYR A 323 24.62 -32.99 -0.28
CA TYR A 323 25.38 -34.06 0.32
C TYR A 323 24.48 -35.24 0.62
N ASP A 324 25.01 -36.45 0.44
CA ASP A 324 24.38 -37.66 0.95
C ASP A 324 24.83 -37.84 2.39
N ILE A 325 23.88 -37.96 3.30
CA ILE A 325 24.17 -38.07 4.73
C ILE A 325 24.10 -39.54 5.14
N SER A 326 25.10 -39.98 5.90
CA SER A 326 25.09 -41.28 6.54
C SER A 326 25.41 -41.09 8.01
N ILE A 327 24.54 -41.57 8.88
CA ILE A 327 24.73 -41.45 10.32
C ILE A 327 24.66 -42.84 10.94
N VAL A 328 25.75 -43.25 11.59
CA VAL A 328 25.82 -44.48 12.36
C VAL A 328 26.07 -44.10 13.81
N ALA A 329 25.30 -44.71 14.71
CA ALA A 329 25.43 -44.38 16.13
C ALA A 329 25.08 -45.60 16.98
N GLN A 330 25.82 -45.77 18.09
CA GLN A 330 25.57 -46.85 19.03
C GLN A 330 25.73 -46.34 20.45
N VAL A 331 24.97 -46.94 21.36
CA VAL A 331 25.21 -46.79 22.79
C VAL A 331 26.26 -47.82 23.19
N ASP A 332 27.40 -47.34 23.68
CA ASP A 332 28.55 -48.22 23.91
C ASP A 332 28.29 -49.19 25.06
N GLN A 333 27.42 -48.83 26.01
CA GLN A 333 27.16 -49.70 27.14
C GLN A 333 26.28 -50.90 26.77
N THR A 334 25.57 -50.83 25.64
CA THR A 334 24.65 -51.87 25.23
C THR A 334 24.98 -52.51 23.89
N GLY A 335 25.75 -51.83 23.04
CA GLY A 335 25.94 -52.28 21.67
C GLY A 335 24.79 -51.99 20.74
N SER A 336 23.64 -51.55 21.26
CA SER A 336 22.54 -51.13 20.42
C SER A 336 23.00 -50.04 19.47
N LYS A 337 22.80 -50.27 18.18
CA LYS A 337 23.24 -49.35 17.13
C LYS A 337 22.07 -48.96 16.23
N SER A 338 22.31 -47.92 15.44
CA SER A 338 21.29 -47.41 14.52
C SER A 338 21.99 -46.70 13.37
N SER A 339 21.50 -46.94 12.16
CA SER A 339 22.01 -46.32 10.95
C SER A 339 20.92 -45.44 10.34
N ASN A 340 21.33 -44.58 9.40
CA ASN A 340 20.35 -43.81 8.63
C ASN A 340 21.02 -43.17 7.44
N LEU A 341 20.27 -43.06 6.35
CA LEU A 341 20.69 -42.40 5.13
C LEU A 341 19.66 -41.33 4.78
N LEU A 342 20.11 -40.08 4.68
CA LEU A 342 19.24 -38.96 4.37
C LEU A 342 19.80 -38.19 3.18
N ASP A 343 18.91 -37.50 2.46
CA ASP A 343 19.30 -36.65 1.33
C ASP A 343 19.15 -35.19 1.77
N LEU A 344 20.28 -34.50 1.93
CA LEU A 344 20.26 -33.13 2.43
C LEU A 344 19.58 -32.17 1.45
N LYS A 345 19.40 -32.56 0.19
CA LYS A 345 18.80 -31.69 -0.81
C LYS A 345 17.29 -31.71 -0.79
N ASN A 346 16.68 -32.62 -0.03
CA ASN A 346 15.23 -32.80 -0.04
C ASN A 346 14.68 -32.79 1.39
N PRO A 347 14.96 -31.73 2.15
CA PRO A 347 14.48 -31.68 3.53
C PRO A 347 12.97 -31.54 3.59
N PHE A 348 12.44 -31.76 4.79
CA PHE A 348 11.05 -31.51 5.09
C PHE A 348 10.97 -30.28 5.97
N PHE A 349 10.51 -29.16 5.40
CA PHE A 349 10.33 -27.94 6.18
C PHE A 349 9.13 -28.12 7.11
N ARG A 350 9.40 -28.24 8.41
CA ARG A 350 8.37 -28.55 9.40
C ARG A 350 7.90 -27.32 10.18
N TYR A 351 8.68 -26.25 10.18
CA TYR A 351 8.38 -25.08 11.01
C TYR A 351 6.95 -24.60 10.79
N THR A 352 6.30 -24.20 11.88
CA THR A 352 4.92 -23.74 11.84
C THR A 352 4.72 -22.36 12.44
N GLY A 353 5.79 -21.70 12.91
CA GLY A 353 5.68 -20.43 13.57
C GLY A 353 5.44 -20.52 15.07
N THR A 354 4.84 -21.62 15.53
CA THR A 354 4.61 -21.78 16.95
C THR A 354 5.93 -21.90 17.70
N THR A 355 5.99 -21.26 18.86
CA THR A 355 7.16 -21.40 19.72
C THR A 355 7.35 -22.87 20.10
N PRO A 356 8.55 -23.42 20.00
CA PRO A 356 8.72 -24.86 20.28
C PRO A 356 8.29 -25.19 21.70
N SER A 357 7.42 -26.20 21.81
CA SER A 357 6.93 -26.60 23.12
C SER A 357 8.03 -27.36 23.88
N PRO A 358 8.07 -27.22 25.20
CA PRO A 358 9.09 -27.94 25.98
C PRO A 358 8.77 -29.41 26.07
N PRO A 359 9.78 -30.28 26.05
CA PRO A 359 9.50 -31.72 26.13
C PRO A 359 8.84 -32.06 27.44
N PRO A 360 7.99 -33.09 27.46
CA PRO A 360 7.34 -33.47 28.72
C PRO A 360 8.35 -33.96 29.74
N GLY A 361 7.87 -34.08 30.97
CA GLY A 361 8.74 -34.53 32.05
C GLY A 361 9.87 -33.59 32.36
N SER A 362 9.73 -32.30 32.04
CA SER A 362 10.79 -31.33 32.25
C SER A 362 10.55 -30.43 33.45
N HIS A 363 9.38 -30.50 34.08
CA HIS A 363 9.14 -29.73 35.30
C HIS A 363 9.71 -30.49 36.49
N TYR A 364 10.70 -29.89 37.16
CA TYR A 364 11.24 -30.44 38.39
C TYR A 364 10.61 -29.82 39.63
N THR A 365 9.75 -28.81 39.45
CA THR A 365 8.96 -28.22 40.51
C THR A 365 7.51 -28.13 40.04
N SER A 366 6.60 -28.08 41.00
CA SER A 366 5.17 -28.10 40.67
C SER A 366 4.79 -26.91 39.81
N PRO A 367 4.31 -27.10 38.59
CA PRO A 367 3.84 -25.95 37.80
C PRO A 367 2.75 -25.16 38.51
N SER A 368 1.94 -25.82 39.33
CA SER A 368 0.87 -25.12 40.04
C SER A 368 1.43 -24.17 41.10
N GLU A 369 2.51 -24.57 41.77
CA GLU A 369 3.04 -23.76 42.86
C GLU A 369 3.37 -22.35 42.39
N ASN A 370 4.17 -22.22 41.34
CA ASN A 370 4.51 -20.91 40.80
C ASN A 370 3.77 -20.64 39.50
N MET A 371 2.45 -20.58 39.56
CA MET A 371 1.64 -20.26 38.39
C MET A 371 1.01 -18.87 38.55
N ARG B 9 15.34 -38.06 -30.19
CA ARG B 9 14.39 -37.00 -29.88
C ARG B 9 12.95 -37.48 -30.04
N SER B 10 12.05 -36.92 -29.23
CA SER B 10 10.64 -37.24 -29.28
C SER B 10 9.85 -35.95 -29.14
N VAL B 11 8.54 -36.03 -29.41
CA VAL B 11 7.68 -34.86 -29.25
C VAL B 11 7.89 -34.22 -27.89
N PHE B 12 8.02 -35.04 -26.84
CA PHE B 12 8.23 -34.50 -25.50
C PHE B 12 9.55 -33.75 -25.42
N SER B 13 10.66 -34.45 -25.69
CA SER B 13 11.98 -33.87 -25.47
C SER B 13 12.20 -32.58 -26.24
N GLU B 14 11.45 -32.35 -27.33
CA GLU B 14 11.61 -31.11 -28.08
C GLU B 14 10.97 -29.94 -27.34
N ARG B 15 9.71 -30.08 -26.94
CA ARG B 15 8.98 -29.01 -26.29
C ARG B 15 9.35 -28.84 -24.83
N THR B 16 10.29 -29.64 -24.32
CA THR B 16 10.69 -29.61 -22.92
C THR B 16 12.20 -29.56 -22.86
N GLU B 17 12.75 -28.55 -22.19
CA GLU B 17 14.18 -28.57 -21.93
C GLU B 17 14.47 -29.49 -20.75
N GLU B 18 15.62 -30.16 -20.82
CA GLU B 18 15.90 -31.26 -19.89
C GLU B 18 15.74 -30.82 -18.44
N SER B 19 16.29 -29.66 -18.09
CA SER B 19 16.29 -29.22 -16.71
C SER B 19 14.87 -29.13 -16.14
N SER B 20 13.88 -28.84 -16.98
CA SER B 20 12.51 -28.81 -16.51
C SER B 20 11.97 -30.23 -16.30
N ALA B 21 12.28 -31.14 -17.22
CA ALA B 21 11.77 -32.50 -17.10
C ALA B 21 12.38 -33.23 -15.92
N VAL B 22 13.67 -32.99 -15.63
CA VAL B 22 14.32 -33.62 -14.48
C VAL B 22 13.58 -33.27 -13.20
N GLN B 23 13.57 -31.97 -12.86
CA GLN B 23 12.85 -31.52 -11.68
C GLN B 23 11.39 -31.95 -11.71
N TYR B 24 10.80 -31.98 -12.91
CA TYR B 24 9.38 -32.30 -13.03
C TYR B 24 9.10 -33.74 -12.60
N PHE B 25 9.80 -34.70 -13.19
CA PHE B 25 9.55 -36.10 -12.88
C PHE B 25 10.20 -36.53 -11.56
N GLN B 26 11.23 -35.82 -11.12
CA GLN B 26 11.71 -36.00 -9.75
C GLN B 26 10.58 -35.78 -8.75
N PHE B 27 9.79 -34.73 -8.95
CA PHE B 27 8.72 -34.38 -8.01
C PHE B 27 7.71 -35.52 -7.89
N TYR B 28 7.28 -36.08 -9.02
CA TYR B 28 6.30 -37.15 -9.00
C TYR B 28 6.90 -38.50 -8.64
N GLY B 29 8.20 -38.58 -8.40
CA GLY B 29 8.80 -39.81 -7.95
C GLY B 29 8.59 -40.11 -6.48
N TYR B 30 8.11 -39.14 -5.71
CA TYR B 30 7.98 -39.27 -4.27
C TYR B 30 6.59 -39.75 -3.90
N LEU B 31 6.52 -40.76 -3.02
CA LEU B 31 5.24 -41.27 -2.58
C LEU B 31 4.44 -40.21 -1.82
N SER B 32 5.12 -39.30 -1.11
CA SER B 32 4.41 -38.27 -0.37
C SER B 32 3.54 -37.43 -1.28
N GLN B 33 3.95 -37.23 -2.53
CA GLN B 33 3.15 -36.48 -3.47
C GLN B 33 1.97 -37.29 -4.00
N GLN B 34 2.16 -38.59 -4.17
CA GLN B 34 1.03 -39.45 -4.49
C GLN B 34 0.02 -39.47 -3.35
N GLN B 35 0.50 -39.56 -2.11
CA GLN B 35 -0.41 -39.52 -0.97
C GLN B 35 -1.25 -38.25 -0.98
N ASN B 36 -0.65 -37.12 -1.34
CA ASN B 36 -1.38 -35.85 -1.32
C ASN B 36 -2.47 -35.83 -2.39
N MET B 37 -2.13 -36.23 -3.61
CA MET B 37 -3.12 -36.32 -4.67
C MET B 37 -4.21 -37.32 -4.31
N MET B 38 -3.82 -38.53 -3.92
CA MET B 38 -4.79 -39.58 -3.66
C MET B 38 -5.71 -39.24 -2.49
N GLN B 39 -5.19 -38.53 -1.49
CA GLN B 39 -5.99 -38.13 -0.34
C GLN B 39 -6.98 -37.02 -0.67
N ASP B 40 -6.82 -36.35 -1.81
CA ASP B 40 -7.84 -35.44 -2.30
C ASP B 40 -9.11 -36.24 -2.60
N TYR B 41 -10.04 -36.28 -1.64
CA TYR B 41 -11.19 -37.16 -1.77
C TYR B 41 -12.08 -36.75 -2.94
N VAL B 42 -12.32 -35.45 -3.12
CA VAL B 42 -13.15 -35.04 -4.25
C VAL B 42 -12.50 -35.50 -5.55
N ARG B 43 -11.19 -35.31 -5.67
CA ARG B 43 -10.50 -35.71 -6.89
C ARG B 43 -10.59 -37.21 -7.11
N THR B 44 -10.18 -37.99 -6.12
CA THR B 44 -10.06 -39.43 -6.30
C THR B 44 -11.42 -40.10 -6.32
N GLY B 45 -12.33 -39.68 -5.44
CA GLY B 45 -13.66 -40.24 -5.44
C GLY B 45 -14.44 -39.94 -6.70
N THR B 46 -14.18 -38.79 -7.32
CA THR B 46 -14.93 -38.41 -8.51
C THR B 46 -14.48 -39.22 -9.72
N TYR B 47 -13.17 -39.44 -9.87
CA TYR B 47 -12.68 -40.32 -10.90
C TYR B 47 -13.31 -41.71 -10.76
N GLN B 48 -13.27 -42.28 -9.55
CA GLN B 48 -13.82 -43.61 -9.35
C GLN B 48 -15.30 -43.66 -9.70
N ARG B 49 -16.06 -42.68 -9.21
CA ARG B 49 -17.49 -42.61 -9.55
C ARG B 49 -17.68 -42.58 -11.06
N ALA B 50 -16.97 -41.68 -11.72
CA ALA B 50 -17.08 -41.55 -13.17
C ALA B 50 -16.79 -42.87 -13.88
N ILE B 51 -15.81 -43.61 -13.40
CA ILE B 51 -15.40 -44.82 -14.12
C ILE B 51 -16.36 -45.96 -13.84
N LEU B 52 -16.77 -46.14 -12.59
CA LEU B 52 -17.65 -47.26 -12.27
C LEU B 52 -19.06 -47.02 -12.79
N GLN B 53 -19.56 -45.79 -12.69
CA GLN B 53 -20.89 -45.50 -13.22
C GLN B 53 -20.96 -45.81 -14.71
N ASN B 54 -19.86 -45.62 -15.43
CA ASN B 54 -19.81 -45.91 -16.87
C ASN B 54 -18.99 -47.18 -17.13
N HIS B 55 -19.25 -48.22 -16.32
CA HIS B 55 -18.45 -49.43 -16.41
C HIS B 55 -18.42 -50.01 -17.81
N THR B 56 -19.47 -49.77 -18.61
CA THR B 56 -19.54 -50.35 -19.94
C THR B 56 -18.59 -49.70 -20.93
N ASP B 57 -18.04 -48.55 -20.60
CA ASP B 57 -16.94 -47.99 -21.37
C ASP B 57 -15.61 -48.65 -21.01
N PHE B 58 -15.60 -49.53 -20.02
CA PHE B 58 -14.42 -50.28 -19.63
C PHE B 58 -14.59 -51.78 -19.73
N LYS B 59 -15.76 -52.31 -19.35
CA LYS B 59 -16.00 -53.75 -19.40
C LYS B 59 -15.41 -54.38 -20.64
N ASP B 60 -14.43 -55.26 -20.42
CA ASP B 60 -13.74 -56.00 -21.49
C ASP B 60 -13.12 -55.08 -22.54
N LYS B 61 -12.82 -53.84 -22.18
CA LYS B 61 -12.16 -52.91 -23.09
C LYS B 61 -10.65 -52.92 -22.83
N ILE B 62 -9.93 -52.30 -23.76
CA ILE B 62 -8.49 -52.05 -23.63
C ILE B 62 -8.31 -50.59 -23.23
N VAL B 63 -7.51 -50.35 -22.19
CA VAL B 63 -7.40 -49.01 -21.61
C VAL B 63 -5.95 -48.55 -21.66
N LEU B 64 -5.78 -47.22 -21.82
CA LEU B 64 -4.48 -46.56 -21.70
C LEU B 64 -4.58 -45.56 -20.56
N ASP B 65 -3.66 -45.66 -19.60
CA ASP B 65 -3.61 -44.75 -18.46
C ASP B 65 -2.37 -43.88 -18.62
N VAL B 66 -2.58 -42.60 -18.93
CA VAL B 66 -1.50 -41.67 -19.23
C VAL B 66 -1.07 -41.01 -17.92
N GLY B 67 0.16 -41.29 -17.49
CA GLY B 67 0.67 -40.76 -16.24
C GLY B 67 0.02 -41.38 -15.04
N CYS B 68 0.01 -42.72 -14.99
CA CYS B 68 -0.79 -43.45 -14.01
C CYS B 68 -0.32 -43.25 -12.57
N GLY B 69 0.88 -42.71 -12.37
CA GLY B 69 1.39 -42.55 -11.01
C GLY B 69 1.43 -43.89 -10.29
N SER B 70 0.85 -43.92 -9.09
CA SER B 70 0.73 -45.15 -8.33
C SER B 70 -0.22 -46.15 -8.98
N GLY B 71 -0.94 -45.74 -10.02
CA GLY B 71 -1.81 -46.65 -10.76
C GLY B 71 -3.26 -46.62 -10.35
N ILE B 72 -3.67 -45.69 -9.48
CA ILE B 72 -5.01 -45.75 -8.89
C ILE B 72 -6.08 -45.72 -9.98
N LEU B 73 -5.85 -44.97 -11.06
CA LEU B 73 -6.86 -44.96 -12.12
C LEU B 73 -6.93 -46.28 -12.86
N SER B 74 -5.80 -46.99 -12.97
CA SER B 74 -5.82 -48.30 -13.59
C SER B 74 -6.56 -49.31 -12.72
N PHE B 75 -6.52 -49.16 -11.40
CA PHE B 75 -7.28 -50.04 -10.54
C PHE B 75 -8.76 -49.81 -10.69
N PHE B 76 -9.18 -48.54 -10.82
CA PHE B 76 -10.58 -48.25 -11.08
C PHE B 76 -11.03 -48.90 -12.39
N ALA B 77 -10.22 -48.75 -13.44
CA ALA B 77 -10.57 -49.35 -14.73
C ALA B 77 -10.66 -50.86 -14.64
N ALA B 78 -9.77 -51.48 -13.86
CA ALA B 78 -9.87 -52.92 -13.61
C ALA B 78 -11.14 -53.23 -12.84
N GLN B 79 -11.46 -52.41 -11.83
CA GLN B 79 -12.69 -52.61 -11.07
C GLN B 79 -13.91 -52.52 -11.97
N ALA B 80 -13.84 -51.71 -13.04
CA ALA B 80 -14.91 -51.58 -14.00
C ALA B 80 -14.95 -52.71 -15.02
N GLY B 81 -14.02 -53.67 -14.94
CA GLY B 81 -14.04 -54.84 -15.80
C GLY B 81 -13.17 -54.77 -17.03
N ALA B 82 -12.17 -53.90 -17.06
CA ALA B 82 -11.33 -53.74 -18.25
C ALA B 82 -10.56 -55.02 -18.52
N ARG B 83 -10.42 -55.35 -19.81
CA ARG B 83 -9.71 -56.57 -20.21
C ARG B 83 -8.21 -56.43 -20.02
N LYS B 84 -7.65 -55.27 -20.41
CA LYS B 84 -6.23 -55.01 -20.26
C LYS B 84 -6.03 -53.50 -20.12
N ILE B 85 -5.05 -53.11 -19.32
CA ILE B 85 -4.80 -51.71 -19.02
C ILE B 85 -3.30 -51.46 -19.08
N TYR B 86 -2.87 -50.68 -20.06
CA TYR B 86 -1.49 -50.23 -20.16
C TYR B 86 -1.36 -48.96 -19.34
N ALA B 87 -0.60 -49.03 -18.24
CA ALA B 87 -0.44 -47.91 -17.32
C ALA B 87 0.94 -47.30 -17.55
N VAL B 88 0.96 -46.11 -18.13
CA VAL B 88 2.19 -45.45 -18.53
C VAL B 88 2.56 -44.40 -17.49
N GLU B 89 3.83 -44.39 -17.07
CA GLU B 89 4.32 -43.42 -16.09
C GLU B 89 5.81 -43.21 -16.32
N ALA B 90 6.22 -41.94 -16.36
CA ALA B 90 7.61 -41.60 -16.65
C ALA B 90 8.45 -41.30 -15.42
N SER B 91 7.82 -41.08 -14.26
CA SER B 91 8.58 -40.90 -13.05
C SER B 91 8.96 -42.26 -12.45
N THR B 92 9.81 -42.23 -11.43
CA THR B 92 10.16 -43.46 -10.74
C THR B 92 8.97 -44.08 -10.00
N MET B 93 7.84 -43.38 -9.93
CA MET B 93 6.63 -43.95 -9.35
C MET B 93 6.21 -45.23 -10.05
N ALA B 94 6.64 -45.44 -11.29
CA ALA B 94 6.22 -46.63 -12.03
C ALA B 94 6.61 -47.92 -11.30
N GLN B 95 7.78 -47.93 -10.66
CA GLN B 95 8.18 -49.14 -9.92
C GLN B 95 7.24 -49.42 -8.76
N HIS B 96 6.67 -48.36 -8.15
CA HIS B 96 5.74 -48.55 -7.05
C HIS B 96 4.38 -49.01 -7.54
N ALA B 97 3.96 -48.54 -8.72
CA ALA B 97 2.72 -49.04 -9.30
C ALA B 97 2.83 -50.53 -9.59
N GLU B 98 4.00 -50.99 -10.09
CA GLU B 98 4.18 -52.42 -10.28
C GLU B 98 3.94 -53.19 -9.00
N VAL B 99 4.49 -52.69 -7.88
CA VAL B 99 4.37 -53.39 -6.61
C VAL B 99 2.90 -53.54 -6.22
N LEU B 100 2.10 -52.49 -6.46
CA LEU B 100 0.69 -52.58 -6.09
C LEU B 100 -0.08 -53.51 -7.03
N VAL B 101 0.30 -53.53 -8.30
CA VAL B 101 -0.30 -54.48 -9.24
C VAL B 101 -0.08 -55.90 -8.75
N LYS B 102 1.15 -56.24 -8.34
CA LYS B 102 1.44 -57.58 -7.86
C LYS B 102 0.66 -57.88 -6.58
N SER B 103 0.70 -56.96 -5.62
CA SER B 103 0.08 -57.24 -4.32
C SER B 103 -1.43 -57.27 -4.40
N ASN B 104 -2.03 -56.62 -5.39
CA ASN B 104 -3.46 -56.69 -5.62
C ASN B 104 -3.84 -57.76 -6.63
N ASN B 105 -2.88 -58.57 -7.06
CA ASN B 105 -3.15 -59.73 -7.91
C ASN B 105 -3.88 -59.31 -9.19
N LEU B 106 -3.36 -58.27 -9.83
CA LEU B 106 -3.89 -57.78 -11.10
C LEU B 106 -2.85 -57.80 -12.20
N THR B 107 -1.79 -58.60 -11.99
CA THR B 107 -0.72 -58.70 -12.97
C THR B 107 -1.21 -59.20 -14.33
N ASP B 108 -2.34 -59.92 -14.37
CA ASP B 108 -2.90 -60.38 -15.62
C ASP B 108 -3.68 -59.30 -16.37
N ARG B 109 -3.83 -58.11 -15.78
CA ARG B 109 -4.74 -57.11 -16.36
C ARG B 109 -4.12 -55.73 -16.49
N ILE B 110 -3.30 -55.30 -15.52
CA ILE B 110 -2.64 -54.00 -15.58
C ILE B 110 -1.19 -54.24 -15.95
N VAL B 111 -0.72 -53.54 -16.99
CA VAL B 111 0.64 -53.67 -17.49
C VAL B 111 1.31 -52.31 -17.35
N VAL B 112 2.10 -52.14 -16.28
CA VAL B 112 2.85 -50.90 -16.11
C VAL B 112 3.90 -50.79 -17.20
N ILE B 113 3.98 -49.63 -17.85
CA ILE B 113 4.97 -49.40 -18.89
C ILE B 113 5.72 -48.11 -18.59
N PRO B 114 6.93 -48.18 -18.04
CA PRO B 114 7.63 -46.96 -17.63
C PRO B 114 8.19 -46.18 -18.82
N GLY B 115 8.14 -44.86 -18.71
CA GLY B 115 8.61 -43.96 -19.74
C GLY B 115 7.59 -42.89 -20.05
N LYS B 116 7.98 -41.99 -20.94
CA LYS B 116 7.10 -40.91 -21.38
C LYS B 116 6.20 -41.40 -22.50
N VAL B 117 4.89 -41.11 -22.38
CA VAL B 117 3.92 -41.60 -23.35
C VAL B 117 4.26 -41.18 -24.77
N GLU B 118 5.04 -40.11 -24.93
CA GLU B 118 5.52 -39.72 -26.25
C GLU B 118 6.63 -40.63 -26.76
N GLU B 119 7.15 -41.51 -25.91
CA GLU B 119 8.33 -42.32 -26.25
C GLU B 119 8.10 -43.81 -26.15
N VAL B 120 7.26 -44.28 -25.23
CA VAL B 120 7.04 -45.70 -25.03
C VAL B 120 6.37 -46.29 -26.26
N SER B 121 6.31 -47.61 -26.32
CA SER B 121 5.71 -48.35 -27.44
C SER B 121 4.62 -49.26 -26.89
N LEU B 122 3.36 -48.89 -27.11
CA LEU B 122 2.28 -49.75 -26.67
C LEU B 122 2.10 -50.91 -27.62
N PRO B 123 1.61 -52.06 -27.12
CA PRO B 123 1.45 -53.22 -28.01
C PRO B 123 0.24 -53.15 -28.93
N GLU B 124 -0.74 -52.30 -28.65
CA GLU B 124 -1.97 -52.29 -29.45
C GLU B 124 -2.73 -51.01 -29.18
N GLN B 125 -3.78 -50.80 -29.99
CA GLN B 125 -4.64 -49.64 -29.84
C GLN B 125 -5.66 -49.88 -28.72
N VAL B 126 -6.12 -48.78 -28.12
CA VAL B 126 -6.97 -48.86 -26.94
C VAL B 126 -8.35 -48.27 -27.28
N ASP B 127 -9.34 -48.72 -26.52
CA ASP B 127 -10.72 -48.24 -26.69
C ASP B 127 -10.94 -46.93 -25.98
N ILE B 128 -10.27 -46.71 -24.85
CA ILE B 128 -10.49 -45.52 -24.04
C ILE B 128 -9.17 -45.14 -23.39
N ILE B 129 -8.95 -43.83 -23.27
CA ILE B 129 -7.81 -43.30 -22.55
C ILE B 129 -8.32 -42.68 -21.25
N ILE B 130 -7.61 -42.94 -20.16
CA ILE B 130 -7.88 -42.28 -18.90
C ILE B 130 -6.61 -41.58 -18.45
N SER B 131 -6.77 -40.54 -17.64
CA SER B 131 -5.63 -39.77 -17.17
C SER B 131 -6.12 -38.64 -16.28
N GLU B 132 -5.19 -38.08 -15.52
CA GLU B 132 -5.40 -36.84 -14.77
C GLU B 132 -4.36 -35.84 -15.28
N PRO B 133 -4.56 -35.28 -16.47
CA PRO B 133 -3.58 -34.34 -17.03
C PRO B 133 -3.77 -32.88 -16.64
N MET B 134 -4.61 -32.61 -15.63
CA MET B 134 -4.97 -31.24 -15.29
C MET B 134 -3.97 -30.67 -14.28
N GLY B 135 -3.38 -29.53 -14.63
CA GLY B 135 -2.61 -28.75 -13.69
C GLY B 135 -3.47 -27.65 -13.08
N TYR B 136 -2.88 -26.93 -12.12
CA TYR B 136 -3.59 -25.75 -11.62
C TYR B 136 -3.75 -24.77 -12.77
N MET B 137 -4.89 -24.09 -12.79
CA MET B 137 -5.32 -23.32 -13.96
C MET B 137 -5.44 -24.21 -15.19
N LEU B 138 -5.47 -25.53 -14.97
CA LEU B 138 -5.70 -26.54 -16.01
C LEU B 138 -4.50 -26.77 -16.90
N PHE B 139 -3.81 -25.71 -17.33
CA PHE B 139 -2.83 -25.83 -18.40
C PHE B 139 -1.40 -25.98 -17.90
N ASN B 140 -1.12 -25.76 -16.62
CA ASN B 140 0.22 -25.96 -16.12
C ASN B 140 0.65 -27.40 -16.33
N GLU B 141 1.98 -27.59 -16.45
CA GLU B 141 2.62 -28.89 -16.66
C GLU B 141 2.63 -29.26 -18.14
N ARG B 142 1.74 -28.67 -18.93
CA ARG B 142 1.60 -28.99 -20.36
C ARG B 142 1.30 -30.47 -20.56
N MET B 143 0.67 -31.12 -19.59
CA MET B 143 0.38 -32.55 -19.70
C MET B 143 -0.81 -32.83 -20.59
N LEU B 144 -1.67 -31.84 -20.83
CA LEU B 144 -2.77 -32.05 -21.77
C LEU B 144 -2.25 -32.42 -23.15
N GLU B 145 -1.07 -31.90 -23.53
CA GLU B 145 -0.48 -32.26 -24.80
C GLU B 145 -0.06 -33.72 -24.83
N SER B 146 0.47 -34.22 -23.70
CA SER B 146 0.75 -35.65 -23.62
C SER B 146 -0.53 -36.47 -23.73
N TYR B 147 -1.61 -35.98 -23.11
CA TYR B 147 -2.90 -36.64 -23.20
C TYR B 147 -3.41 -36.68 -24.63
N LEU B 148 -3.38 -35.54 -25.32
CA LEU B 148 -3.80 -35.50 -26.72
C LEU B 148 -2.84 -36.29 -27.60
N HIS B 149 -1.54 -36.24 -27.28
CA HIS B 149 -0.57 -37.02 -28.04
C HIS B 149 -0.87 -38.51 -28.00
N ALA B 150 -1.40 -38.98 -26.87
CA ALA B 150 -1.67 -40.41 -26.70
C ALA B 150 -2.80 -40.90 -27.59
N LYS B 151 -3.59 -40.00 -28.17
CA LYS B 151 -4.68 -40.40 -29.03
C LYS B 151 -4.22 -41.18 -30.26
N LYS B 152 -2.92 -41.17 -30.55
CA LYS B 152 -2.42 -41.99 -31.65
C LYS B 152 -2.69 -43.48 -31.40
N TYR B 153 -2.79 -43.87 -30.14
CA TYR B 153 -3.13 -45.25 -29.77
C TYR B 153 -4.63 -45.47 -29.63
N LEU B 154 -5.46 -44.46 -29.95
CA LEU B 154 -6.89 -44.53 -29.71
C LEU B 154 -7.62 -45.01 -30.95
N LYS B 155 -8.56 -45.93 -30.75
CA LYS B 155 -9.35 -46.43 -31.86
C LYS B 155 -10.28 -45.34 -32.38
N PRO B 156 -10.63 -45.38 -33.68
CA PRO B 156 -11.57 -44.38 -34.22
C PRO B 156 -12.73 -44.04 -33.29
N SER B 157 -13.45 -45.06 -32.83
CA SER B 157 -14.60 -44.86 -31.95
C SER B 157 -14.21 -44.70 -30.48
N GLY B 158 -12.92 -44.59 -30.16
CA GLY B 158 -12.49 -44.56 -28.78
C GLY B 158 -12.91 -43.29 -28.06
N ASN B 159 -12.85 -43.36 -26.74
CA ASN B 159 -13.28 -42.31 -25.84
C ASN B 159 -12.11 -41.81 -25.00
N MET B 160 -12.32 -40.65 -24.36
CA MET B 160 -11.33 -40.01 -23.51
C MET B 160 -11.96 -39.68 -22.18
N PHE B 161 -11.30 -40.07 -21.11
CA PHE B 161 -11.78 -39.79 -19.75
C PHE B 161 -10.71 -39.03 -18.98
N PRO B 162 -10.81 -37.71 -18.77
CA PRO B 162 -11.92 -36.81 -19.13
C PRO B 162 -12.05 -36.51 -20.62
N THR B 163 -13.28 -36.18 -21.03
CA THR B 163 -13.59 -35.89 -22.43
C THR B 163 -13.37 -34.43 -22.79
N ILE B 164 -13.71 -33.52 -21.89
CA ILE B 164 -13.56 -32.09 -22.12
C ILE B 164 -13.12 -31.41 -20.84
N GLY B 165 -12.47 -30.26 -21.00
CA GLY B 165 -12.12 -29.41 -19.88
C GLY B 165 -12.60 -27.99 -20.09
N ASP B 166 -13.40 -27.48 -19.15
CA ASP B 166 -13.94 -26.12 -19.22
C ASP B 166 -13.16 -25.25 -18.25
N VAL B 167 -12.34 -24.33 -18.77
CA VAL B 167 -11.65 -23.36 -17.92
C VAL B 167 -12.51 -22.11 -17.81
N HIS B 168 -12.75 -21.65 -16.60
CA HIS B 168 -13.58 -20.50 -16.33
C HIS B 168 -12.72 -19.35 -15.82
N LEU B 169 -13.09 -18.13 -16.20
CA LEU B 169 -12.42 -16.93 -15.69
C LEU B 169 -13.46 -15.87 -15.41
N ALA B 170 -13.24 -15.09 -14.35
CA ALA B 170 -14.15 -14.04 -13.96
C ALA B 170 -13.36 -12.94 -13.26
N PRO B 171 -13.67 -11.66 -13.53
CA PRO B 171 -13.00 -10.58 -12.79
C PRO B 171 -13.34 -10.65 -11.31
N PHE B 172 -12.39 -10.27 -10.47
CA PHE B 172 -12.59 -10.27 -9.03
C PHE B 172 -12.11 -8.95 -8.44
N THR B 173 -12.51 -8.73 -7.19
CA THR B 173 -12.06 -7.60 -6.39
C THR B 173 -11.56 -8.14 -5.05
N ASP B 174 -10.31 -7.80 -4.71
CA ASP B 174 -9.72 -8.26 -3.45
C ASP B 174 -8.61 -7.31 -3.03
N GLU B 175 -8.96 -6.22 -2.36
CA GLU B 175 -7.95 -5.23 -1.97
C GLU B 175 -6.95 -5.81 -0.98
N GLN B 176 -7.38 -6.74 -0.13
CA GLN B 176 -6.47 -7.34 0.84
C GLN B 176 -5.34 -8.08 0.14
N LEU B 177 -5.66 -8.79 -0.95
CA LEU B 177 -4.62 -9.51 -1.69
C LEU B 177 -3.75 -8.57 -2.50
N TYR B 178 -4.34 -7.51 -3.05
CA TYR B 178 -3.55 -6.57 -3.85
C TYR B 178 -2.51 -5.87 -2.99
N MET B 179 -2.93 -5.36 -1.83
CA MET B 179 -2.01 -4.62 -0.97
C MET B 179 -0.95 -5.54 -0.39
N GLU B 180 -1.32 -6.78 -0.06
CA GLU B 180 -0.35 -7.75 0.44
C GLU B 180 0.83 -7.90 -0.52
N GLN B 181 0.53 -8.22 -1.79
CA GLN B 181 1.59 -8.33 -2.78
C GLN B 181 2.25 -6.99 -3.04
N PHE B 182 1.47 -5.91 -3.05
CA PHE B 182 2.03 -4.60 -3.38
C PHE B 182 3.04 -4.15 -2.34
N THR B 183 2.69 -4.32 -1.06
CA THR B 183 3.61 -3.90 0.00
C THR B 183 4.86 -4.77 0.03
N LYS B 184 4.76 -6.04 -0.35
CA LYS B 184 5.93 -6.90 -0.43
C LYS B 184 6.97 -6.30 -1.37
N ALA B 185 6.53 -5.89 -2.57
CA ALA B 185 7.44 -5.28 -3.53
C ALA B 185 7.98 -3.95 -3.01
N ASN B 186 7.19 -3.24 -2.20
CA ASN B 186 7.61 -1.96 -1.69
C ASN B 186 8.80 -2.05 -0.73
N PHE B 187 9.18 -3.26 -0.32
CA PHE B 187 10.46 -3.43 0.36
C PHE B 187 11.57 -2.74 -0.43
N TRP B 188 11.59 -2.96 -1.73
CA TRP B 188 12.58 -2.37 -2.65
C TRP B 188 12.34 -0.89 -2.91
N TYR B 189 11.37 -0.27 -2.22
CA TYR B 189 11.21 1.17 -2.28
C TYR B 189 12.12 1.90 -1.29
N GLN B 190 12.60 1.19 -0.28
CA GLN B 190 13.39 1.80 0.79
C GLN B 190 14.56 2.59 0.21
N PRO B 191 14.82 3.82 0.69
CA PRO B 191 16.00 4.56 0.22
C PRO B 191 17.28 4.33 1.01
N SER B 192 17.22 3.60 2.12
CA SER B 192 18.37 3.49 3.01
C SER B 192 18.26 2.20 3.84
N PHE B 193 18.06 1.07 3.17
CA PHE B 193 18.06 -0.24 3.84
C PHE B 193 19.48 -0.55 4.29
N HIS B 194 19.72 -0.48 5.60
CA HIS B 194 21.08 -0.59 6.14
C HIS B 194 22.01 0.41 5.44
N GLY B 195 21.48 1.59 5.17
CA GLY B 195 22.21 2.64 4.49
C GLY B 195 22.23 2.51 2.98
N VAL B 196 21.62 1.46 2.42
CA VAL B 196 21.68 1.19 0.99
C VAL B 196 20.36 1.60 0.36
N ASP B 197 20.45 2.34 -0.75
CA ASP B 197 19.27 2.80 -1.48
C ASP B 197 18.86 1.72 -2.46
N LEU B 198 17.69 1.13 -2.24
CA LEU B 198 17.17 0.05 -3.07
C LEU B 198 16.12 0.51 -4.07
N SER B 199 15.80 1.80 -4.09
CA SER B 199 14.60 2.26 -4.80
C SER B 199 14.66 1.96 -6.28
N ALA B 200 15.86 1.90 -6.86
CA ALA B 200 15.97 1.74 -8.31
C ALA B 200 15.44 0.40 -8.79
N LEU B 201 15.26 -0.57 -7.89
CA LEU B 201 14.73 -1.87 -8.24
C LEU B 201 13.24 -2.00 -7.93
N ARG B 202 12.60 -0.92 -7.47
CA ARG B 202 11.18 -0.95 -7.15
C ARG B 202 10.36 -1.48 -8.32
N GLY B 203 10.59 -0.92 -9.52
CA GLY B 203 9.83 -1.38 -10.67
C GLY B 203 10.07 -2.85 -10.99
N ALA B 204 11.30 -3.32 -10.79
CA ALA B 204 11.59 -4.72 -11.04
C ALA B 204 10.93 -5.62 -10.01
N ALA B 205 10.90 -5.20 -8.75
CA ALA B 205 10.26 -6.00 -7.72
C ALA B 205 8.76 -6.16 -7.99
N VAL B 206 8.09 -5.04 -8.31
CA VAL B 206 6.65 -5.10 -8.55
C VAL B 206 6.34 -6.01 -9.73
N ASP B 207 7.09 -5.87 -10.82
CA ASP B 207 6.88 -6.74 -11.98
C ASP B 207 7.02 -8.20 -11.60
N GLU B 208 8.00 -8.53 -10.75
CA GLU B 208 8.23 -9.91 -10.37
C GLU B 208 7.09 -10.45 -9.52
N TYR B 209 6.72 -9.74 -8.45
CA TYR B 209 5.69 -10.25 -7.55
C TYR B 209 4.35 -10.42 -8.28
N PHE B 210 4.02 -9.49 -9.17
CA PHE B 210 2.76 -9.57 -9.91
C PHE B 210 2.86 -10.47 -11.13
N ARG B 211 4.07 -10.90 -11.51
CA ARG B 211 4.21 -11.96 -12.50
C ARG B 211 3.72 -13.29 -11.97
N GLN B 212 3.54 -13.41 -10.65
CA GLN B 212 3.18 -14.69 -10.05
C GLN B 212 1.68 -14.80 -9.93
N PRO B 213 1.05 -15.81 -10.53
CA PRO B 213 -0.34 -16.11 -10.18
C PRO B 213 -0.43 -16.52 -8.72
N VAL B 214 -1.56 -16.17 -8.10
CA VAL B 214 -1.82 -16.48 -6.70
C VAL B 214 -2.68 -17.73 -6.65
N VAL B 215 -2.23 -18.74 -5.92
CA VAL B 215 -2.93 -20.01 -5.78
C VAL B 215 -3.50 -20.09 -4.37
N ASP B 216 -4.82 -20.03 -4.28
CA ASP B 216 -5.55 -20.25 -3.03
C ASP B 216 -7.03 -20.20 -3.34
N THR B 217 -7.88 -20.25 -2.32
CA THR B 217 -9.32 -20.25 -2.50
C THR B 217 -9.88 -18.89 -2.10
N PHE B 218 -11.08 -18.60 -2.61
CA PHE B 218 -11.70 -17.30 -2.37
C PHE B 218 -13.21 -17.46 -2.32
N ASP B 219 -13.85 -16.63 -1.50
CA ASP B 219 -15.30 -16.59 -1.49
C ASP B 219 -15.79 -16.00 -2.82
N ILE B 220 -16.88 -16.55 -3.33
CA ILE B 220 -17.37 -16.12 -4.64
C ILE B 220 -17.92 -14.70 -4.59
N ARG B 221 -18.22 -14.17 -3.40
CA ARG B 221 -18.77 -12.83 -3.30
C ARG B 221 -17.83 -11.79 -3.89
N ILE B 222 -16.55 -12.12 -4.11
CA ILE B 222 -15.61 -11.17 -4.67
C ILE B 222 -15.65 -11.13 -6.20
N LEU B 223 -16.35 -12.06 -6.84
CA LEU B 223 -16.43 -12.06 -8.29
C LEU B 223 -17.42 -10.99 -8.75
N MET B 224 -17.00 -10.20 -9.73
CA MET B 224 -17.75 -9.02 -10.15
C MET B 224 -18.53 -9.23 -11.45
N ALA B 225 -18.45 -10.42 -12.04
CA ALA B 225 -19.12 -10.69 -13.30
C ALA B 225 -19.23 -12.18 -13.48
N LYS B 226 -20.25 -12.59 -14.23
CA LYS B 226 -20.38 -13.99 -14.61
C LYS B 226 -19.11 -14.48 -15.28
N SER B 227 -18.80 -15.75 -15.05
CA SER B 227 -17.57 -16.31 -15.60
C SER B 227 -17.70 -16.50 -17.11
N VAL B 228 -16.58 -16.33 -17.80
CA VAL B 228 -16.45 -16.65 -19.21
C VAL B 228 -15.82 -18.03 -19.30
N LYS B 229 -16.24 -18.82 -20.29
CA LYS B 229 -15.85 -20.22 -20.41
C LYS B 229 -15.11 -20.46 -21.71
N TYR B 230 -14.04 -21.24 -21.63
CA TYR B 230 -13.27 -21.69 -22.78
C TYR B 230 -13.11 -23.19 -22.67
N THR B 231 -13.61 -23.92 -23.67
CA THR B 231 -13.68 -25.37 -23.61
C THR B 231 -12.64 -25.99 -24.54
N VAL B 232 -11.80 -26.85 -23.99
CA VAL B 232 -10.91 -27.70 -24.77
C VAL B 232 -11.55 -29.08 -24.82
N ASN B 233 -11.93 -29.53 -26.02
CA ASN B 233 -12.51 -30.85 -26.20
C ASN B 233 -11.40 -31.84 -26.54
N PHE B 234 -11.12 -32.75 -25.60
CA PHE B 234 -9.99 -33.66 -25.75
C PHE B 234 -10.19 -34.67 -26.89
N LEU B 235 -11.43 -34.93 -27.29
CA LEU B 235 -11.65 -35.85 -28.39
C LEU B 235 -11.26 -35.24 -29.73
N GLU B 236 -11.43 -33.92 -29.89
CA GLU B 236 -11.20 -33.26 -31.17
C GLU B 236 -9.92 -32.43 -31.23
N ALA B 237 -9.38 -32.01 -30.09
CA ALA B 237 -8.19 -31.18 -30.10
C ALA B 237 -6.95 -32.01 -30.39
N LYS B 238 -6.00 -31.40 -31.08
CA LYS B 238 -4.68 -32.00 -31.28
C LYS B 238 -3.63 -31.18 -30.54
N GLU B 239 -2.52 -31.85 -30.26
CA GLU B 239 -1.41 -31.30 -29.49
C GLU B 239 -1.14 -29.82 -29.78
N GLY B 240 -0.79 -29.50 -31.02
CA GLY B 240 -0.43 -28.15 -31.38
C GLY B 240 -1.48 -27.12 -31.05
N ASP B 241 -2.74 -27.54 -30.94
CA ASP B 241 -3.79 -26.59 -30.57
C ASP B 241 -3.48 -25.87 -29.27
N LEU B 242 -2.74 -26.52 -28.37
CA LEU B 242 -2.50 -25.99 -27.03
C LEU B 242 -1.19 -25.22 -26.91
N HIS B 243 -0.47 -25.02 -28.01
CA HIS B 243 0.76 -24.23 -27.94
C HIS B 243 0.44 -22.76 -27.70
N ARG B 244 -0.60 -22.25 -28.33
CA ARG B 244 -1.07 -20.89 -28.15
C ARG B 244 -2.57 -20.93 -27.93
N ILE B 245 -3.01 -20.48 -26.75
CA ILE B 245 -4.42 -20.53 -26.35
C ILE B 245 -4.89 -19.09 -26.20
N GLU B 246 -5.81 -18.67 -27.06
CA GLU B 246 -6.34 -17.32 -27.06
C GLU B 246 -7.77 -17.35 -26.54
N ILE B 247 -8.02 -16.66 -25.43
CA ILE B 247 -9.32 -16.66 -24.79
C ILE B 247 -9.90 -15.24 -24.78
N PRO B 248 -10.67 -14.87 -25.80
CA PRO B 248 -11.35 -13.56 -25.75
C PRO B 248 -12.42 -13.55 -24.68
N PHE B 249 -12.55 -12.42 -23.99
CA PHE B 249 -13.57 -12.27 -22.98
C PHE B 249 -14.23 -10.90 -23.12
N LYS B 250 -15.48 -10.81 -22.63
CA LYS B 250 -16.21 -9.56 -22.57
C LYS B 250 -17.16 -9.67 -21.38
N PHE B 251 -16.73 -9.13 -20.23
CA PHE B 251 -17.48 -9.29 -19.00
C PHE B 251 -18.47 -8.14 -18.81
N HIS B 252 -19.70 -8.47 -18.46
N HIS B 252 -19.70 -8.47 -18.45
CA HIS B 252 -20.70 -7.47 -18.08
CA HIS B 252 -20.70 -7.48 -18.09
C HIS B 252 -20.64 -7.30 -16.58
C HIS B 252 -20.65 -7.29 -16.57
N MET B 253 -20.10 -6.16 -16.14
CA MET B 253 -19.91 -5.94 -14.71
C MET B 253 -21.24 -5.89 -13.99
N LEU B 254 -21.36 -6.67 -12.92
CA LEU B 254 -22.55 -6.70 -12.09
C LEU B 254 -22.41 -5.86 -10.83
N HIS B 255 -21.20 -5.43 -10.49
CA HIS B 255 -20.97 -4.60 -9.30
C HIS B 255 -19.90 -3.57 -9.59
N SER B 256 -20.08 -2.38 -9.03
CA SER B 256 -19.04 -1.36 -9.09
C SER B 256 -17.91 -1.71 -8.13
N GLY B 257 -16.70 -1.30 -8.50
CA GLY B 257 -15.55 -1.49 -7.63
C GLY B 257 -14.27 -1.66 -8.42
N LEU B 258 -13.19 -1.82 -7.68
CA LEU B 258 -11.88 -2.04 -8.28
C LEU B 258 -11.76 -3.47 -8.75
N VAL B 259 -11.48 -3.66 -10.03
CA VAL B 259 -11.14 -4.96 -10.58
C VAL B 259 -9.65 -5.18 -10.35
N HIS B 260 -9.30 -6.13 -9.51
CA HIS B 260 -7.90 -6.40 -9.18
C HIS B 260 -7.30 -7.52 -10.02
N GLY B 261 -8.09 -8.23 -10.82
CA GLY B 261 -7.55 -9.24 -11.68
C GLY B 261 -8.62 -10.20 -12.16
N LEU B 262 -8.17 -11.35 -12.66
CA LEU B 262 -9.05 -12.40 -13.15
C LEU B 262 -8.80 -13.66 -12.33
N ALA B 263 -9.89 -14.27 -11.86
CA ALA B 263 -9.83 -15.52 -11.12
C ALA B 263 -10.13 -16.68 -12.07
N PHE B 264 -9.35 -17.75 -11.95
CA PHE B 264 -9.44 -18.91 -12.82
C PHE B 264 -9.74 -20.16 -12.01
N TRP B 265 -10.59 -21.02 -12.57
CA TRP B 265 -10.80 -22.38 -12.08
C TRP B 265 -11.20 -23.22 -13.28
N PHE B 266 -11.40 -24.52 -13.07
CA PHE B 266 -11.76 -25.37 -14.20
C PHE B 266 -12.66 -26.51 -13.77
N ASP B 267 -13.42 -27.03 -14.74
CA ASP B 267 -14.18 -28.26 -14.60
C ASP B 267 -13.74 -29.22 -15.71
N VAL B 268 -13.92 -30.52 -15.45
CA VAL B 268 -13.75 -31.55 -16.47
C VAL B 268 -14.96 -32.46 -16.42
N ALA B 269 -15.31 -33.02 -17.57
CA ALA B 269 -16.50 -33.86 -17.69
C ALA B 269 -16.09 -35.21 -18.28
N PHE B 270 -16.51 -36.29 -17.62
CA PHE B 270 -16.32 -37.65 -18.10
C PHE B 270 -17.59 -38.06 -18.83
N ILE B 271 -17.58 -37.92 -20.15
CA ILE B 271 -18.78 -38.13 -20.96
C ILE B 271 -18.81 -39.60 -21.35
N GLY B 272 -19.42 -40.41 -20.48
CA GLY B 272 -19.53 -41.83 -20.71
C GLY B 272 -20.80 -42.21 -21.46
N SER B 273 -20.95 -43.52 -21.67
CA SER B 273 -22.11 -44.04 -22.38
C SER B 273 -23.35 -44.16 -21.50
N ILE B 274 -23.19 -44.11 -20.19
CA ILE B 274 -24.31 -44.23 -19.26
C ILE B 274 -24.68 -42.87 -18.67
N MET B 275 -23.70 -42.08 -18.27
CA MET B 275 -23.97 -40.78 -17.69
C MET B 275 -22.72 -39.93 -17.82
N THR B 276 -22.90 -38.63 -17.66
CA THR B 276 -21.81 -37.68 -17.62
C THR B 276 -21.59 -37.26 -16.18
N VAL B 277 -20.33 -37.31 -15.73
CA VAL B 277 -19.96 -36.93 -14.38
C VAL B 277 -18.95 -35.80 -14.46
N TRP B 278 -19.12 -34.80 -13.60
CA TRP B 278 -18.27 -33.63 -13.60
C TRP B 278 -17.35 -33.63 -12.39
N LEU B 279 -16.12 -33.22 -12.60
CA LEU B 279 -15.17 -32.89 -11.54
C LEU B 279 -14.89 -31.40 -11.66
N SER B 280 -15.33 -30.63 -10.66
CA SER B 280 -15.22 -29.18 -10.69
C SER B 280 -14.34 -28.69 -9.55
N THR B 281 -13.46 -27.73 -9.88
CA THR B 281 -12.67 -27.02 -8.88
C THR B 281 -13.19 -25.60 -8.65
N ALA B 282 -14.50 -25.38 -8.78
CA ALA B 282 -15.05 -24.04 -8.59
C ALA B 282 -14.95 -23.61 -7.13
N PRO B 283 -14.91 -22.29 -6.88
CA PRO B 283 -14.89 -21.82 -5.49
C PRO B 283 -16.16 -22.14 -4.71
N THR B 284 -17.24 -22.50 -5.40
CA THR B 284 -18.48 -22.90 -4.75
C THR B 284 -18.49 -24.35 -4.34
N GLU B 285 -17.53 -25.14 -4.80
CA GLU B 285 -17.48 -26.56 -4.54
C GLU B 285 -16.41 -26.87 -3.51
N PRO B 286 -16.47 -28.03 -2.86
CA PRO B 286 -15.45 -28.39 -1.88
C PRO B 286 -14.06 -28.24 -2.47
N LEU B 287 -13.10 -27.93 -1.61
CA LEU B 287 -11.75 -27.61 -2.03
C LEU B 287 -11.02 -28.85 -2.52
N THR B 288 -10.14 -28.64 -3.50
CA THR B 288 -9.29 -29.68 -4.05
C THR B 288 -7.85 -29.19 -4.03
N HIS B 289 -6.91 -30.11 -4.28
CA HIS B 289 -5.50 -29.72 -4.25
C HIS B 289 -5.14 -28.80 -5.40
N TRP B 290 -6.08 -28.53 -6.33
CA TRP B 290 -5.87 -27.55 -7.38
C TRP B 290 -6.21 -26.13 -6.98
N TYR B 291 -7.03 -25.96 -5.94
CA TYR B 291 -7.46 -24.64 -5.45
C TYR B 291 -8.06 -23.85 -6.62
N GLN B 292 -7.86 -22.53 -6.63
CA GLN B 292 -8.15 -21.67 -7.75
C GLN B 292 -6.94 -20.75 -7.96
N VAL B 293 -6.95 -20.04 -9.08
CA VAL B 293 -5.80 -19.25 -9.51
C VAL B 293 -6.27 -17.84 -9.84
N ARG B 294 -5.58 -16.83 -9.28
CA ARG B 294 -5.90 -15.44 -9.51
C ARG B 294 -4.68 -14.72 -10.06
N CYS B 295 -4.85 -14.04 -11.19
CA CYS B 295 -3.82 -13.23 -11.80
C CYS B 295 -4.10 -11.76 -11.50
N LEU B 296 -3.22 -11.13 -10.74
CA LEU B 296 -3.42 -9.76 -10.33
C LEU B 296 -2.95 -8.79 -11.41
N PHE B 297 -3.65 -7.65 -11.50
CA PHE B 297 -3.20 -6.51 -12.29
C PHE B 297 -2.26 -5.66 -11.45
N GLN B 298 -1.15 -5.22 -12.05
CA GLN B 298 -0.26 -4.30 -11.35
C GLN B 298 -1.01 -3.04 -10.89
N SER B 299 -2.01 -2.61 -11.66
CA SER B 299 -2.86 -1.49 -11.33
C SER B 299 -4.30 -1.86 -11.61
N PRO B 300 -5.16 -1.93 -10.58
CA PRO B 300 -6.55 -2.37 -10.81
C PRO B 300 -7.31 -1.39 -11.70
N LEU B 301 -8.39 -1.90 -12.28
CA LEU B 301 -9.26 -1.10 -13.14
C LEU B 301 -10.57 -0.83 -12.41
N PHE B 302 -11.03 0.41 -12.47
CA PHE B 302 -12.31 0.78 -11.88
C PHE B 302 -13.41 0.57 -12.91
N ALA B 303 -14.47 -0.12 -12.49
CA ALA B 303 -15.62 -0.36 -13.36
C ALA B 303 -16.90 -0.09 -12.60
N LYS B 304 -17.92 0.34 -13.33
CA LYS B 304 -19.25 0.56 -12.78
C LYS B 304 -20.14 -0.63 -13.14
N ALA B 305 -21.03 -0.98 -12.20
CA ALA B 305 -22.07 -1.97 -12.47
C ALA B 305 -22.75 -1.63 -13.79
N GLY B 306 -22.53 -2.46 -14.80
CA GLY B 306 -23.11 -2.26 -16.13
C GLY B 306 -22.09 -2.01 -17.21
N ASP B 307 -20.85 -1.66 -16.86
CA ASP B 307 -19.80 -1.51 -17.85
C ASP B 307 -19.47 -2.87 -18.48
N THR B 308 -18.65 -2.83 -19.52
CA THR B 308 -18.14 -4.04 -20.16
C THR B 308 -16.63 -4.06 -20.02
N LEU B 309 -16.11 -5.13 -19.40
CA LEU B 309 -14.68 -5.36 -19.30
C LEU B 309 -14.31 -6.39 -20.37
N SER B 310 -13.57 -5.95 -21.38
CA SER B 310 -13.21 -6.79 -22.51
C SER B 310 -11.70 -6.85 -22.67
N GLY B 311 -11.22 -7.94 -23.24
CA GLY B 311 -9.80 -8.12 -23.44
C GLY B 311 -9.50 -9.50 -23.96
N THR B 312 -8.27 -9.95 -23.70
CA THR B 312 -7.84 -11.25 -24.19
C THR B 312 -6.82 -11.85 -23.24
N CYS B 313 -7.08 -13.07 -22.80
CA CYS B 313 -6.12 -13.86 -22.04
C CYS B 313 -5.43 -14.80 -23.03
N LEU B 314 -4.14 -14.59 -23.25
CA LEU B 314 -3.34 -15.38 -24.17
C LEU B 314 -2.35 -16.23 -23.39
N LEU B 315 -2.32 -17.53 -23.71
CA LEU B 315 -1.43 -18.48 -23.04
C LEU B 315 -0.48 -19.04 -24.10
N ILE B 316 0.81 -18.76 -23.93
CA ILE B 316 1.85 -19.24 -24.84
C ILE B 316 2.68 -20.28 -24.10
N ALA B 317 2.75 -21.49 -24.65
CA ALA B 317 3.50 -22.57 -24.00
C ALA B 317 4.99 -22.30 -24.09
N ASN B 318 5.71 -22.76 -23.06
CA ASN B 318 7.16 -22.58 -22.98
C ASN B 318 7.84 -23.92 -22.72
N LYS B 319 9.17 -23.90 -22.77
CA LYS B 319 9.97 -25.10 -22.59
C LYS B 319 9.99 -25.58 -21.14
N ARG B 320 9.48 -24.79 -20.19
CA ARG B 320 9.44 -25.19 -18.79
C ARG B 320 8.14 -25.90 -18.42
N GLN B 321 7.47 -26.53 -19.39
CA GLN B 321 6.28 -27.33 -19.11
C GLN B 321 5.20 -26.49 -18.44
N SER B 322 5.10 -25.23 -18.85
CA SER B 322 4.11 -24.32 -18.32
C SER B 322 3.78 -23.31 -19.40
N TYR B 323 3.24 -22.16 -19.01
CA TYR B 323 2.75 -21.17 -19.97
C TYR B 323 3.16 -19.77 -19.53
N ASP B 324 3.48 -18.93 -20.52
CA ASP B 324 3.56 -17.50 -20.32
C ASP B 324 2.16 -16.92 -20.54
N ILE B 325 1.62 -16.28 -19.51
CA ILE B 325 0.25 -15.76 -19.53
C ILE B 325 0.29 -14.28 -19.87
N SER B 326 -0.57 -13.87 -20.80
CA SER B 326 -0.75 -12.47 -21.15
C SER B 326 -2.21 -12.11 -20.96
N ILE B 327 -2.48 -11.16 -20.08
CA ILE B 327 -3.84 -10.70 -19.81
C ILE B 327 -3.88 -9.19 -20.07
N VAL B 328 -4.62 -8.79 -21.11
CA VAL B 328 -4.91 -7.40 -21.39
C VAL B 328 -6.39 -7.19 -21.12
N ALA B 329 -6.71 -6.25 -20.24
CA ALA B 329 -8.08 -5.98 -19.82
C ALA B 329 -8.38 -4.50 -19.98
N GLN B 330 -9.61 -4.19 -20.38
CA GLN B 330 -9.97 -2.83 -20.75
C GLN B 330 -11.41 -2.55 -20.37
N VAL B 331 -11.62 -1.50 -19.58
CA VAL B 331 -12.96 -1.00 -19.28
C VAL B 331 -13.41 -0.16 -20.48
N ASP B 332 -14.37 -0.68 -21.24
CA ASP B 332 -14.74 -0.03 -22.50
C ASP B 332 -15.26 1.38 -22.26
N GLN B 333 -16.01 1.60 -21.18
CA GLN B 333 -16.68 2.88 -20.96
C GLN B 333 -15.70 4.01 -20.67
N THR B 334 -14.45 3.71 -20.29
CA THR B 334 -13.47 4.74 -19.97
C THR B 334 -12.15 4.57 -20.70
N GLY B 335 -11.93 3.45 -21.38
CA GLY B 335 -10.64 3.22 -22.01
C GLY B 335 -9.52 2.90 -21.04
N SER B 336 -9.84 2.58 -19.80
CA SER B 336 -8.83 2.17 -18.84
C SER B 336 -8.31 0.78 -19.22
N LYS B 337 -7.02 0.69 -19.52
CA LYS B 337 -6.40 -0.54 -20.02
C LYS B 337 -5.39 -1.05 -19.02
N SER B 338 -5.24 -2.37 -18.97
CA SER B 338 -4.26 -3.02 -18.10
C SER B 338 -3.62 -4.18 -18.85
N SER B 339 -2.30 -4.12 -19.02
CA SER B 339 -1.54 -5.17 -19.68
C SER B 339 -0.65 -5.87 -18.66
N ASN B 340 -0.62 -7.21 -18.73
CA ASN B 340 0.05 -7.99 -17.71
C ASN B 340 0.71 -9.22 -18.32
N LEU B 341 1.85 -9.59 -17.75
CA LEU B 341 2.58 -10.80 -18.11
C LEU B 341 2.79 -11.62 -16.84
N LEU B 342 2.37 -12.87 -16.87
CA LEU B 342 2.47 -13.75 -15.72
C LEU B 342 3.11 -15.07 -16.14
N ASP B 343 3.77 -15.71 -15.18
N ASP B 343 3.78 -15.70 -15.18
CA ASP B 343 4.52 -16.94 -15.41
CA ASP B 343 4.52 -16.94 -15.41
C ASP B 343 3.85 -18.04 -14.59
C ASP B 343 3.86 -18.04 -14.60
N LEU B 344 3.05 -18.87 -15.27
CA LEU B 344 2.28 -19.90 -14.58
C LEU B 344 3.18 -20.84 -13.77
N LYS B 345 4.43 -21.04 -14.20
CA LYS B 345 5.30 -21.99 -13.52
C LYS B 345 5.79 -21.48 -12.17
N ASN B 346 5.66 -20.19 -11.88
CA ASN B 346 6.19 -19.59 -10.66
C ASN B 346 5.06 -18.95 -9.86
N PRO B 347 4.09 -19.74 -9.40
CA PRO B 347 2.96 -19.20 -8.66
C PRO B 347 3.36 -18.88 -7.21
N PHE B 348 2.46 -18.18 -6.53
CA PHE B 348 2.58 -17.89 -5.11
C PHE B 348 1.47 -18.65 -4.39
N PHE B 349 1.84 -19.65 -3.60
CA PHE B 349 0.86 -20.48 -2.89
C PHE B 349 0.50 -19.78 -1.59
N ARG B 350 -0.67 -19.15 -1.56
CA ARG B 350 -1.08 -18.29 -0.46
C ARG B 350 -1.93 -18.98 0.58
N TYR B 351 -2.55 -20.11 0.24
CA TYR B 351 -3.48 -20.76 1.16
C TYR B 351 -2.80 -21.08 2.49
N THR B 352 -3.59 -21.00 3.56
CA THR B 352 -3.14 -21.28 4.90
C THR B 352 -4.21 -22.03 5.68
N SER C 10 -3.40 43.46 -17.87
CA SER C 10 -4.22 42.42 -18.50
C SER C 10 -5.62 42.41 -17.94
N VAL C 11 -6.54 41.77 -18.67
CA VAL C 11 -7.94 41.74 -18.26
C VAL C 11 -8.08 41.05 -16.90
N PHE C 12 -7.29 40.00 -16.68
CA PHE C 12 -7.39 39.26 -15.42
C PHE C 12 -6.88 40.09 -14.25
N SER C 13 -5.69 40.68 -14.39
CA SER C 13 -5.12 41.44 -13.28
C SER C 13 -6.04 42.60 -12.88
N GLU C 14 -6.66 43.26 -13.86
CA GLU C 14 -7.48 44.43 -13.57
C GLU C 14 -8.72 44.06 -12.76
N ARG C 15 -9.27 42.87 -12.96
CA ARG C 15 -10.51 42.47 -12.32
C ARG C 15 -10.28 41.57 -11.10
N THR C 16 -9.03 41.36 -10.69
CA THR C 16 -8.72 40.45 -9.59
C THR C 16 -7.68 41.05 -8.67
N GLU C 17 -7.94 40.99 -7.37
CA GLU C 17 -6.93 41.33 -6.38
C GLU C 17 -5.79 40.30 -6.41
N GLU C 18 -4.61 40.74 -5.95
CA GLU C 18 -3.45 39.86 -6.00
C GLU C 18 -3.54 38.76 -4.94
N SER C 19 -3.94 39.11 -3.71
CA SER C 19 -4.06 38.10 -2.67
C SER C 19 -5.05 37.02 -3.06
N SER C 20 -6.08 37.37 -3.82
CA SER C 20 -7.01 36.35 -4.30
C SER C 20 -6.37 35.47 -5.35
N ALA C 21 -5.64 36.07 -6.30
CA ALA C 21 -5.01 35.28 -7.36
C ALA C 21 -3.98 34.31 -6.79
N VAL C 22 -3.21 34.76 -5.79
CA VAL C 22 -2.19 33.90 -5.18
C VAL C 22 -2.84 32.71 -4.52
N GLN C 23 -3.74 32.97 -3.57
CA GLN C 23 -4.45 31.90 -2.87
C GLN C 23 -5.17 30.98 -3.85
N TYR C 24 -5.69 31.54 -4.94
CA TYR C 24 -6.49 30.77 -5.89
C TYR C 24 -5.62 29.77 -6.64
N PHE C 25 -4.61 30.26 -7.37
CA PHE C 25 -3.79 29.36 -8.18
C PHE C 25 -2.88 28.48 -7.32
N GLN C 26 -2.58 28.90 -6.09
CA GLN C 26 -1.84 28.01 -5.18
C GLN C 26 -2.67 26.77 -4.88
N PHE C 27 -3.95 26.97 -4.54
CA PHE C 27 -4.85 25.84 -4.33
C PHE C 27 -4.72 24.82 -5.46
N TYR C 28 -4.70 25.30 -6.69
CA TYR C 28 -4.76 24.45 -7.87
C TYR C 28 -3.41 23.87 -8.27
N GLY C 29 -2.33 24.27 -7.61
CA GLY C 29 -1.03 23.69 -7.85
C GLY C 29 -0.80 22.35 -7.18
N TYR C 30 -1.76 21.90 -6.38
CA TYR C 30 -1.63 20.65 -5.64
C TYR C 30 -2.23 19.50 -6.43
N LEU C 31 -1.45 18.43 -6.63
CA LEU C 31 -1.97 17.23 -7.27
C LEU C 31 -3.15 16.65 -6.50
N SER C 32 -3.19 16.84 -5.18
CA SER C 32 -4.30 16.31 -4.39
C SER C 32 -5.62 16.95 -4.81
N GLN C 33 -5.59 18.21 -5.25
CA GLN C 33 -6.82 18.86 -5.72
C GLN C 33 -7.20 18.37 -7.11
N GLN C 34 -6.23 18.21 -8.00
CA GLN C 34 -6.50 17.56 -9.28
C GLN C 34 -7.15 16.21 -9.05
N GLN C 35 -6.51 15.36 -8.25
CA GLN C 35 -7.03 14.03 -7.95
C GLN C 35 -8.50 14.08 -7.56
N ASN C 36 -8.85 14.93 -6.59
CA ASN C 36 -10.24 15.02 -6.16
C ASN C 36 -11.15 15.34 -7.34
N MET C 37 -10.74 16.28 -8.20
CA MET C 37 -11.53 16.61 -9.37
C MET C 37 -11.59 15.44 -10.34
N MET C 38 -10.46 14.75 -10.54
CA MET C 38 -10.41 13.67 -11.50
C MET C 38 -11.20 12.46 -11.04
N GLN C 39 -11.23 12.20 -9.73
CA GLN C 39 -11.96 11.05 -9.20
C GLN C 39 -13.48 11.27 -9.20
N ASP C 40 -13.95 12.50 -9.42
CA ASP C 40 -15.36 12.75 -9.66
C ASP C 40 -15.77 12.02 -10.94
N TYR C 41 -16.31 10.81 -10.82
CA TYR C 41 -16.54 9.98 -11.99
C TYR C 41 -17.53 10.65 -12.94
N VAL C 42 -18.63 11.19 -12.41
CA VAL C 42 -19.58 11.93 -13.24
C VAL C 42 -18.86 13.01 -14.03
N ARG C 43 -18.04 13.81 -13.33
CA ARG C 43 -17.36 14.93 -13.97
C ARG C 43 -16.40 14.44 -15.04
N THR C 44 -15.42 13.63 -14.65
CA THR C 44 -14.40 13.16 -15.59
C THR C 44 -14.99 12.21 -16.62
N GLY C 45 -15.99 11.42 -16.24
CA GLY C 45 -16.61 10.52 -17.19
C GLY C 45 -17.41 11.25 -18.25
N THR C 46 -18.18 12.26 -17.85
CA THR C 46 -19.01 12.97 -18.82
C THR C 46 -18.15 13.80 -19.78
N TYR C 47 -17.06 14.39 -19.28
CA TYR C 47 -16.16 15.13 -20.17
C TYR C 47 -15.53 14.19 -21.19
N GLN C 48 -15.23 12.94 -20.80
CA GLN C 48 -14.65 11.99 -21.75
C GLN C 48 -15.67 11.53 -22.77
N ARG C 49 -16.90 11.23 -22.33
CA ARG C 49 -17.96 10.89 -23.26
C ARG C 49 -18.20 12.03 -24.24
N ALA C 50 -18.33 13.25 -23.73
CA ALA C 50 -18.67 14.39 -24.59
C ALA C 50 -17.66 14.54 -25.71
N ILE C 51 -16.37 14.35 -25.42
CA ILE C 51 -15.33 14.62 -26.40
C ILE C 51 -15.19 13.47 -27.38
N LEU C 52 -15.12 12.24 -26.86
CA LEU C 52 -14.83 11.09 -27.71
C LEU C 52 -16.01 10.77 -28.62
N GLN C 53 -17.24 10.93 -28.13
CA GLN C 53 -18.41 10.64 -28.94
C GLN C 53 -18.65 11.68 -30.03
N ASN C 54 -18.07 12.87 -29.89
CA ASN C 54 -18.14 13.88 -30.94
C ASN C 54 -16.78 14.00 -31.62
N HIS C 55 -16.20 12.85 -31.97
CA HIS C 55 -14.84 12.82 -32.51
C HIS C 55 -14.69 13.75 -33.71
N THR C 56 -15.71 13.83 -34.55
CA THR C 56 -15.61 14.71 -35.72
C THR C 56 -15.42 16.17 -35.34
N ASP C 57 -15.76 16.53 -34.10
CA ASP C 57 -15.52 17.88 -33.60
C ASP C 57 -14.09 18.07 -33.13
N PHE C 58 -13.25 17.03 -33.21
CA PHE C 58 -11.87 17.12 -32.77
C PHE C 58 -10.91 16.51 -33.79
N LYS C 59 -11.38 15.52 -34.55
CA LYS C 59 -10.53 14.85 -35.52
C LYS C 59 -9.81 15.84 -36.41
N ASP C 60 -8.48 15.93 -36.26
CA ASP C 60 -7.61 16.78 -37.07
C ASP C 60 -7.86 18.26 -36.86
N LYS C 61 -8.49 18.65 -35.76
CA LYS C 61 -8.80 20.04 -35.46
C LYS C 61 -7.76 20.65 -34.53
N ILE C 62 -7.85 21.98 -34.37
CA ILE C 62 -6.99 22.73 -33.46
C ILE C 62 -7.80 23.05 -32.21
N VAL C 63 -7.25 22.73 -31.04
CA VAL C 63 -7.98 22.82 -29.79
C VAL C 63 -7.25 23.75 -28.82
N LEU C 64 -8.03 24.39 -27.96
CA LEU C 64 -7.51 25.15 -26.83
C LEU C 64 -8.13 24.62 -25.55
N ASP C 65 -7.30 24.39 -24.53
CA ASP C 65 -7.73 23.90 -23.23
C ASP C 65 -7.45 24.99 -22.21
N VAL C 66 -8.50 25.65 -21.74
CA VAL C 66 -8.38 26.78 -20.81
C VAL C 66 -8.39 26.24 -19.39
N GLY C 67 -7.26 26.36 -18.70
CA GLY C 67 -7.15 25.83 -17.35
C GLY C 67 -7.07 24.32 -17.34
N CYS C 68 -6.15 23.77 -18.13
CA CYS C 68 -6.08 22.32 -18.32
C CYS C 68 -5.70 21.58 -17.06
N GLY C 69 -5.19 22.28 -16.04
CA GLY C 69 -4.73 21.62 -14.82
C GLY C 69 -3.76 20.50 -15.10
N SER C 70 -4.13 19.27 -14.76
CA SER C 70 -3.28 18.12 -15.07
C SER C 70 -3.16 17.89 -16.57
N GLY C 71 -4.14 18.37 -17.35
CA GLY C 71 -4.18 18.13 -18.77
C GLY C 71 -5.10 17.04 -19.22
N ILE C 72 -5.93 16.50 -18.33
CA ILE C 72 -6.75 15.34 -18.67
C ILE C 72 -7.60 15.64 -19.90
N LEU C 73 -8.22 16.82 -19.94
CA LEU C 73 -9.10 17.14 -21.06
C LEU C 73 -8.34 17.12 -22.38
N SER C 74 -7.11 17.61 -22.39
CA SER C 74 -6.34 17.62 -23.63
C SER C 74 -6.02 16.19 -24.08
N PHE C 75 -5.79 15.27 -23.15
CA PHE C 75 -5.57 13.89 -23.54
C PHE C 75 -6.82 13.29 -24.16
N PHE C 76 -8.00 13.67 -23.65
CA PHE C 76 -9.24 13.30 -24.32
C PHE C 76 -9.29 13.87 -25.73
N ALA C 77 -8.98 15.15 -25.87
CA ALA C 77 -8.94 15.76 -27.19
C ALA C 77 -7.94 15.04 -28.09
N ALA C 78 -6.80 14.62 -27.53
CA ALA C 78 -5.83 13.87 -28.32
C ALA C 78 -6.37 12.49 -28.68
N GLN C 79 -7.04 11.82 -27.74
CA GLN C 79 -7.67 10.54 -28.06
C GLN C 79 -8.67 10.69 -29.19
N ALA C 80 -9.48 11.75 -29.15
CA ALA C 80 -10.45 11.99 -30.20
C ALA C 80 -9.80 12.22 -31.56
N GLY C 81 -8.52 12.61 -31.57
CA GLY C 81 -7.81 12.79 -32.82
C GLY C 81 -7.56 14.24 -33.18
N ALA C 82 -7.37 15.09 -32.19
CA ALA C 82 -7.08 16.50 -32.45
C ALA C 82 -5.65 16.65 -32.98
N ARG C 83 -5.52 17.44 -34.05
CA ARG C 83 -4.20 17.61 -34.67
C ARG C 83 -3.24 18.36 -33.75
N LYS C 84 -3.75 19.34 -33.01
CA LYS C 84 -2.91 20.08 -32.07
C LYS C 84 -3.78 20.68 -30.98
N ILE C 85 -3.28 20.61 -29.74
CA ILE C 85 -3.98 21.14 -28.57
C ILE C 85 -3.06 22.10 -27.86
N TYR C 86 -3.56 23.31 -27.59
CA TYR C 86 -2.87 24.27 -26.75
C TYR C 86 -3.49 24.20 -25.36
N ALA C 87 -2.67 23.87 -24.36
CA ALA C 87 -3.13 23.64 -23.01
C ALA C 87 -2.63 24.77 -22.12
N VAL C 88 -3.54 25.64 -21.71
CA VAL C 88 -3.22 26.83 -20.93
C VAL C 88 -3.53 26.56 -19.47
N GLU C 89 -2.58 26.87 -18.59
CA GLU C 89 -2.77 26.69 -17.15
C GLU C 89 -1.91 27.72 -16.43
N ALA C 90 -2.51 28.42 -15.48
CA ALA C 90 -1.85 29.52 -14.80
C ALA C 90 -1.15 29.09 -13.51
N SER C 91 -1.51 27.94 -12.94
CA SER C 91 -0.92 27.49 -11.70
C SER C 91 0.38 26.74 -11.97
N THR C 92 1.03 26.27 -10.90
CA THR C 92 2.22 25.45 -11.05
C THR C 92 1.87 24.05 -11.54
N MET C 93 0.59 23.71 -11.62
CA MET C 93 0.18 22.43 -12.18
C MET C 93 0.56 22.31 -13.65
N ALA C 94 0.78 23.43 -14.34
CA ALA C 94 1.22 23.37 -15.73
C ALA C 94 2.53 22.62 -15.85
N GLN C 95 3.37 22.64 -14.81
CA GLN C 95 4.61 21.89 -14.85
C GLN C 95 4.35 20.39 -14.88
N HIS C 96 3.38 19.92 -14.08
CA HIS C 96 3.06 18.49 -14.08
C HIS C 96 2.44 18.07 -15.41
N ALA C 97 1.57 18.91 -15.98
CA ALA C 97 0.99 18.59 -17.28
C ALA C 97 2.06 18.38 -18.34
N GLU C 98 3.09 19.24 -18.33
CA GLU C 98 4.23 19.03 -19.22
C GLU C 98 4.76 17.61 -19.10
N VAL C 99 4.96 17.15 -17.85
CA VAL C 99 5.47 15.80 -17.62
C VAL C 99 4.57 14.77 -18.29
N LEU C 100 3.26 14.86 -18.05
CA LEU C 100 2.35 13.88 -18.62
C LEU C 100 2.37 13.91 -20.14
N VAL C 101 2.52 15.10 -20.73
CA VAL C 101 2.63 15.18 -22.19
C VAL C 101 3.83 14.40 -22.67
N LYS C 102 4.97 14.55 -21.99
CA LYS C 102 6.19 13.83 -22.37
C LYS C 102 6.02 12.33 -22.15
N SER C 103 5.64 11.94 -20.92
CA SER C 103 5.55 10.52 -20.61
C SER C 103 4.54 9.81 -21.49
N ASN C 104 3.51 10.53 -21.94
CA ASN C 104 2.49 9.96 -22.82
C ASN C 104 2.82 10.13 -24.29
N ASN C 105 4.04 10.56 -24.60
CA ASN C 105 4.53 10.67 -25.99
C ASN C 105 3.54 11.45 -26.85
N LEU C 106 3.29 12.70 -26.43
CA LEU C 106 2.39 13.59 -27.16
C LEU C 106 2.98 15.00 -27.29
N THR C 107 4.30 15.14 -27.22
CA THR C 107 4.91 16.46 -27.36
C THR C 107 4.62 17.10 -28.70
N ASP C 108 4.24 16.30 -29.70
CA ASP C 108 3.92 16.81 -31.03
C ASP C 108 2.46 17.23 -31.16
N ARG C 109 1.60 16.83 -30.23
CA ARG C 109 0.18 17.11 -30.29
C ARG C 109 -0.30 18.08 -29.23
N ILE C 110 0.32 18.08 -28.05
CA ILE C 110 -0.07 18.97 -26.96
C ILE C 110 1.16 19.77 -26.55
N VAL C 111 0.98 21.08 -26.41
CA VAL C 111 2.02 21.97 -25.88
C VAL C 111 1.41 22.73 -24.72
N VAL C 112 1.96 22.54 -23.53
CA VAL C 112 1.47 23.23 -22.34
C VAL C 112 2.01 24.66 -22.34
N ILE C 113 1.13 25.64 -22.25
CA ILE C 113 1.49 27.04 -22.15
C ILE C 113 1.21 27.48 -20.71
N PRO C 114 2.23 27.56 -19.85
CA PRO C 114 1.96 27.99 -18.47
C PRO C 114 1.65 29.48 -18.42
N GLY C 115 0.52 29.82 -17.82
CA GLY C 115 0.14 31.20 -17.65
C GLY C 115 -1.37 31.37 -17.73
N LYS C 116 -1.81 32.59 -17.41
CA LYS C 116 -3.22 32.94 -17.47
C LYS C 116 -3.63 33.16 -18.91
N VAL C 117 -4.78 32.61 -19.30
CA VAL C 117 -5.19 32.66 -20.70
C VAL C 117 -5.42 34.08 -21.18
N GLU C 118 -5.59 35.03 -20.26
CA GLU C 118 -5.70 36.44 -20.62
C GLU C 118 -4.36 37.09 -20.89
N GLU C 119 -3.26 36.34 -20.79
CA GLU C 119 -1.92 36.92 -20.88
C GLU C 119 -0.97 36.15 -21.79
N VAL C 120 -1.31 34.94 -22.23
CA VAL C 120 -0.40 34.14 -23.03
C VAL C 120 -0.64 34.43 -24.52
N SER C 121 0.34 34.07 -25.33
CA SER C 121 0.28 34.22 -26.77
C SER C 121 0.01 32.86 -27.42
N LEU C 122 -0.86 32.82 -28.44
CA LEU C 122 -1.18 31.59 -29.16
C LEU C 122 -0.69 31.72 -30.59
N PRO C 123 0.14 30.78 -31.07
CA PRO C 123 0.60 30.87 -32.47
C PRO C 123 -0.51 31.04 -33.49
N GLU C 124 -1.64 30.33 -33.34
CA GLU C 124 -2.69 30.34 -34.35
C GLU C 124 -4.05 30.25 -33.67
N GLN C 125 -5.10 30.50 -34.47
CA GLN C 125 -6.46 30.37 -34.00
C GLN C 125 -6.86 28.90 -33.88
N VAL C 126 -8.02 28.65 -33.27
CA VAL C 126 -8.43 27.30 -32.93
C VAL C 126 -9.83 27.02 -33.47
N ASP C 127 -10.13 25.73 -33.60
CA ASP C 127 -11.44 25.28 -34.08
C ASP C 127 -12.43 25.01 -32.96
N ILE C 128 -11.97 24.83 -31.73
CA ILE C 128 -12.84 24.48 -30.62
C ILE C 128 -12.09 24.67 -29.31
N ILE C 129 -12.71 25.32 -28.35
CA ILE C 129 -12.15 25.49 -27.02
C ILE C 129 -12.82 24.51 -26.07
N ILE C 130 -12.02 23.86 -25.25
CA ILE C 130 -12.52 22.97 -24.20
C ILE C 130 -12.02 23.50 -22.87
N SER C 131 -12.82 23.29 -21.82
CA SER C 131 -12.48 23.81 -20.50
C SER C 131 -13.49 23.27 -19.50
N GLU C 132 -13.15 23.42 -18.23
CA GLU C 132 -14.05 23.14 -17.11
C GLU C 132 -14.03 24.38 -16.22
N PRO C 133 -14.76 25.43 -16.61
CA PRO C 133 -14.75 26.68 -15.84
C PRO C 133 -15.85 26.80 -14.79
N MET C 134 -16.69 25.78 -14.62
CA MET C 134 -17.78 25.85 -13.67
C MET C 134 -17.26 25.74 -12.23
N GLY C 135 -17.62 26.71 -11.40
CA GLY C 135 -17.46 26.61 -9.96
C GLY C 135 -18.76 26.17 -9.32
N TYR C 136 -18.76 26.11 -7.98
CA TYR C 136 -20.02 25.85 -7.29
C TYR C 136 -20.94 27.05 -7.47
N MET C 137 -22.25 26.77 -7.50
CA MET C 137 -23.24 27.73 -7.98
C MET C 137 -22.91 28.21 -9.39
N LEU C 138 -22.05 27.45 -10.09
CA LEU C 138 -21.62 27.73 -11.46
C LEU C 138 -20.63 28.87 -11.57
N PHE C 139 -20.95 30.03 -10.98
CA PHE C 139 -20.25 31.27 -11.30
C PHE C 139 -19.04 31.55 -10.42
N ASN C 140 -18.93 30.90 -9.25
CA ASN C 140 -17.78 31.15 -8.40
C ASN C 140 -16.49 30.98 -9.19
N GLU C 141 -15.45 31.71 -8.77
CA GLU C 141 -14.13 31.68 -9.40
C GLU C 141 -14.06 32.64 -10.59
N ARG C 142 -15.21 32.96 -11.17
CA ARG C 142 -15.29 33.83 -12.34
C ARG C 142 -14.47 33.29 -13.50
N MET C 143 -14.35 31.97 -13.59
CA MET C 143 -13.60 31.39 -14.71
C MET C 143 -14.38 31.41 -16.01
N LEU C 144 -15.71 31.51 -15.94
CA LEU C 144 -16.48 31.63 -17.18
C LEU C 144 -16.04 32.85 -17.97
N GLU C 145 -15.63 33.91 -17.28
CA GLU C 145 -15.14 35.10 -18.00
C GLU C 145 -13.84 34.79 -18.72
N SER C 146 -12.92 34.06 -18.07
CA SER C 146 -11.71 33.62 -18.76
C SER C 146 -12.05 32.70 -19.92
N TYR C 147 -13.02 31.80 -19.73
CA TYR C 147 -13.49 30.94 -20.81
C TYR C 147 -13.98 31.77 -21.98
N LEU C 148 -14.83 32.77 -21.71
CA LEU C 148 -15.34 33.62 -22.78
C LEU C 148 -14.24 34.49 -23.35
N HIS C 149 -13.33 34.98 -22.50
CA HIS C 149 -12.21 35.78 -22.98
C HIS C 149 -11.37 35.02 -24.01
N ALA C 150 -11.29 33.69 -23.89
CA ALA C 150 -10.47 32.91 -24.80
C ALA C 150 -11.07 32.82 -26.20
N LYS C 151 -12.29 33.32 -26.40
CA LYS C 151 -12.88 33.29 -27.73
C LYS C 151 -12.20 34.23 -28.71
N LYS C 152 -11.24 35.03 -28.25
CA LYS C 152 -10.41 35.79 -29.18
C LYS C 152 -9.53 34.89 -30.03
N TYR C 153 -9.27 33.66 -29.57
CA TYR C 153 -8.52 32.66 -30.34
C TYR C 153 -9.43 31.74 -31.13
N LEU C 154 -10.74 31.90 -31.04
CA LEU C 154 -11.68 30.98 -31.66
C LEU C 154 -12.02 31.47 -33.07
N LYS C 155 -12.21 30.52 -33.97
CA LYS C 155 -12.57 30.82 -35.34
C LYS C 155 -14.07 31.10 -35.45
N PRO C 156 -14.50 31.75 -36.54
CA PRO C 156 -15.95 32.03 -36.69
C PRO C 156 -16.80 30.77 -36.63
N SER C 157 -16.38 29.70 -37.28
CA SER C 157 -17.09 28.43 -37.24
C SER C 157 -16.78 27.64 -35.96
N GLY C 158 -16.05 28.22 -35.02
CA GLY C 158 -15.59 27.48 -33.88
C GLY C 158 -16.71 27.06 -32.94
N ASN C 159 -16.40 26.10 -32.09
CA ASN C 159 -17.33 25.58 -31.10
C ASN C 159 -16.75 25.75 -29.70
N MET C 160 -17.60 25.57 -28.70
CA MET C 160 -17.23 25.62 -27.28
C MET C 160 -17.70 24.34 -26.61
N PHE C 161 -16.87 23.78 -25.75
CA PHE C 161 -17.17 22.55 -25.03
C PHE C 161 -16.80 22.76 -23.56
N PRO C 162 -17.76 23.06 -22.68
CA PRO C 162 -19.23 23.10 -22.89
C PRO C 162 -19.72 24.27 -23.73
N THR C 163 -20.91 24.11 -24.29
CA THR C 163 -21.51 25.07 -25.19
C THR C 163 -22.43 26.05 -24.46
N ILE C 164 -23.17 25.58 -23.48
CA ILE C 164 -24.08 26.41 -22.70
C ILE C 164 -24.10 25.93 -21.26
N GLY C 165 -24.26 26.87 -20.35
CA GLY C 165 -24.46 26.55 -18.94
C GLY C 165 -25.82 27.00 -18.45
N ASP C 166 -26.52 26.12 -17.74
CA ASP C 166 -27.83 26.41 -17.18
C ASP C 166 -27.75 26.37 -15.66
N VAL C 167 -28.14 27.46 -15.01
CA VAL C 167 -28.23 27.51 -13.56
C VAL C 167 -29.70 27.42 -13.17
N HIS C 168 -29.99 26.61 -12.15
CA HIS C 168 -31.36 26.35 -11.73
C HIS C 168 -31.60 26.91 -10.34
N LEU C 169 -32.67 27.68 -10.19
CA LEU C 169 -33.10 28.23 -8.90
C LEU C 169 -34.46 27.65 -8.54
N ALA C 170 -34.62 27.30 -7.26
CA ALA C 170 -35.91 26.78 -6.81
C ALA C 170 -36.02 27.01 -5.31
N PRO C 171 -37.18 27.42 -4.79
CA PRO C 171 -37.31 27.62 -3.35
C PRO C 171 -37.39 26.30 -2.61
N PHE C 172 -36.93 26.30 -1.36
CA PHE C 172 -36.89 25.11 -0.55
C PHE C 172 -37.41 25.40 0.85
N THR C 173 -37.87 24.34 1.51
CA THR C 173 -38.23 24.37 2.91
C THR C 173 -37.25 23.47 3.67
N ASP C 174 -36.76 23.95 4.80
CA ASP C 174 -35.78 23.23 5.60
C ASP C 174 -35.68 23.87 6.98
N GLU C 175 -36.61 23.53 7.87
CA GLU C 175 -36.68 24.21 9.16
C GLU C 175 -35.41 24.03 9.96
N GLN C 176 -34.81 22.83 9.91
CA GLN C 176 -33.61 22.59 10.73
C GLN C 176 -32.47 23.49 10.31
N LEU C 177 -32.23 23.61 9.00
CA LEU C 177 -31.14 24.44 8.51
C LEU C 177 -31.29 25.89 9.01
N TYR C 178 -32.51 26.43 8.90
CA TYR C 178 -32.75 27.80 9.36
C TYR C 178 -32.55 27.91 10.86
N MET C 179 -33.24 27.07 11.63
CA MET C 179 -33.07 27.07 13.09
C MET C 179 -31.61 26.87 13.49
N GLU C 180 -30.82 26.23 12.61
CA GLU C 180 -29.43 25.93 12.93
C GLU C 180 -28.61 27.20 13.15
N GLN C 181 -28.90 28.24 12.35
CA GLN C 181 -28.12 29.47 12.43
C GLN C 181 -28.21 30.09 13.81
N PHE C 182 -29.41 30.14 14.39
CA PHE C 182 -29.57 30.77 15.68
C PHE C 182 -29.01 29.89 16.80
N THR C 183 -29.14 28.58 16.65
CA THR C 183 -28.50 27.66 17.60
C THR C 183 -27.00 27.92 17.68
N LYS C 184 -26.34 28.10 16.53
CA LYS C 184 -24.91 28.38 16.54
C LYS C 184 -24.65 29.77 17.15
N ALA C 185 -25.43 30.77 16.74
CA ALA C 185 -25.20 32.12 17.23
C ALA C 185 -25.58 32.30 18.69
N ASN C 186 -26.48 31.45 19.20
CA ASN C 186 -26.88 31.54 20.60
C ASN C 186 -25.75 31.23 21.57
N PHE C 187 -24.61 30.75 21.07
CA PHE C 187 -23.44 30.61 21.92
C PHE C 187 -23.12 31.92 22.63
N TRP C 188 -23.22 33.03 21.89
CA TRP C 188 -22.92 34.34 22.46
C TRP C 188 -24.02 34.85 23.38
N TYR C 189 -25.21 34.25 23.35
CA TYR C 189 -26.30 34.71 24.20
C TYR C 189 -26.22 34.00 25.54
N GLN C 190 -25.27 34.44 26.36
CA GLN C 190 -25.24 34.03 27.76
C GLN C 190 -24.62 35.12 28.60
N PRO C 191 -25.07 35.28 29.85
CA PRO C 191 -24.63 36.43 30.65
C PRO C 191 -23.27 36.26 31.28
N SER C 192 -22.79 35.03 31.47
CA SER C 192 -21.51 34.78 32.12
C SER C 192 -20.83 33.59 31.44
N PHE C 193 -20.15 33.87 30.33
CA PHE C 193 -19.19 32.94 29.75
C PHE C 193 -17.87 33.20 30.45
N HIS C 194 -17.52 32.34 31.41
CA HIS C 194 -16.32 32.54 32.24
C HIS C 194 -16.33 33.95 32.84
N GLY C 195 -17.52 34.40 33.24
CA GLY C 195 -17.69 35.71 33.84
C GLY C 195 -17.90 36.84 32.86
N VAL C 196 -18.01 36.56 31.56
CA VAL C 196 -18.12 37.59 30.54
C VAL C 196 -19.49 37.49 29.88
N ASP C 197 -20.26 38.57 29.94
CA ASP C 197 -21.50 38.65 29.20
C ASP C 197 -21.20 38.85 27.71
N LEU C 198 -21.61 37.88 26.90
CA LEU C 198 -21.29 37.88 25.48
C LEU C 198 -22.47 38.26 24.60
N SER C 199 -23.64 38.53 25.20
CA SER C 199 -24.87 38.60 24.42
C SER C 199 -24.86 39.76 23.42
N ALA C 200 -24.09 40.81 23.69
CA ALA C 200 -24.08 41.96 22.78
C ALA C 200 -23.61 41.60 21.37
N LEU C 201 -23.02 40.42 21.18
CA LEU C 201 -22.50 40.01 19.89
C LEU C 201 -23.38 38.97 19.20
N ARG C 202 -24.42 38.48 19.86
CA ARG C 202 -25.24 37.43 19.25
C ARG C 202 -25.78 37.85 17.91
N GLY C 203 -26.11 39.14 17.74
CA GLY C 203 -26.68 39.59 16.48
C GLY C 203 -25.66 39.63 15.36
N ALA C 204 -24.43 40.03 15.67
CA ALA C 204 -23.39 40.00 14.65
C ALA C 204 -23.08 38.56 14.23
N ALA C 205 -23.16 37.62 15.16
CA ALA C 205 -22.93 36.21 14.82
C ALA C 205 -24.04 35.68 13.93
N VAL C 206 -25.29 36.02 14.24
CA VAL C 206 -26.40 35.64 13.36
C VAL C 206 -26.12 36.11 11.95
N ASP C 207 -25.80 37.40 11.80
CA ASP C 207 -25.61 37.96 10.46
C ASP C 207 -24.40 37.37 9.76
N GLU C 208 -23.38 36.97 10.52
CA GLU C 208 -22.24 36.31 9.92
C GLU C 208 -22.64 34.99 9.28
N TYR C 209 -23.45 34.19 9.99
CA TYR C 209 -23.85 32.89 9.47
C TYR C 209 -24.75 33.02 8.25
N PHE C 210 -25.64 34.02 8.25
CA PHE C 210 -26.57 34.17 7.15
C PHE C 210 -25.91 34.68 5.89
N ARG C 211 -24.73 35.29 5.99
CA ARG C 211 -23.99 35.70 4.80
C ARG C 211 -23.24 34.56 4.13
N GLN C 212 -23.31 33.34 4.68
CA GLN C 212 -22.60 32.22 4.09
C GLN C 212 -23.55 31.39 3.24
N PRO C 213 -23.28 31.18 1.96
CA PRO C 213 -24.01 30.14 1.22
C PRO C 213 -23.69 28.78 1.79
N VAL C 214 -24.69 27.90 1.79
CA VAL C 214 -24.58 26.56 2.36
C VAL C 214 -24.35 25.59 1.22
N VAL C 215 -23.23 24.86 1.27
CA VAL C 215 -22.85 23.92 0.23
C VAL C 215 -22.98 22.51 0.81
N ASP C 216 -23.99 21.80 0.33
CA ASP C 216 -24.19 20.40 0.69
C ASP C 216 -25.27 19.84 -0.23
N THR C 217 -25.91 18.74 0.15
CA THR C 217 -26.94 18.14 -0.67
C THR C 217 -28.22 17.99 0.16
N PHE C 218 -29.31 17.71 -0.52
CA PHE C 218 -30.62 17.68 0.12
C PHE C 218 -31.54 16.79 -0.69
N ASP C 219 -32.58 16.29 -0.03
CA ASP C 219 -33.60 15.50 -0.71
C ASP C 219 -34.47 16.41 -1.57
N ILE C 220 -34.82 15.94 -2.77
CA ILE C 220 -35.51 16.79 -3.73
C ILE C 220 -36.88 17.24 -3.21
N ARG C 221 -37.44 16.53 -2.24
CA ARG C 221 -38.76 16.88 -1.75
C ARG C 221 -38.76 18.11 -0.84
N ILE C 222 -37.59 18.68 -0.52
CA ILE C 222 -37.60 19.93 0.19
C ILE C 222 -37.96 21.09 -0.74
N LEU C 223 -37.89 20.88 -2.05
CA LEU C 223 -38.26 21.90 -3.01
C LEU C 223 -39.77 21.99 -3.12
N MET C 224 -40.26 23.21 -3.42
CA MET C 224 -41.68 23.49 -3.38
C MET C 224 -42.18 24.10 -4.70
N ALA C 225 -41.33 24.17 -5.72
CA ALA C 225 -41.75 24.68 -7.01
C ALA C 225 -40.73 24.23 -8.05
N LYS C 226 -41.18 24.14 -9.30
CA LYS C 226 -40.26 23.84 -10.38
C LYS C 226 -39.18 24.92 -10.43
N SER C 227 -38.00 24.52 -10.88
CA SER C 227 -36.89 25.46 -10.88
C SER C 227 -37.03 26.45 -12.03
N VAL C 228 -36.31 27.56 -11.91
CA VAL C 228 -36.19 28.56 -12.97
C VAL C 228 -34.82 28.41 -13.61
N LYS C 229 -34.79 28.44 -14.93
CA LYS C 229 -33.57 28.20 -15.70
C LYS C 229 -33.07 29.52 -16.27
N TYR C 230 -31.85 29.88 -15.90
CA TYR C 230 -31.12 31.01 -16.48
C TYR C 230 -29.96 30.43 -17.27
N THR C 231 -29.99 30.62 -18.59
CA THR C 231 -29.03 29.99 -19.49
C THR C 231 -27.97 30.99 -19.93
N VAL C 232 -26.74 30.51 -20.00
CA VAL C 232 -25.60 31.29 -20.50
C VAL C 232 -25.04 30.54 -21.70
N ASN C 233 -25.23 31.11 -22.89
CA ASN C 233 -24.71 30.52 -24.12
C ASN C 233 -23.28 31.00 -24.31
N PHE C 234 -22.32 30.10 -24.11
CA PHE C 234 -20.92 30.50 -24.15
C PHE C 234 -20.50 30.92 -25.55
N LEU C 235 -21.15 30.39 -26.58
CA LEU C 235 -20.80 30.79 -27.94
C LEU C 235 -21.17 32.24 -28.21
N GLU C 236 -22.23 32.74 -27.59
CA GLU C 236 -22.73 34.08 -27.89
C GLU C 236 -22.41 35.11 -26.82
N ALA C 237 -22.10 34.69 -25.60
CA ALA C 237 -21.94 35.62 -24.50
C ALA C 237 -20.56 36.25 -24.48
N LYS C 238 -20.49 37.46 -23.94
CA LYS C 238 -19.24 38.19 -23.72
C LYS C 238 -18.89 38.15 -22.24
N GLU C 239 -17.60 38.31 -21.94
CA GLU C 239 -17.19 38.28 -20.54
C GLU C 239 -17.79 39.43 -19.75
N GLY C 240 -18.30 40.47 -20.43
CA GLY C 240 -18.97 41.54 -19.73
C GLY C 240 -20.36 41.17 -19.25
N ASP C 241 -21.01 40.21 -19.93
CA ASP C 241 -22.35 39.77 -19.54
C ASP C 241 -22.35 39.06 -18.20
N LEU C 242 -21.19 38.66 -17.68
CA LEU C 242 -21.11 37.96 -16.41
C LEU C 242 -20.76 38.87 -15.24
N HIS C 243 -20.40 40.13 -15.50
CA HIS C 243 -20.13 41.06 -14.42
C HIS C 243 -21.36 41.28 -13.54
N ARG C 244 -22.52 41.45 -14.17
CA ARG C 244 -23.79 41.61 -13.47
C ARG C 244 -24.76 40.59 -14.04
N ILE C 245 -25.26 39.70 -13.19
CA ILE C 245 -26.11 38.59 -13.60
C ILE C 245 -27.43 38.76 -12.87
N GLU C 246 -28.42 39.34 -13.54
CA GLU C 246 -29.75 39.51 -12.96
C GLU C 246 -30.60 38.31 -13.30
N ILE C 247 -31.06 37.61 -12.27
CA ILE C 247 -31.88 36.41 -12.44
C ILE C 247 -33.24 36.70 -11.82
N PRO C 248 -34.19 37.22 -12.59
CA PRO C 248 -35.57 37.32 -12.07
C PRO C 248 -36.21 35.95 -12.01
N PHE C 249 -37.25 35.83 -11.18
CA PHE C 249 -37.92 34.56 -11.04
C PHE C 249 -39.33 34.77 -10.51
N LYS C 250 -40.22 33.83 -10.86
CA LYS C 250 -41.59 33.82 -10.38
C LYS C 250 -41.96 32.34 -10.23
N PHE C 251 -41.90 31.83 -9.00
CA PHE C 251 -42.13 30.43 -8.73
C PHE C 251 -43.61 30.19 -8.47
N HIS C 252 -44.20 29.25 -9.21
CA HIS C 252 -45.56 28.79 -8.95
C HIS C 252 -45.48 27.70 -7.88
N MET C 253 -45.91 28.02 -6.67
CA MET C 253 -45.67 27.16 -5.51
C MET C 253 -46.51 25.89 -5.61
N LEU C 254 -45.83 24.74 -5.57
CA LEU C 254 -46.52 23.46 -5.60
C LEU C 254 -46.84 22.93 -4.22
N HIS C 255 -46.05 23.29 -3.21
CA HIS C 255 -46.29 22.82 -1.85
C HIS C 255 -46.44 24.01 -0.90
N SER C 256 -47.33 23.87 0.07
CA SER C 256 -47.56 24.89 1.07
C SER C 256 -46.60 24.70 2.24
N GLY C 257 -46.04 25.81 2.72
CA GLY C 257 -45.16 25.75 3.88
C GLY C 257 -44.30 27.00 3.96
N LEU C 258 -43.24 26.90 4.76
CA LEU C 258 -42.32 28.00 4.97
C LEU C 258 -41.19 27.92 3.97
N VAL C 259 -40.91 29.04 3.30
CA VAL C 259 -39.84 29.15 2.33
C VAL C 259 -38.63 29.72 3.04
N HIS C 260 -37.60 28.91 3.27
CA HIS C 260 -36.43 29.38 3.99
C HIS C 260 -35.32 29.88 3.06
N GLY C 261 -35.45 29.73 1.75
CA GLY C 261 -34.44 30.25 0.85
C GLY C 261 -34.55 29.62 -0.52
N LEU C 262 -33.46 29.76 -1.29
CA LEU C 262 -33.36 29.26 -2.66
C LEU C 262 -32.17 28.32 -2.78
N ALA C 263 -32.38 27.20 -3.48
CA ALA C 263 -31.35 26.22 -3.73
C ALA C 263 -30.86 26.32 -5.18
N PHE C 264 -29.57 26.09 -5.38
CA PHE C 264 -28.94 26.31 -6.69
C PHE C 264 -28.20 25.06 -7.14
N TRP C 265 -28.33 24.74 -8.43
CA TRP C 265 -27.47 23.75 -9.08
C TRP C 265 -27.31 24.17 -10.54
N PHE C 266 -26.49 23.43 -11.29
CA PHE C 266 -26.23 23.84 -12.67
C PHE C 266 -25.94 22.63 -13.55
N ASP C 267 -26.34 22.76 -14.82
CA ASP C 267 -26.04 21.82 -15.89
C ASP C 267 -25.25 22.52 -16.97
N VAL C 268 -24.35 21.77 -17.63
CA VAL C 268 -23.66 22.23 -18.81
C VAL C 268 -23.91 21.24 -19.93
N ALA C 269 -23.98 21.74 -21.16
CA ALA C 269 -24.23 20.92 -22.33
C ALA C 269 -23.07 21.06 -23.32
N PHE C 270 -22.53 19.93 -23.75
CA PHE C 270 -21.53 19.88 -24.83
C PHE C 270 -22.28 19.56 -26.11
N ILE C 271 -22.53 20.57 -26.93
CA ILE C 271 -23.35 20.44 -28.13
C ILE C 271 -22.40 20.16 -29.29
N GLY C 272 -22.31 18.89 -29.68
CA GLY C 272 -21.44 18.48 -30.77
C GLY C 272 -22.18 18.16 -32.05
N SER C 273 -21.43 18.13 -33.15
CA SER C 273 -22.03 17.81 -34.45
C SER C 273 -22.68 16.44 -34.43
N ILE C 274 -22.19 15.52 -33.60
CA ILE C 274 -22.72 14.16 -33.55
C ILE C 274 -23.85 14.05 -32.53
N MET C 275 -23.67 14.59 -31.33
CA MET C 275 -24.70 14.52 -30.30
C MET C 275 -24.45 15.61 -29.27
N THR C 276 -25.36 15.70 -28.30
CA THR C 276 -25.24 16.63 -27.19
C THR C 276 -25.20 15.84 -25.89
N VAL C 277 -24.19 16.12 -25.07
CA VAL C 277 -23.97 15.43 -23.80
C VAL C 277 -24.15 16.43 -22.67
N TRP C 278 -24.82 15.99 -21.61
CA TRP C 278 -25.19 16.85 -20.48
C TRP C 278 -24.43 16.41 -19.24
N LEU C 279 -23.80 17.38 -18.56
CA LEU C 279 -23.20 17.18 -17.25
C LEU C 279 -24.05 17.98 -16.26
N SER C 280 -24.77 17.27 -15.39
CA SER C 280 -25.75 17.88 -14.50
C SER C 280 -25.34 17.65 -13.04
N THR C 281 -25.35 18.72 -12.25
CA THR C 281 -25.10 18.64 -10.81
C THR C 281 -26.39 18.75 -10.02
N ALA C 282 -27.51 18.33 -10.61
CA ALA C 282 -28.79 18.46 -9.96
C ALA C 282 -28.87 17.55 -8.73
N PRO C 283 -29.78 17.86 -7.80
CA PRO C 283 -30.00 16.95 -6.68
C PRO C 283 -30.67 15.64 -7.08
N THR C 284 -31.31 15.59 -8.25
CA THR C 284 -31.88 14.36 -8.77
C THR C 284 -30.83 13.48 -9.45
N GLU C 285 -29.62 13.96 -9.61
CA GLU C 285 -28.53 13.24 -10.24
C GLU C 285 -27.51 12.79 -9.19
N PRO C 286 -26.62 11.87 -9.54
CA PRO C 286 -25.58 11.46 -8.59
C PRO C 286 -24.74 12.67 -8.18
N LEU C 287 -24.21 12.59 -6.96
CA LEU C 287 -23.47 13.70 -6.40
C LEU C 287 -22.21 13.98 -7.20
N THR C 288 -21.84 15.25 -7.29
CA THR C 288 -20.57 15.68 -7.85
C THR C 288 -19.86 16.55 -6.82
N HIS C 289 -18.58 16.84 -7.05
CA HIS C 289 -17.84 17.65 -6.11
C HIS C 289 -18.34 19.09 -6.05
N TRP C 290 -19.20 19.50 -7.00
CA TRP C 290 -19.87 20.79 -6.91
C TRP C 290 -21.05 20.77 -5.95
N TYR C 291 -21.52 19.59 -5.55
CA TYR C 291 -22.67 19.45 -4.66
C TYR C 291 -23.82 20.34 -5.14
N GLN C 292 -24.52 20.96 -4.20
CA GLN C 292 -25.51 21.98 -4.50
C GLN C 292 -25.31 23.11 -3.50
N VAL C 293 -25.94 24.25 -3.77
CA VAL C 293 -25.76 25.44 -2.96
C VAL C 293 -27.12 25.97 -2.52
N ARG C 294 -27.20 26.47 -1.30
CA ARG C 294 -28.43 27.03 -0.76
C ARG C 294 -28.15 28.37 -0.11
N CYS C 295 -29.03 29.33 -0.38
CA CYS C 295 -28.98 30.67 0.21
C CYS C 295 -30.26 30.86 1.02
N LEU C 296 -30.09 31.06 2.32
CA LEU C 296 -31.23 31.27 3.20
C LEU C 296 -31.78 32.68 3.04
N PHE C 297 -33.10 32.81 3.23
CA PHE C 297 -33.68 34.11 3.50
C PHE C 297 -33.44 34.47 4.96
N GLN C 298 -33.21 35.75 5.22
CA GLN C 298 -33.07 36.20 6.60
C GLN C 298 -34.31 35.86 7.41
N SER C 299 -35.48 35.94 6.79
CA SER C 299 -36.75 35.54 7.40
C SER C 299 -37.50 34.61 6.46
N PRO C 300 -38.10 33.54 6.97
CA PRO C 300 -38.87 32.65 6.11
C PRO C 300 -40.15 33.31 5.62
N LEU C 301 -40.68 32.75 4.53
CA LEU C 301 -41.90 33.23 3.90
C LEU C 301 -42.92 32.11 3.86
N PHE C 302 -44.13 32.37 4.33
CA PHE C 302 -45.19 31.37 4.26
C PHE C 302 -45.87 31.45 2.90
N ALA C 303 -46.09 30.29 2.27
CA ALA C 303 -46.71 30.24 0.96
C ALA C 303 -47.68 29.06 0.89
N LYS C 304 -48.78 29.26 0.17
CA LYS C 304 -49.73 28.20 -0.12
C LYS C 304 -49.43 27.60 -1.49
N ALA C 305 -49.82 26.35 -1.68
CA ALA C 305 -49.72 25.72 -2.99
C ALA C 305 -50.64 26.44 -3.96
N GLY C 306 -50.06 26.99 -5.03
CA GLY C 306 -50.80 27.79 -5.99
C GLY C 306 -50.49 29.27 -5.89
N ASP C 307 -50.01 29.73 -4.73
CA ASP C 307 -49.46 31.08 -4.63
C ASP C 307 -48.25 31.15 -5.55
N THR C 308 -47.66 32.34 -5.64
CA THR C 308 -46.46 32.52 -6.45
C THR C 308 -45.44 33.34 -5.69
N LEU C 309 -44.19 32.85 -5.69
CA LEU C 309 -43.07 33.55 -5.08
C LEU C 309 -42.24 34.17 -6.19
N SER C 310 -42.15 35.50 -6.18
CA SER C 310 -41.43 36.23 -7.20
C SER C 310 -40.35 37.09 -6.57
N GLY C 311 -39.29 37.33 -7.34
CA GLY C 311 -38.18 38.11 -6.85
C GLY C 311 -37.04 38.04 -7.85
N THR C 312 -35.89 38.52 -7.42
CA THR C 312 -34.69 38.53 -8.25
C THR C 312 -33.51 38.04 -7.44
N CYS C 313 -32.65 37.26 -8.08
CA CYS C 313 -31.33 36.94 -7.57
C CYS C 313 -30.31 37.68 -8.43
N LEU C 314 -29.59 38.62 -7.83
CA LEU C 314 -28.61 39.44 -8.53
C LEU C 314 -27.22 39.05 -8.02
N LEU C 315 -26.34 38.73 -8.97
CA LEU C 315 -24.97 38.33 -8.67
C LEU C 315 -24.06 39.44 -9.18
N ILE C 316 -23.43 40.15 -8.25
CA ILE C 316 -22.50 41.23 -8.58
C ILE C 316 -21.08 40.70 -8.40
N ALA C 317 -20.29 40.73 -9.46
CA ALA C 317 -18.93 40.24 -9.39
C ALA C 317 -18.05 41.18 -8.55
N ASN C 318 -17.07 40.60 -7.87
CA ASN C 318 -16.15 41.34 -7.03
C ASN C 318 -14.71 40.98 -7.41
N LYS C 319 -13.76 41.61 -6.74
CA LYS C 319 -12.34 41.41 -7.04
C LYS C 319 -11.74 40.20 -6.33
N ARG C 320 -12.55 39.41 -5.63
CA ARG C 320 -12.09 38.17 -5.01
C ARG C 320 -12.44 36.96 -5.87
N GLN C 321 -12.49 37.14 -7.19
CA GLN C 321 -12.80 36.08 -8.14
C GLN C 321 -14.12 35.38 -7.80
N SER C 322 -15.02 36.10 -7.15
CA SER C 322 -16.30 35.53 -6.77
C SER C 322 -17.37 36.60 -6.92
N TYR C 323 -18.47 36.42 -6.20
CA TYR C 323 -19.66 37.23 -6.37
C TYR C 323 -20.22 37.60 -5.01
N ASP C 324 -20.83 38.78 -4.94
CA ASP C 324 -21.75 39.12 -3.87
C ASP C 324 -23.16 38.79 -4.34
N ILE C 325 -23.90 38.07 -3.51
CA ILE C 325 -25.24 37.60 -3.87
C ILE C 325 -26.27 38.48 -3.18
N SER C 326 -27.25 38.95 -3.94
CA SER C 326 -28.39 39.69 -3.42
C SER C 326 -29.66 38.98 -3.82
N ILE C 327 -30.44 38.53 -2.84
CA ILE C 327 -31.69 37.83 -3.09
C ILE C 327 -32.82 38.59 -2.44
N VAL C 328 -33.88 38.85 -3.20
CA VAL C 328 -35.11 39.45 -2.70
C VAL C 328 -36.26 38.63 -3.26
N ALA C 329 -37.26 38.36 -2.43
CA ALA C 329 -38.40 37.56 -2.84
C ALA C 329 -39.62 37.98 -2.03
N GLN C 330 -40.79 37.82 -2.65
CA GLN C 330 -42.05 38.17 -2.01
C GLN C 330 -43.10 37.16 -2.42
N VAL C 331 -44.12 37.00 -1.58
CA VAL C 331 -45.29 36.19 -1.88
C VAL C 331 -46.35 37.16 -2.40
N ASP C 332 -46.57 37.14 -3.71
CA ASP C 332 -47.45 38.12 -4.35
C ASP C 332 -48.82 38.15 -3.71
N GLN C 333 -49.31 37.00 -3.25
CA GLN C 333 -50.67 36.92 -2.72
C GLN C 333 -50.81 37.51 -1.33
N THR C 334 -49.70 37.70 -0.62
CA THR C 334 -49.73 38.20 0.75
C THR C 334 -48.91 39.46 0.97
N GLY C 335 -47.96 39.76 0.10
CA GLY C 335 -47.04 40.85 0.31
C GLY C 335 -45.86 40.52 1.19
N SER C 336 -45.96 39.46 1.99
CA SER C 336 -44.83 39.00 2.81
C SER C 336 -43.59 38.88 1.95
N LYS C 337 -42.51 39.52 2.40
CA LYS C 337 -41.27 39.58 1.62
C LYS C 337 -40.08 39.41 2.56
N SER C 338 -38.96 39.00 1.97
CA SER C 338 -37.72 38.82 2.69
C SER C 338 -36.57 39.08 1.73
N SER C 339 -35.36 39.05 2.26
CA SER C 339 -34.18 39.26 1.44
C SER C 339 -32.98 38.63 2.14
N ASN C 340 -31.80 38.81 1.53
CA ASN C 340 -30.54 38.44 2.15
C ASN C 340 -29.37 38.82 1.25
N LEU C 341 -28.23 39.13 1.86
CA LEU C 341 -26.98 39.31 1.16
C LEU C 341 -26.03 38.19 1.58
N LEU C 342 -25.32 37.63 0.60
CA LEU C 342 -24.47 36.47 0.86
C LEU C 342 -23.17 36.62 0.10
N ASP C 343 -22.11 36.05 0.68
CA ASP C 343 -20.77 36.13 0.14
C ASP C 343 -20.41 34.75 -0.44
N LEU C 344 -20.45 34.63 -1.76
CA LEU C 344 -20.23 33.34 -2.40
C LEU C 344 -18.82 32.81 -2.14
N LYS C 345 -17.84 33.70 -2.00
CA LYS C 345 -16.47 33.30 -1.77
C LYS C 345 -16.25 32.64 -0.41
N ASN C 346 -17.22 32.73 0.50
CA ASN C 346 -17.08 32.22 1.86
C ASN C 346 -18.29 31.35 2.18
N PRO C 347 -18.43 30.20 1.52
CA PRO C 347 -19.57 29.33 1.80
C PRO C 347 -19.32 28.50 3.04
N PHE C 348 -20.39 27.91 3.55
CA PHE C 348 -20.31 26.96 4.65
C PHE C 348 -20.54 25.56 4.09
N PHE C 349 -19.51 24.71 4.18
CA PHE C 349 -19.59 23.35 3.69
C PHE C 349 -20.25 22.47 4.75
N ARG C 350 -21.49 22.09 4.51
CA ARG C 350 -22.33 21.42 5.50
C ARG C 350 -22.44 19.92 5.29
N TYR C 351 -21.89 19.39 4.19
CA TYR C 351 -22.04 17.98 3.88
C TYR C 351 -21.47 17.12 5.00
N THR C 352 -22.06 15.94 5.17
CA THR C 352 -21.63 15.00 6.20
C THR C 352 -21.42 13.59 5.71
N GLY C 353 -21.91 13.23 4.52
CA GLY C 353 -21.89 11.87 4.04
C GLY C 353 -23.19 11.14 4.27
N THR C 354 -23.94 11.54 5.29
CA THR C 354 -25.27 10.98 5.50
C THR C 354 -26.13 11.19 4.25
N THR C 355 -26.93 10.18 3.92
CA THR C 355 -27.89 10.33 2.86
C THR C 355 -29.00 11.29 3.31
N PRO C 356 -29.43 12.22 2.45
CA PRO C 356 -30.38 13.25 2.90
C PRO C 356 -31.75 12.67 3.20
N SER C 357 -32.28 13.01 4.38
CA SER C 357 -33.61 12.58 4.78
C SER C 357 -34.68 13.43 4.10
N PRO C 358 -35.89 12.90 3.94
CA PRO C 358 -36.96 13.68 3.33
C PRO C 358 -37.66 14.58 4.34
N PRO C 359 -38.21 15.71 3.90
CA PRO C 359 -38.86 16.59 4.86
C PRO C 359 -39.97 15.90 5.60
N PRO C 360 -40.20 16.23 6.88
CA PRO C 360 -41.28 15.59 7.62
C PRO C 360 -42.62 15.95 7.00
N GLY C 361 -43.55 14.99 7.05
CA GLY C 361 -44.84 15.18 6.42
C GLY C 361 -44.89 14.79 4.97
N SER C 362 -43.92 14.03 4.49
CA SER C 362 -43.88 13.57 3.10
C SER C 362 -44.51 12.19 2.93
N HIS C 363 -44.94 11.56 4.02
CA HIS C 363 -45.62 10.27 3.93
C HIS C 363 -47.09 10.52 3.63
N TYR C 364 -47.46 10.35 2.35
CA TYR C 364 -48.85 10.43 1.93
C TYR C 364 -49.59 9.11 2.09
N THR C 365 -48.85 8.02 2.31
CA THR C 365 -49.41 6.70 2.57
C THR C 365 -48.81 6.18 3.86
N SER C 366 -49.55 5.33 4.55
CA SER C 366 -49.11 4.84 5.85
C SER C 366 -47.75 4.18 5.75
N PRO C 367 -46.70 4.76 6.33
CA PRO C 367 -45.40 4.07 6.34
C PRO C 367 -45.49 2.64 6.87
N SER C 368 -46.31 2.43 7.91
CA SER C 368 -46.34 1.11 8.53
C SER C 368 -47.02 0.06 7.66
N GLU C 369 -47.83 0.48 6.68
CA GLU C 369 -48.61 -0.48 5.92
C GLU C 369 -47.77 -1.25 4.92
N ASN C 370 -46.67 -0.66 4.45
CA ASN C 370 -45.70 -1.36 3.61
C ASN C 370 -44.38 -1.39 4.36
N MET C 371 -44.11 -2.50 5.04
CA MET C 371 -42.89 -2.65 5.83
C MET C 371 -42.22 -3.99 5.55
N ARG D 9 8.97 48.40 6.25
CA ARG D 9 8.11 49.26 7.07
C ARG D 9 8.16 48.82 8.53
N SER D 10 7.44 47.75 8.85
CA SER D 10 7.41 47.18 10.18
C SER D 10 8.02 45.78 10.16
N VAL D 11 8.45 45.34 11.35
CA VAL D 11 9.06 44.01 11.46
C VAL D 11 8.12 42.94 10.93
N PHE D 12 6.82 43.12 11.13
CA PHE D 12 5.86 42.12 10.67
C PHE D 12 5.77 42.09 9.15
N SER D 13 5.58 43.25 8.53
CA SER D 13 5.43 43.28 7.08
C SER D 13 6.72 42.86 6.37
N GLU D 14 7.87 42.95 7.04
CA GLU D 14 9.13 42.55 6.42
C GLU D 14 9.22 41.03 6.30
N ARG D 15 8.80 40.30 7.33
CA ARG D 15 8.92 38.86 7.38
C ARG D 15 7.67 38.14 6.89
N THR D 16 6.76 38.86 6.24
CA THR D 16 5.46 38.30 5.87
C THR D 16 5.05 38.77 4.48
N GLU D 17 4.61 37.83 3.65
CA GLU D 17 3.97 38.19 2.40
C GLU D 17 2.60 38.80 2.68
N GLU D 18 2.28 39.90 1.98
CA GLU D 18 1.00 40.55 2.20
C GLU D 18 -0.15 39.58 2.02
N SER D 19 -0.14 38.82 0.92
CA SER D 19 -1.21 37.86 0.68
C SER D 19 -1.39 36.89 1.85
N SER D 20 -0.30 36.58 2.56
CA SER D 20 -0.43 35.72 3.73
C SER D 20 -1.10 36.44 4.88
N ALA D 21 -0.73 37.70 5.11
CA ALA D 21 -1.33 38.46 6.22
C ALA D 21 -2.80 38.71 5.96
N VAL D 22 -3.18 39.02 4.71
CA VAL D 22 -4.58 39.25 4.39
C VAL D 22 -5.41 38.02 4.74
N GLN D 23 -5.13 36.90 4.08
CA GLN D 23 -5.83 35.66 4.38
C GLN D 23 -5.76 35.33 5.87
N TYR D 24 -4.63 35.61 6.52
CA TYR D 24 -4.44 35.23 7.91
C TYR D 24 -5.40 36.00 8.82
N PHE D 25 -5.35 37.33 8.77
CA PHE D 25 -6.19 38.15 9.63
C PHE D 25 -7.64 38.17 9.18
N GLN D 26 -7.91 37.84 7.91
CA GLN D 26 -9.31 37.63 7.50
C GLN D 26 -9.89 36.39 8.14
N PHE D 27 -9.06 35.38 8.41
CA PHE D 27 -9.53 34.18 9.11
C PHE D 27 -10.03 34.52 10.50
N TYR D 28 -9.29 35.35 11.23
CA TYR D 28 -9.61 35.68 12.61
C TYR D 28 -10.67 36.77 12.74
N GLY D 29 -11.09 37.37 11.63
CA GLY D 29 -12.17 38.35 11.69
C GLY D 29 -13.54 37.75 11.92
N TYR D 30 -13.67 36.43 11.91
CA TYR D 30 -14.97 35.77 11.97
C TYR D 30 -15.28 35.33 13.39
N LEU D 31 -16.50 35.61 13.83
CA LEU D 31 -16.92 35.19 15.17
C LEU D 31 -16.98 33.67 15.29
N SER D 32 -17.40 32.98 14.23
CA SER D 32 -17.43 31.53 14.25
C SER D 32 -16.09 30.95 14.64
N GLN D 33 -14.99 31.61 14.25
CA GLN D 33 -13.66 31.13 14.60
C GLN D 33 -13.33 31.46 16.05
N GLN D 34 -13.76 32.62 16.53
CA GLN D 34 -13.57 32.93 17.95
C GLN D 34 -14.40 31.99 18.82
N GLN D 35 -15.64 31.74 18.42
CA GLN D 35 -16.45 30.77 19.14
C GLN D 35 -15.73 29.43 19.25
N ASN D 36 -15.21 28.94 18.13
CA ASN D 36 -14.53 27.64 18.14
C ASN D 36 -13.37 27.65 19.13
N MET D 37 -12.51 28.67 19.05
CA MET D 37 -11.42 28.77 20.02
C MET D 37 -11.95 28.82 21.44
N MET D 38 -12.95 29.67 21.69
CA MET D 38 -13.42 29.89 23.06
C MET D 38 -14.08 28.64 23.64
N GLN D 39 -14.82 27.89 22.81
CA GLN D 39 -15.49 26.69 23.29
C GLN D 39 -14.52 25.57 23.64
N ASP D 40 -13.25 25.67 23.23
CA ASP D 40 -12.20 24.79 23.72
C ASP D 40 -12.06 24.99 25.22
N TYR D 41 -12.71 24.12 26.01
CA TYR D 41 -12.81 24.38 27.45
C TYR D 41 -11.46 24.27 28.14
N VAL D 42 -10.67 23.24 27.82
CA VAL D 42 -9.36 23.11 28.44
C VAL D 42 -8.51 24.34 28.14
N ARG D 43 -8.70 24.93 26.95
CA ARG D 43 -7.96 26.13 26.61
C ARG D 43 -8.42 27.31 27.45
N THR D 44 -9.69 27.68 27.31
CA THR D 44 -10.20 28.89 27.97
C THR D 44 -10.16 28.74 29.48
N GLY D 45 -10.54 27.57 30.00
CA GLY D 45 -10.55 27.38 31.44
C GLY D 45 -9.15 27.40 32.04
N THR D 46 -8.17 26.80 31.35
CA THR D 46 -6.82 26.78 31.89
C THR D 46 -6.22 28.18 31.90
N TYR D 47 -6.44 28.95 30.83
CA TYR D 47 -5.97 30.34 30.83
C TYR D 47 -6.59 31.13 31.98
N GLN D 48 -7.90 30.97 32.19
CA GLN D 48 -8.57 31.70 33.26
C GLN D 48 -8.01 31.31 34.62
N ARG D 49 -7.96 30.01 34.92
CA ARG D 49 -7.43 29.57 36.21
C ARG D 49 -5.98 29.99 36.37
N ALA D 50 -5.20 29.92 35.30
CA ALA D 50 -3.80 30.35 35.37
C ALA D 50 -3.70 31.81 35.81
N ILE D 51 -4.67 32.64 35.39
CA ILE D 51 -4.60 34.07 35.68
C ILE D 51 -5.20 34.35 37.05
N LEU D 52 -6.40 33.84 37.31
CA LEU D 52 -7.06 34.16 38.58
C LEU D 52 -6.32 33.56 39.77
N GLN D 53 -5.72 32.39 39.58
CA GLN D 53 -4.91 31.80 40.66
C GLN D 53 -3.66 32.63 40.92
N ASN D 54 -3.18 33.36 39.91
CA ASN D 54 -2.02 34.22 40.07
C ASN D 54 -2.46 35.68 40.04
N HIS D 55 -3.52 36.00 40.79
CA HIS D 55 -4.08 37.36 40.74
C HIS D 55 -3.07 38.40 41.21
N THR D 56 -2.13 38.01 42.08
CA THR D 56 -1.12 38.95 42.55
C THR D 56 -0.24 39.47 41.42
N ASP D 57 -0.12 38.70 40.34
CA ASP D 57 0.63 39.14 39.17
C ASP D 57 -0.14 40.11 38.29
N PHE D 58 -1.40 40.39 38.63
CA PHE D 58 -2.22 41.32 37.89
C PHE D 58 -2.79 42.45 38.75
N LYS D 59 -2.96 42.22 40.06
CA LYS D 59 -3.56 43.20 40.95
C LYS D 59 -2.91 44.57 40.78
N ASP D 60 -3.69 45.53 40.28
CA ASP D 60 -3.24 46.91 40.06
C ASP D 60 -2.07 47.00 39.08
N LYS D 61 -1.87 45.96 38.27
CA LYS D 61 -0.77 45.93 37.32
C LYS D 61 -1.22 46.44 35.95
N ILE D 62 -0.24 46.71 35.09
CA ILE D 62 -0.49 47.13 33.71
C ILE D 62 -0.22 45.94 32.80
N VAL D 63 -1.19 45.63 31.94
CA VAL D 63 -1.16 44.40 31.15
C VAL D 63 -1.22 44.72 29.67
N LEU D 64 -0.52 43.91 28.87
CA LEU D 64 -0.65 43.91 27.43
C LEU D 64 -1.14 42.53 26.99
N ASP D 65 -2.23 42.52 26.22
CA ASP D 65 -2.79 41.29 25.66
C ASP D 65 -2.52 41.29 24.16
N VAL D 66 -1.64 40.39 23.72
CA VAL D 66 -1.15 40.37 22.34
C VAL D 66 -2.06 39.46 21.52
N GLY D 67 -2.83 40.05 20.60
CA GLY D 67 -3.78 39.30 19.79
C GLY D 67 -4.95 38.80 20.60
N CYS D 68 -5.68 39.73 21.22
CA CYS D 68 -6.74 39.39 22.17
C CYS D 68 -8.00 38.84 21.53
N GLY D 69 -8.09 38.84 20.19
CA GLY D 69 -9.31 38.40 19.54
C GLY D 69 -10.54 39.08 20.10
N SER D 70 -11.49 38.29 20.59
CA SER D 70 -12.69 38.83 21.20
C SER D 70 -12.42 39.54 22.53
N GLY D 71 -11.23 39.39 23.10
CA GLY D 71 -10.88 40.03 24.35
C GLY D 71 -10.98 39.15 25.57
N ILE D 72 -11.24 37.85 25.39
CA ILE D 72 -11.53 36.98 26.52
C ILE D 72 -10.41 37.01 27.55
N LEU D 73 -9.16 37.04 27.09
CA LEU D 73 -8.05 37.04 28.03
C LEU D 73 -7.92 38.36 28.78
N SER D 74 -8.25 39.48 28.12
CA SER D 74 -8.22 40.76 28.83
C SER D 74 -9.25 40.80 29.94
N PHE D 75 -10.41 40.18 29.70
CA PHE D 75 -11.43 40.12 30.75
C PHE D 75 -10.93 39.34 31.95
N PHE D 76 -10.26 38.21 31.72
CA PHE D 76 -9.67 37.46 32.83
C PHE D 76 -8.71 38.32 33.63
N ALA D 77 -7.82 39.04 32.93
CA ALA D 77 -6.90 39.94 33.63
C ALA D 77 -7.67 40.95 34.48
N ALA D 78 -8.74 41.51 33.92
CA ALA D 78 -9.56 42.46 34.68
C ALA D 78 -10.09 41.81 35.95
N GLN D 79 -10.70 40.63 35.83
CA GLN D 79 -11.22 39.92 36.99
C GLN D 79 -10.14 39.72 38.05
N ALA D 80 -8.89 39.62 37.64
CA ALA D 80 -7.78 39.43 38.57
C ALA D 80 -7.27 40.73 39.16
N GLY D 81 -7.93 41.85 38.89
CA GLY D 81 -7.61 43.11 39.53
C GLY D 81 -6.76 44.08 38.75
N ALA D 82 -6.48 43.81 37.47
CA ALA D 82 -5.59 44.66 36.71
C ALA D 82 -6.10 46.10 36.67
N ARG D 83 -5.17 47.05 36.70
CA ARG D 83 -5.52 48.46 36.63
C ARG D 83 -5.83 48.87 35.19
N LYS D 84 -4.96 48.48 34.25
CA LYS D 84 -5.13 48.84 32.85
C LYS D 84 -4.67 47.69 31.98
N ILE D 85 -5.46 47.38 30.95
CA ILE D 85 -5.16 46.30 30.02
C ILE D 85 -5.24 46.85 28.60
N TYR D 86 -4.11 46.86 27.90
CA TYR D 86 -4.08 47.19 26.49
C TYR D 86 -4.23 45.90 25.69
N ALA D 87 -5.29 45.82 24.90
CA ALA D 87 -5.65 44.60 24.17
C ALA D 87 -5.48 44.85 22.68
N VAL D 88 -4.40 44.31 22.11
CA VAL D 88 -4.03 44.57 20.72
C VAL D 88 -4.56 43.45 19.84
N GLU D 89 -5.10 43.82 18.67
CA GLU D 89 -5.69 42.84 17.76
C GLU D 89 -5.69 43.43 16.35
N ALA D 90 -5.12 42.68 15.41
CA ALA D 90 -4.91 43.18 14.05
C ALA D 90 -6.03 42.81 13.09
N SER D 91 -6.98 41.98 13.50
CA SER D 91 -8.11 41.61 12.64
C SER D 91 -9.32 42.46 12.98
N THR D 92 -10.36 42.33 12.15
CA THR D 92 -11.60 43.05 12.41
C THR D 92 -12.32 42.54 13.66
N MET D 93 -11.74 41.59 14.38
CA MET D 93 -12.31 41.18 15.66
C MET D 93 -12.17 42.28 16.71
N ALA D 94 -11.24 43.21 16.51
CA ALA D 94 -11.02 44.27 17.50
C ALA D 94 -12.31 45.02 17.82
N GLN D 95 -13.12 45.29 16.80
CA GLN D 95 -14.35 46.05 17.05
C GLN D 95 -15.33 45.24 17.91
N HIS D 96 -15.48 43.95 17.62
CA HIS D 96 -16.32 43.11 18.46
C HIS D 96 -15.80 43.06 19.89
N ALA D 97 -14.48 43.13 20.06
CA ALA D 97 -13.92 43.14 21.41
C ALA D 97 -14.27 44.44 22.13
N GLU D 98 -14.19 45.57 21.43
CA GLU D 98 -14.63 46.83 22.03
C GLU D 98 -16.09 46.75 22.45
N VAL D 99 -16.94 46.13 21.63
CA VAL D 99 -18.35 45.99 21.97
C VAL D 99 -18.49 45.26 23.31
N LEU D 100 -17.67 44.24 23.54
CA LEU D 100 -17.79 43.50 24.80
C LEU D 100 -17.27 44.31 25.97
N VAL D 101 -16.23 45.11 25.76
CA VAL D 101 -15.73 45.97 26.83
C VAL D 101 -16.84 46.90 27.32
N LYS D 102 -17.43 47.66 26.41
CA LYS D 102 -18.50 48.57 26.80
C LYS D 102 -19.71 47.80 27.33
N SER D 103 -20.02 46.65 26.71
CA SER D 103 -21.14 45.85 27.17
C SER D 103 -20.96 45.42 28.63
N ASN D 104 -19.73 45.09 29.03
CA ASN D 104 -19.45 44.62 30.37
C ASN D 104 -19.01 45.73 31.33
N ASN D 105 -18.99 46.98 30.88
CA ASN D 105 -18.65 48.11 31.74
C ASN D 105 -17.24 47.97 32.30
N LEU D 106 -16.28 47.78 31.38
CA LEU D 106 -14.86 47.74 31.74
C LEU D 106 -14.09 48.78 30.93
N THR D 107 -14.78 49.79 30.41
CA THR D 107 -14.13 50.81 29.59
C THR D 107 -12.97 51.47 30.34
N ASP D 108 -13.02 51.49 31.67
CA ASP D 108 -11.98 52.09 32.48
C ASP D 108 -10.77 51.20 32.65
N ARG D 109 -10.79 49.99 32.11
CA ARG D 109 -9.72 49.04 32.38
C ARG D 109 -9.23 48.33 31.12
N ILE D 110 -10.10 48.05 30.17
CA ILE D 110 -9.73 47.35 28.93
C ILE D 110 -9.72 48.38 27.80
N VAL D 111 -8.55 48.59 27.22
CA VAL D 111 -8.37 49.51 26.11
C VAL D 111 -8.02 48.68 24.88
N VAL D 112 -8.97 48.54 23.96
CA VAL D 112 -8.71 47.84 22.71
C VAL D 112 -7.93 48.74 21.78
N ILE D 113 -6.80 48.24 21.28
CA ILE D 113 -5.90 49.01 20.43
C ILE D 113 -5.76 48.27 19.10
N PRO D 114 -6.48 48.71 18.07
CA PRO D 114 -6.40 48.02 16.77
C PRO D 114 -5.02 48.17 16.16
N GLY D 115 -4.57 47.13 15.48
CA GLY D 115 -3.28 47.12 14.82
C GLY D 115 -2.50 45.86 15.15
N LYS D 116 -1.36 45.75 14.48
CA LYS D 116 -0.40 44.68 14.76
C LYS D 116 0.55 45.14 15.87
N VAL D 117 0.87 44.20 16.77
CA VAL D 117 1.70 44.56 17.92
C VAL D 117 3.04 45.14 17.50
N GLU D 118 3.49 44.86 16.29
CA GLU D 118 4.73 45.42 15.77
C GLU D 118 4.55 46.81 15.18
N GLU D 119 3.32 47.32 15.10
CA GLU D 119 3.06 48.59 14.44
C GLU D 119 2.34 49.61 15.30
N VAL D 120 1.75 49.21 16.43
CA VAL D 120 0.99 50.13 17.26
C VAL D 120 1.91 50.89 18.20
N SER D 121 1.34 51.82 18.97
CA SER D 121 2.08 52.62 19.94
C SER D 121 1.33 52.57 21.26
N LEU D 122 2.01 52.11 22.32
CA LEU D 122 1.34 52.02 23.60
C LEU D 122 1.74 53.19 24.50
N PRO D 123 0.79 53.81 25.20
CA PRO D 123 1.12 54.99 26.01
C PRO D 123 2.16 54.71 27.10
N GLU D 124 2.21 53.50 27.64
CA GLU D 124 3.10 53.23 28.77
C GLU D 124 3.61 51.80 28.70
N GLN D 125 4.59 51.51 29.54
CA GLN D 125 5.14 50.17 29.66
C GLN D 125 4.25 49.32 30.55
N VAL D 126 4.29 48.01 30.31
CA VAL D 126 3.41 47.07 30.99
C VAL D 126 4.23 46.20 31.94
N ASP D 127 3.53 45.64 32.92
CA ASP D 127 4.15 44.78 33.93
C ASP D 127 4.14 43.32 33.53
N ILE D 128 3.19 42.91 32.70
CA ILE D 128 3.00 41.51 32.36
C ILE D 128 2.27 41.45 31.02
N ILE D 129 2.72 40.54 30.15
CA ILE D 129 2.12 40.34 28.84
C ILE D 129 1.37 39.02 28.86
N ILE D 130 0.14 39.03 28.34
CA ILE D 130 -0.65 37.83 28.17
C ILE D 130 -0.95 37.66 26.69
N SER D 131 -1.15 36.41 26.26
CA SER D 131 -1.41 36.13 24.85
C SER D 131 -1.63 34.64 24.68
N GLU D 132 -2.12 34.27 23.50
CA GLU D 132 -2.23 32.87 23.07
C GLU D 132 -1.55 32.74 21.72
N PRO D 133 -0.22 32.77 21.69
CA PRO D 133 0.51 32.75 20.42
C PRO D 133 0.78 31.36 19.85
N MET D 134 0.28 30.31 20.49
CA MET D 134 0.59 28.95 20.08
C MET D 134 -0.32 28.52 18.93
N GLY D 135 0.29 28.12 17.81
CA GLY D 135 -0.41 27.43 16.75
C GLY D 135 -0.22 25.92 16.86
N TYR D 136 -0.79 25.20 15.90
CA TYR D 136 -0.57 23.76 15.89
C TYR D 136 0.90 23.47 15.67
N MET D 137 1.39 22.40 16.31
CA MET D 137 2.82 22.14 16.45
C MET D 137 3.54 23.28 17.16
N LEU D 138 2.77 24.13 17.85
CA LEU D 138 3.25 25.28 18.59
C LEU D 138 3.72 26.41 17.68
N PHE D 139 4.48 26.12 16.62
CA PHE D 139 5.19 27.17 15.91
C PHE D 139 4.44 27.75 14.72
N ASN D 140 3.39 27.09 14.22
CA ASN D 140 2.67 27.63 13.08
C ASN D 140 2.10 29.00 13.41
N GLU D 141 2.00 29.85 12.37
CA GLU D 141 1.48 31.22 12.44
C GLU D 141 2.59 32.22 12.68
N ARG D 142 3.73 31.76 13.19
CA ARG D 142 4.86 32.62 13.56
C ARG D 142 4.43 33.71 14.53
N MET D 143 3.36 33.48 15.27
CA MET D 143 2.88 34.48 16.22
C MET D 143 3.76 34.57 17.46
N LEU D 144 4.52 33.52 17.76
CA LEU D 144 5.42 33.57 18.90
C LEU D 144 6.44 34.68 18.76
N GLU D 145 6.82 35.01 17.52
CA GLU D 145 7.71 36.14 17.29
C GLU D 145 7.02 37.46 17.65
N SER D 146 5.73 37.59 17.33
CA SER D 146 4.99 38.78 17.73
C SER D 146 4.95 38.92 19.25
N TYR D 147 4.72 37.80 19.94
CA TYR D 147 4.74 37.76 21.40
C TYR D 147 6.09 38.24 21.94
N LEU D 148 7.18 37.66 21.45
CA LEU D 148 8.50 38.08 21.90
C LEU D 148 8.78 39.53 21.50
N HIS D 149 8.26 39.97 20.36
CA HIS D 149 8.47 41.35 19.94
C HIS D 149 7.83 42.33 20.92
N ALA D 150 6.65 41.98 21.44
CA ALA D 150 5.95 42.84 22.38
C ALA D 150 6.74 43.09 23.67
N LYS D 151 7.81 42.33 23.91
CA LYS D 151 8.59 42.53 25.12
C LYS D 151 9.30 43.88 25.12
N LYS D 152 9.41 44.54 23.97
CA LYS D 152 9.90 45.93 23.95
C LYS D 152 9.06 46.80 24.87
N TYR D 153 7.76 46.52 24.97
CA TYR D 153 6.86 47.22 25.89
C TYR D 153 6.89 46.65 27.29
N LEU D 154 7.76 45.69 27.58
CA LEU D 154 7.75 44.99 28.86
C LEU D 154 8.76 45.61 29.82
N LYS D 155 8.30 45.93 31.02
CA LYS D 155 9.19 46.47 32.04
C LYS D 155 10.27 45.42 32.37
N PRO D 156 11.44 45.85 32.82
CA PRO D 156 12.45 44.89 33.26
C PRO D 156 11.88 44.01 34.36
N SER D 157 12.15 42.70 34.25
CA SER D 157 11.63 41.72 35.19
C SER D 157 10.11 41.61 35.15
N GLY D 158 9.50 42.02 34.04
CA GLY D 158 8.11 41.73 33.83
C GLY D 158 7.89 40.28 33.44
N ASN D 159 6.68 39.79 33.66
CA ASN D 159 6.36 38.39 33.41
C ASN D 159 5.65 38.23 32.08
N MET D 160 5.64 36.99 31.60
CA MET D 160 4.97 36.60 30.36
C MET D 160 4.02 35.45 30.67
N PHE D 161 2.79 35.57 30.22
CA PHE D 161 1.80 34.50 30.39
C PHE D 161 1.31 34.08 29.00
N PRO D 162 1.67 32.90 28.50
CA PRO D 162 2.51 31.86 29.12
C PRO D 162 3.98 32.25 29.23
N THR D 163 4.68 31.66 30.20
CA THR D 163 6.08 31.98 30.44
C THR D 163 7.02 31.18 29.55
N ILE D 164 6.71 29.91 29.32
CA ILE D 164 7.57 29.02 28.54
C ILE D 164 6.70 28.03 27.79
N GLY D 165 7.28 27.43 26.75
CA GLY D 165 6.61 26.41 25.98
C GLY D 165 7.53 25.24 25.70
N ASP D 166 6.99 24.02 25.78
CA ASP D 166 7.76 22.80 25.57
C ASP D 166 7.19 22.06 24.37
N VAL D 167 8.01 21.91 23.34
CA VAL D 167 7.67 21.04 22.21
C VAL D 167 8.13 19.63 22.53
N HIS D 168 7.22 18.67 22.41
CA HIS D 168 7.54 17.26 22.62
C HIS D 168 7.44 16.52 21.30
N LEU D 169 8.43 15.66 21.04
CA LEU D 169 8.49 14.88 19.81
C LEU D 169 8.92 13.46 20.17
N ALA D 170 8.18 12.49 19.65
CA ALA D 170 8.47 11.08 19.88
C ALA D 170 8.21 10.29 18.61
N PRO D 171 8.96 9.21 18.38
CA PRO D 171 8.66 8.35 17.22
C PRO D 171 7.40 7.54 17.45
N PHE D 172 6.73 7.20 16.35
CA PHE D 172 5.48 6.45 16.43
C PHE D 172 5.43 5.41 15.31
N THR D 173 4.57 4.42 15.52
CA THR D 173 4.25 3.41 14.51
C THR D 173 2.76 3.49 14.22
N ASP D 174 2.40 3.69 12.94
CA ASP D 174 1.01 3.80 12.53
C ASP D 174 0.95 3.36 11.07
N GLU D 175 0.86 2.05 10.87
CA GLU D 175 0.81 1.50 9.51
C GLU D 175 -0.43 1.99 8.77
N GLN D 176 -1.57 2.04 9.46
CA GLN D 176 -2.81 2.46 8.81
C GLN D 176 -2.67 3.88 8.25
N LEU D 177 -2.16 4.80 9.07
CA LEU D 177 -1.98 6.17 8.61
C LEU D 177 -1.01 6.23 7.43
N TYR D 178 0.10 5.50 7.52
CA TYR D 178 1.07 5.51 6.43
C TYR D 178 0.43 5.00 5.14
N MET D 179 -0.32 3.89 5.22
CA MET D 179 -0.91 3.33 4.02
C MET D 179 -2.04 4.19 3.49
N GLU D 180 -2.73 4.91 4.37
CA GLU D 180 -3.74 5.87 3.92
C GLU D 180 -3.13 6.89 2.97
N GLN D 181 -2.05 7.54 3.40
CA GLN D 181 -1.42 8.56 2.57
C GLN D 181 -0.69 7.95 1.39
N PHE D 182 -0.07 6.79 1.58
CA PHE D 182 0.59 6.11 0.47
C PHE D 182 -0.41 5.72 -0.61
N THR D 183 -1.52 5.12 -0.20
CA THR D 183 -2.54 4.73 -1.17
C THR D 183 -3.11 5.95 -1.89
N LYS D 184 -3.25 7.06 -1.18
CA LYS D 184 -3.71 8.29 -1.82
C LYS D 184 -2.73 8.73 -2.91
N ALA D 185 -1.44 8.75 -2.58
CA ALA D 185 -0.43 9.14 -3.56
C ALA D 185 -0.37 8.18 -4.72
N ASN D 186 -0.75 6.92 -4.51
CA ASN D 186 -0.64 5.90 -5.55
C ASN D 186 -1.77 5.95 -6.56
N PHE D 187 -2.72 6.89 -6.41
CA PHE D 187 -3.59 7.24 -7.52
C PHE D 187 -2.77 7.66 -8.74
N TRP D 188 -1.63 8.32 -8.50
CA TRP D 188 -0.77 8.83 -9.55
C TRP D 188 0.23 7.78 -10.04
N TYR D 189 0.08 6.53 -9.60
CA TYR D 189 0.80 5.40 -10.15
C TYR D 189 0.07 4.77 -11.33
N GLN D 190 -1.23 5.01 -11.46
CA GLN D 190 -2.03 4.36 -12.50
C GLN D 190 -1.38 4.56 -13.87
N PRO D 191 -1.27 3.51 -14.68
CA PRO D 191 -0.83 3.69 -16.06
C PRO D 191 -1.94 4.00 -17.06
N SER D 192 -3.20 3.96 -16.67
CA SER D 192 -4.28 4.15 -17.64
C SER D 192 -5.53 4.71 -16.98
N PHE D 193 -5.40 5.84 -16.30
CA PHE D 193 -6.57 6.56 -15.79
C PHE D 193 -7.33 7.15 -16.97
N HIS D 194 -8.47 6.54 -17.30
CA HIS D 194 -9.23 6.94 -18.49
C HIS D 194 -8.33 6.95 -19.72
N GLY D 195 -7.52 5.90 -19.85
CA GLY D 195 -6.59 5.77 -20.95
C GLY D 195 -5.30 6.57 -20.82
N VAL D 196 -5.08 7.24 -19.70
CA VAL D 196 -3.96 8.18 -19.55
C VAL D 196 -2.98 7.66 -18.50
N ASP D 197 -1.71 7.64 -18.86
CA ASP D 197 -0.64 7.20 -17.97
C ASP D 197 -0.26 8.36 -17.05
N LEU D 198 -0.54 8.20 -15.77
CA LEU D 198 -0.15 9.19 -14.76
C LEU D 198 1.16 8.85 -14.07
N SER D 199 1.70 7.64 -14.29
CA SER D 199 2.77 7.12 -13.44
C SER D 199 3.95 8.08 -13.33
N ALA D 200 4.23 8.86 -14.37
CA ALA D 200 5.37 9.77 -14.33
C ALA D 200 5.23 10.84 -13.24
N LEU D 201 4.07 10.96 -12.61
CA LEU D 201 3.87 11.91 -11.53
C LEU D 201 3.76 11.26 -10.16
N ARG D 202 3.96 9.94 -10.08
CA ARG D 202 3.87 9.27 -8.78
C ARG D 202 4.85 9.87 -7.79
N GLY D 203 6.10 10.07 -8.22
CA GLY D 203 7.10 10.63 -7.32
C GLY D 203 6.72 12.02 -6.82
N ALA D 204 6.13 12.84 -7.68
CA ALA D 204 5.68 14.15 -7.26
C ALA D 204 4.52 14.03 -6.27
N ALA D 205 3.57 13.13 -6.56
CA ALA D 205 2.43 12.95 -5.67
C ALA D 205 2.90 12.48 -4.29
N VAL D 206 3.83 11.54 -4.23
CA VAL D 206 4.33 11.06 -2.95
C VAL D 206 4.99 12.21 -2.18
N ASP D 207 5.87 12.95 -2.86
CA ASP D 207 6.45 14.15 -2.26
C ASP D 207 5.37 15.03 -1.64
N GLU D 208 4.42 15.46 -2.46
CA GLU D 208 3.43 16.44 -2.03
C GLU D 208 2.66 15.95 -0.81
N TYR D 209 2.18 14.70 -0.86
CA TYR D 209 1.32 14.20 0.21
C TYR D 209 2.07 14.09 1.52
N PHE D 210 3.33 13.66 1.48
CA PHE D 210 4.10 13.47 2.71
C PHE D 210 4.76 14.74 3.22
N ARG D 211 4.75 15.81 2.41
CA ARG D 211 5.09 17.13 2.97
C ARG D 211 4.05 17.61 3.96
N GLN D 212 2.82 17.11 3.86
CA GLN D 212 1.74 17.57 4.71
C GLN D 212 1.84 16.95 6.10
N PRO D 213 2.02 17.73 7.16
CA PRO D 213 1.85 17.18 8.50
C PRO D 213 0.41 16.73 8.70
N VAL D 214 0.25 15.69 9.52
CA VAL D 214 -1.06 15.11 9.78
C VAL D 214 -1.53 15.62 11.13
N VAL D 215 -2.60 16.41 11.13
CA VAL D 215 -3.18 16.94 12.36
C VAL D 215 -4.38 16.06 12.73
N ASP D 216 -4.26 15.38 13.86
CA ASP D 216 -5.34 14.60 14.45
C ASP D 216 -4.83 14.15 15.81
N THR D 217 -5.54 13.21 16.43
CA THR D 217 -5.12 12.65 17.70
C THR D 217 -4.81 11.17 17.52
N PHE D 218 -4.11 10.61 18.50
CA PHE D 218 -3.71 9.22 18.43
C PHE D 218 -3.60 8.66 19.83
N ASP D 219 -3.65 7.34 19.92
CA ASP D 219 -3.45 6.66 21.19
C ASP D 219 -1.97 6.64 21.54
N ILE D 220 -1.66 6.88 22.82
CA ILE D 220 -0.29 6.93 23.27
C ILE D 220 0.46 5.63 23.01
N ARG D 221 -0.26 4.51 22.88
CA ARG D 221 0.42 3.24 22.71
C ARG D 221 1.19 3.17 21.40
N ILE D 222 0.93 4.07 20.45
CA ILE D 222 1.67 4.03 19.19
C ILE D 222 3.05 4.65 19.30
N LEU D 223 3.35 5.31 20.42
CA LEU D 223 4.65 5.94 20.61
C LEU D 223 5.68 4.88 21.01
N MET D 224 6.84 4.92 20.36
CA MET D 224 7.84 3.87 20.52
C MET D 224 9.03 4.30 21.36
N ALA D 225 9.01 5.49 21.93
CA ALA D 225 10.08 5.90 22.83
C ALA D 225 9.63 7.13 23.59
N LYS D 226 10.35 7.44 24.67
CA LYS D 226 10.07 8.66 25.42
C LYS D 226 10.19 9.86 24.49
N SER D 227 9.50 10.94 24.83
CA SER D 227 9.58 12.14 24.03
C SER D 227 10.84 12.92 24.36
N VAL D 228 11.35 13.63 23.36
CA VAL D 228 12.39 14.62 23.58
C VAL D 228 11.71 15.98 23.75
N LYS D 229 12.27 16.81 24.63
CA LYS D 229 11.69 18.10 24.99
C LYS D 229 12.59 19.21 24.52
N TYR D 230 12.01 20.20 23.84
CA TYR D 230 12.71 21.40 23.41
C TYR D 230 11.94 22.59 23.97
N THR D 231 12.53 23.27 24.95
CA THR D 231 11.86 24.37 25.64
C THR D 231 12.19 25.69 24.97
N VAL D 232 11.17 26.52 24.81
CA VAL D 232 11.34 27.93 24.46
C VAL D 232 10.93 28.75 25.68
N ASN D 233 11.87 29.52 26.22
CA ASN D 233 11.64 30.35 27.39
C ASN D 233 11.33 31.76 26.92
N PHE D 234 10.05 32.16 27.05
CA PHE D 234 9.60 33.42 26.45
C PHE D 234 10.17 34.64 27.16
N LEU D 235 10.65 34.50 28.40
CA LEU D 235 11.28 35.62 29.08
C LEU D 235 12.67 35.93 28.53
N GLU D 236 13.31 34.98 27.84
CA GLU D 236 14.67 35.14 27.35
C GLU D 236 14.78 35.22 25.85
N ALA D 237 13.94 34.50 25.11
CA ALA D 237 14.10 34.38 23.67
C ALA D 237 13.85 35.72 22.96
N LYS D 238 14.52 35.87 21.81
CA LYS D 238 14.33 37.02 20.93
C LYS D 238 13.76 36.50 19.61
N GLU D 239 12.81 37.26 19.04
CA GLU D 239 12.07 36.79 17.88
C GLU D 239 12.98 36.35 16.74
N GLY D 240 14.23 36.80 16.72
CA GLY D 240 15.19 36.30 15.77
C GLY D 240 15.67 34.89 16.07
N ASP D 241 15.48 34.42 17.30
CA ASP D 241 15.82 33.05 17.64
C ASP D 241 14.82 32.04 17.08
N LEU D 242 13.69 32.49 16.56
CA LEU D 242 12.68 31.61 16.01
C LEU D 242 12.71 31.54 14.49
N HIS D 243 13.65 32.23 13.84
CA HIS D 243 13.79 32.08 12.40
C HIS D 243 14.35 30.71 12.04
N ARG D 244 15.37 30.26 12.77
CA ARG D 244 15.93 28.92 12.62
C ARG D 244 15.83 28.22 13.96
N ILE D 245 15.15 27.06 13.98
CA ILE D 245 14.93 26.29 15.19
C ILE D 245 15.46 24.89 14.94
N GLU D 246 16.58 24.57 15.58
CA GLU D 246 17.28 23.29 15.37
C GLU D 246 17.02 22.39 16.57
N ILE D 247 16.26 21.32 16.35
CA ILE D 247 15.89 20.41 17.43
C ILE D 247 16.60 19.08 17.21
N PRO D 248 17.76 18.85 17.83
CA PRO D 248 18.37 17.53 17.76
C PRO D 248 17.65 16.55 18.68
N PHE D 249 17.72 15.26 18.32
CA PHE D 249 17.04 14.25 19.11
C PHE D 249 17.85 12.95 19.06
N LYS D 250 17.67 12.15 20.10
CA LYS D 250 18.29 10.83 20.20
C LYS D 250 17.34 9.96 21.02
N PHE D 251 16.55 9.15 20.34
CA PHE D 251 15.53 8.35 21.00
C PHE D 251 16.08 6.96 21.33
N HIS D 252 15.78 6.51 22.54
CA HIS D 252 16.08 5.13 22.94
C HIS D 252 14.83 4.31 22.67
N MET D 253 14.86 3.55 21.58
CA MET D 253 13.67 2.82 21.15
C MET D 253 13.28 1.79 22.19
N LEU D 254 12.04 1.88 22.66
CA LEU D 254 11.52 0.96 23.67
C LEU D 254 10.76 -0.20 23.08
N HIS D 255 10.43 -0.15 21.79
CA HIS D 255 9.66 -1.20 21.12
C HIS D 255 10.19 -1.43 19.72
N SER D 256 10.36 -2.69 19.35
CA SER D 256 10.68 -3.03 17.98
C SER D 256 9.47 -2.77 17.08
N GLY D 257 9.75 -2.35 15.86
CA GLY D 257 8.70 -2.12 14.89
C GLY D 257 9.10 -1.06 13.88
N LEU D 258 8.15 -0.73 13.02
CA LEU D 258 8.36 0.27 11.99
C LEU D 258 8.09 1.65 12.55
N VAL D 259 9.08 2.53 12.48
CA VAL D 259 8.92 3.94 12.81
C VAL D 259 8.37 4.62 11.57
N HIS D 260 7.14 5.13 11.65
CA HIS D 260 6.52 5.79 10.51
C HIS D 260 6.68 7.30 10.54
N GLY D 261 7.15 7.88 11.64
CA GLY D 261 7.39 9.31 11.67
C GLY D 261 7.66 9.81 13.08
N LEU D 262 7.54 11.12 13.24
CA LEU D 262 7.67 11.79 14.52
C LEU D 262 6.35 12.46 14.87
N ALA D 263 5.84 12.18 16.06
CA ALA D 263 4.64 12.83 16.56
C ALA D 263 5.02 14.07 17.35
N PHE D 264 4.14 15.07 17.35
CA PHE D 264 4.39 16.34 18.02
C PHE D 264 3.17 16.77 18.82
N TRP D 265 3.44 17.42 19.95
CA TRP D 265 2.45 18.16 20.72
C TRP D 265 3.21 19.23 21.50
N PHE D 266 2.54 19.93 22.40
CA PHE D 266 3.24 20.94 23.19
C PHE D 266 2.46 21.25 24.46
N ASP D 267 3.21 21.63 25.49
CA ASP D 267 2.69 22.22 26.71
C ASP D 267 3.24 23.63 26.86
N VAL D 268 2.51 24.47 27.61
CA VAL D 268 3.02 25.77 28.04
C VAL D 268 2.82 25.88 29.54
N ALA D 269 3.69 26.67 30.18
CA ALA D 269 3.65 26.85 31.63
C ALA D 269 3.40 28.32 31.94
N PHE D 270 2.34 28.59 32.70
CA PHE D 270 2.09 29.91 33.25
C PHE D 270 2.76 29.95 34.62
N ILE D 271 3.98 30.48 34.66
CA ILE D 271 4.74 30.53 35.90
C ILE D 271 4.37 31.83 36.61
N GLY D 272 3.51 31.71 37.62
CA GLY D 272 3.04 32.86 38.35
C GLY D 272 3.69 32.99 39.71
N SER D 273 3.39 34.10 40.38
CA SER D 273 3.94 34.35 41.70
C SER D 273 3.33 33.47 42.76
N ILE D 274 2.17 32.88 42.49
CA ILE D 274 1.49 32.01 43.44
C ILE D 274 1.61 30.54 43.06
N MET D 275 1.74 30.22 41.77
CA MET D 275 1.91 28.83 41.36
C MET D 275 2.16 28.80 39.85
N THR D 276 2.61 27.66 39.38
CA THR D 276 2.77 27.39 37.95
C THR D 276 1.61 26.52 37.48
N VAL D 277 0.98 26.94 36.38
CA VAL D 277 -0.17 26.24 35.82
C VAL D 277 0.19 25.83 34.39
N TRP D 278 -0.05 24.56 34.07
CA TRP D 278 0.34 23.99 32.78
C TRP D 278 -0.89 23.79 31.91
N LEU D 279 -0.76 24.18 30.64
CA LEU D 279 -1.72 23.85 29.60
C LEU D 279 -1.03 22.92 28.62
N SER D 280 -1.58 21.73 28.45
CA SER D 280 -0.94 20.70 27.62
C SER D 280 -1.88 20.22 26.53
N THR D 281 -1.28 19.84 25.40
CA THR D 281 -2.00 19.22 24.29
C THR D 281 -1.51 17.80 24.05
N ALA D 282 -1.02 17.14 25.09
CA ALA D 282 -0.46 15.81 24.94
C ALA D 282 -1.57 14.79 24.63
N PRO D 283 -1.24 13.69 23.95
CA PRO D 283 -2.27 12.69 23.63
C PRO D 283 -2.86 12.00 24.85
N THR D 284 -2.27 12.16 26.03
CA THR D 284 -2.81 11.59 27.25
C THR D 284 -3.72 12.55 28.01
N GLU D 285 -3.91 13.75 27.49
CA GLU D 285 -4.74 14.77 28.09
C GLU D 285 -5.97 15.03 27.21
N PRO D 286 -7.05 15.57 27.77
CA PRO D 286 -8.25 15.79 26.96
C PRO D 286 -7.94 16.60 25.71
N LEU D 287 -8.75 16.37 24.68
CA LEU D 287 -8.48 16.96 23.37
C LEU D 287 -8.63 18.47 23.40
N THR D 288 -7.73 19.15 22.68
CA THR D 288 -7.80 20.58 22.44
C THR D 288 -7.88 20.83 20.95
N HIS D 289 -8.29 22.05 20.59
CA HIS D 289 -8.42 22.38 19.17
C HIS D 289 -7.09 22.39 18.42
N TRP D 290 -5.97 22.27 19.15
CA TRP D 290 -4.67 22.10 18.53
C TRP D 290 -4.36 20.65 18.19
N TYR D 291 -5.15 19.70 18.69
CA TYR D 291 -4.92 18.29 18.43
C TYR D 291 -3.46 17.93 18.63
N GLN D 292 -2.93 17.06 17.77
CA GLN D 292 -1.52 16.76 17.73
C GLN D 292 -1.10 16.70 16.27
N VAL D 293 0.21 16.75 16.02
CA VAL D 293 0.75 16.84 14.67
C VAL D 293 1.76 15.71 14.47
N ARG D 294 1.61 14.98 13.37
CA ARG D 294 2.48 13.85 13.06
C ARG D 294 3.10 14.06 11.69
N CYS D 295 4.43 14.13 11.66
CA CYS D 295 5.19 14.17 10.42
C CYS D 295 5.54 12.76 10.01
N LEU D 296 5.19 12.39 8.77
CA LEU D 296 5.38 11.05 8.27
C LEU D 296 6.68 10.92 7.48
N PHE D 297 7.18 9.70 7.40
CA PHE D 297 8.29 9.35 6.52
C PHE D 297 7.74 8.74 5.24
N GLN D 298 8.29 9.16 4.10
CA GLN D 298 7.89 8.54 2.83
C GLN D 298 8.12 7.03 2.87
N SER D 299 9.17 6.57 3.55
CA SER D 299 9.39 5.14 3.78
C SER D 299 9.82 4.99 5.24
N PRO D 300 9.16 4.15 6.02
CA PRO D 300 9.49 4.06 7.46
C PRO D 300 10.84 3.40 7.67
N LEU D 301 11.35 3.54 8.89
CA LEU D 301 12.57 2.88 9.32
C LEU D 301 12.24 1.78 10.32
N PHE D 302 13.04 0.72 10.31
CA PHE D 302 12.87 -0.40 11.24
C PHE D 302 13.90 -0.27 12.36
N ALA D 303 13.40 -0.24 13.60
CA ALA D 303 14.26 -0.18 14.78
C ALA D 303 13.86 -1.27 15.75
N LYS D 304 14.85 -1.76 16.49
CA LYS D 304 14.65 -2.77 17.52
C LYS D 304 14.70 -2.13 18.90
N ALA D 305 13.96 -2.71 19.83
CA ALA D 305 13.97 -2.23 21.21
C ALA D 305 15.40 -2.18 21.74
N GLY D 306 15.83 -0.99 22.14
CA GLY D 306 17.19 -0.77 22.62
C GLY D 306 18.08 -0.04 21.64
N ASP D 307 17.64 0.12 20.39
CA ASP D 307 18.38 0.92 19.44
C ASP D 307 18.28 2.40 19.81
N THR D 308 19.08 3.21 19.13
CA THR D 308 19.05 4.66 19.29
C THR D 308 18.72 5.29 17.95
N LEU D 309 17.57 5.97 17.88
CA LEU D 309 17.15 6.71 16.70
C LEU D 309 17.52 8.18 16.91
N SER D 310 18.56 8.61 16.20
CA SER D 310 19.09 9.97 16.33
C SER D 310 18.84 10.75 15.05
N GLY D 311 18.98 12.07 15.16
CA GLY D 311 18.77 12.93 14.01
C GLY D 311 18.47 14.35 14.45
N THR D 312 17.94 15.13 13.52
CA THR D 312 17.68 16.54 13.75
C THR D 312 16.38 16.97 13.07
N CYS D 313 15.58 17.73 13.80
CA CYS D 313 14.42 18.41 13.27
C CYS D 313 14.75 19.90 13.15
N LEU D 314 14.60 20.46 11.95
CA LEU D 314 14.99 21.84 11.68
C LEU D 314 13.80 22.61 11.12
N LEU D 315 13.39 23.66 11.82
CA LEU D 315 12.30 24.52 11.40
C LEU D 315 12.88 25.80 10.81
N ILE D 316 12.57 26.07 9.54
CA ILE D 316 13.03 27.27 8.85
C ILE D 316 11.80 28.16 8.63
N ALA D 317 11.74 29.26 9.38
CA ALA D 317 10.63 30.20 9.23
C ALA D 317 10.55 30.70 7.79
N ASN D 318 9.33 30.82 7.29
CA ASN D 318 9.09 31.32 5.94
C ASN D 318 8.17 32.53 5.98
N LYS D 319 7.98 33.14 4.81
CA LYS D 319 7.18 34.35 4.67
C LYS D 319 5.69 34.07 4.54
N ARG D 320 5.25 32.85 4.81
CA ARG D 320 3.83 32.51 4.87
C ARG D 320 3.35 32.32 6.30
N GLN D 321 4.05 32.91 7.27
CA GLN D 321 3.69 32.80 8.67
C GLN D 321 3.66 31.34 9.12
N SER D 322 4.65 30.58 8.66
CA SER D 322 4.76 29.19 9.06
C SER D 322 6.22 28.79 8.94
N TYR D 323 6.45 27.49 8.79
CA TYR D 323 7.80 26.94 8.79
C TYR D 323 7.93 25.88 7.70
N ASP D 324 9.12 25.81 7.14
CA ASP D 324 9.55 24.66 6.36
C ASP D 324 10.30 23.73 7.31
N ILE D 325 9.81 22.50 7.43
CA ILE D 325 10.33 21.55 8.40
C ILE D 325 11.23 20.56 7.70
N SER D 326 12.45 20.38 8.24
CA SER D 326 13.38 19.36 7.77
C SER D 326 13.61 18.37 8.91
N ILE D 327 13.43 17.09 8.63
CA ILE D 327 13.63 16.04 9.63
C ILE D 327 14.51 14.97 9.01
N VAL D 328 15.72 14.84 9.54
CA VAL D 328 16.63 13.75 9.20
C VAL D 328 16.71 12.84 10.41
N ALA D 329 16.52 11.55 10.20
CA ALA D 329 16.56 10.56 11.28
C ALA D 329 17.28 9.31 10.80
N GLN D 330 17.86 8.58 11.74
CA GLN D 330 18.60 7.37 11.40
C GLN D 330 18.62 6.42 12.58
N VAL D 331 18.65 5.12 12.26
CA VAL D 331 18.86 4.08 13.24
C VAL D 331 20.36 3.88 13.38
N ASP D 332 20.92 4.30 14.52
CA ASP D 332 22.37 4.27 14.68
C ASP D 332 22.94 2.87 14.45
N GLN D 333 22.31 1.86 15.05
CA GLN D 333 22.83 0.50 14.94
C GLN D 333 22.90 0.05 13.48
N THR D 334 21.94 0.47 12.67
CA THR D 334 21.81 0.01 11.29
C THR D 334 22.34 1.00 10.27
N GLY D 335 22.30 2.29 10.57
CA GLY D 335 22.64 3.29 9.58
C GLY D 335 21.55 3.57 8.56
N SER D 336 20.32 3.12 8.80
CA SER D 336 19.22 3.42 7.90
C SER D 336 18.72 4.84 8.19
N LYS D 337 18.70 5.68 7.15
CA LYS D 337 18.41 7.10 7.30
C LYS D 337 17.18 7.48 6.48
N SER D 338 16.40 8.41 7.01
CA SER D 338 15.21 8.93 6.35
C SER D 338 15.24 10.45 6.37
N SER D 339 15.13 11.06 5.19
CA SER D 339 15.13 12.50 5.03
C SER D 339 13.76 12.96 4.54
N ASN D 340 13.20 13.98 5.19
CA ASN D 340 11.86 14.44 4.90
C ASN D 340 11.75 15.95 5.05
N LEU D 341 11.00 16.55 4.13
CA LEU D 341 10.68 17.97 4.16
C LEU D 341 9.17 18.12 4.25
N LEU D 342 8.72 18.99 5.15
CA LEU D 342 7.29 19.16 5.39
C LEU D 342 6.92 20.63 5.39
N ASP D 343 5.72 20.93 4.90
CA ASP D 343 5.19 22.28 4.81
C ASP D 343 4.14 22.43 5.92
N LEU D 344 4.51 23.13 6.99
CA LEU D 344 3.65 23.22 8.16
C LEU D 344 2.36 23.99 7.89
N LYS D 345 2.33 24.85 6.87
CA LYS D 345 1.14 25.64 6.60
C LYS D 345 0.09 24.87 5.81
N ASN D 346 0.38 23.66 5.36
CA ASN D 346 -0.55 22.87 4.55
C ASN D 346 -0.72 21.49 5.19
N PRO D 347 -1.28 21.42 6.38
CA PRO D 347 -1.52 20.12 7.02
C PRO D 347 -2.73 19.42 6.42
N PHE D 348 -2.75 18.10 6.61
CA PHE D 348 -3.91 17.27 6.29
C PHE D 348 -4.66 17.04 7.60
N PHE D 349 -5.79 17.72 7.77
CA PHE D 349 -6.62 17.53 8.96
C PHE D 349 -7.38 16.22 8.81
N ARG D 350 -7.10 15.28 9.71
CA ARG D 350 -7.57 13.91 9.56
C ARG D 350 -8.64 13.51 10.57
N TYR D 351 -8.85 14.30 11.63
CA TYR D 351 -9.71 13.89 12.72
C TYR D 351 -11.10 13.51 12.22
N THR D 352 -11.77 12.67 13.00
CA THR D 352 -13.10 12.17 12.65
C THR D 352 -13.92 11.83 13.89
C ACE E 1 19.57 -27.49 -3.06
O ACE E 1 19.16 -26.96 -2.04
CH3 ACE E 1 20.99 -27.30 -3.51
H1 ACE E 1 21.21 -26.27 -3.62
H2 ACE E 1 21.14 -27.79 -4.44
H3 ACE E 1 21.64 -27.72 -2.79
N GLY E 2 18.80 -28.24 -3.84
CA GLY E 2 17.41 -28.50 -3.52
C GLY E 2 16.46 -27.49 -4.15
N LYS E 3 15.17 -27.63 -3.83
CA LYS E 3 14.17 -26.77 -4.44
C LYS E 3 14.25 -25.35 -3.91
N ALA E 4 14.39 -25.20 -2.59
CA ALA E 4 14.50 -23.89 -1.94
C ALA E 4 15.76 -23.88 -1.08
N PRO E 5 16.93 -23.63 -1.67
CA PRO E 5 18.20 -23.55 -0.94
C PRO E 5 18.14 -22.73 0.35
N ARG E 6 17.51 -21.57 0.28
CA ARG E 6 17.28 -20.74 1.47
C ARG E 6 15.78 -20.74 1.86
OH ALY E 7 12.30 -27.06 2.76
CH ALY E 7 13.10 -26.81 1.85
CH3 ALY E 7 12.83 -27.31 0.45
NZ ALY E 7 14.25 -26.08 2.03
CE ALY E 7 14.64 -25.51 3.28
CD ALY E 7 14.02 -24.13 3.50
CG ALY E 7 14.68 -23.37 4.64
CB ALY E 7 13.99 -22.04 4.84
CA ALY E 7 14.15 -21.13 3.60
N ALY E 7 15.51 -21.05 3.12
C ALY E 7 13.62 -19.75 3.95
O ALY E 7 14.31 -18.81 4.37
HH31 ALY E 7 13.72 -27.89 0.10
HH32 ALY E 7 12.65 -26.43 -0.21
HH33 ALY E 7 11.93 -27.97 0.48
HZ ALY E 7 14.85 -25.93 1.26
HE3 ALY E 7 15.77 -25.43 3.32
HE2 ALY E 7 14.33 -26.20 4.12
HD3 ALY E 7 12.93 -24.23 3.72
HD2 ALY E 7 14.12 -23.52 2.56
HG3 ALY E 7 15.76 -23.21 4.42
HG2 ALY E 7 14.62 -23.98 5.58
HB3 ALY E 7 14.42 -21.52 5.74
HB2 ALY E 7 12.90 -22.20 5.04
HA ALY E 7 13.48 -21.51 2.78
H ALY E 7 16.18 -21.24 3.84
N GLN E 8 12.33 -19.63 3.74
CA GLN E 8 11.60 -18.42 4.07
C GLN E 8 11.59 -18.22 5.57
N LEU E 9 11.96 -17.03 6.02
CA LEU E 9 11.85 -16.64 7.42
C LEU E 9 10.74 -15.61 7.57
N ALA E 10 9.81 -15.88 8.47
CA ALA E 10 8.65 -15.01 8.63
C ALA E 10 9.07 -13.64 9.15
N THR E 11 8.57 -12.60 8.50
CA THR E 11 8.85 -11.22 8.90
C THR E 11 7.90 -10.79 10.02
C ACE F 1 5.71 -26.73 -12.95
O ACE F 1 4.96 -26.61 -11.99
CH3 ACE F 1 5.27 -27.52 -14.17
H1 ACE F 1 5.07 -28.52 -13.89
H2 ACE F 1 4.40 -27.08 -14.58
H3 ACE F 1 6.04 -27.50 -14.90
N GLY F 2 6.93 -26.21 -13.00
CA GLY F 2 7.45 -25.43 -11.90
C GLY F 2 7.95 -26.30 -10.75
N LYS F 3 8.28 -25.65 -9.62
CA LYS F 3 8.89 -26.37 -8.51
C LYS F 3 7.95 -27.45 -7.98
N ALA F 4 6.70 -27.09 -7.70
CA ALA F 4 5.72 -28.03 -7.12
C ALA F 4 4.46 -28.00 -7.95
N PRO F 5 4.38 -28.84 -9.01
CA PRO F 5 3.19 -28.86 -9.88
C PRO F 5 1.87 -29.07 -9.14
N ARG F 6 1.84 -30.00 -8.19
CA ARG F 6 0.62 -30.25 -7.39
C ARG F 6 0.78 -29.72 -5.95
OH ALY F 7 3.39 -23.03 -5.40
CH ALY F 7 3.59 -23.88 -6.28
CH3 ALY F 7 4.96 -24.06 -6.87
NZ ALY F 7 2.60 -24.69 -6.79
CE ALY F 7 1.24 -24.65 -6.35
CD ALY F 7 0.91 -25.83 -5.44
CG ALY F 7 -0.58 -25.95 -5.23
CB ALY F 7 -0.86 -26.92 -4.10
CA ALY F 7 -0.06 -28.24 -4.23
N ALY F 7 -0.17 -28.90 -5.52
C ALY F 7 -0.54 -29.12 -3.09
O ALY F 7 -1.47 -29.92 -3.16
HH31 ALY F 7 4.90 -24.84 -7.67
HH32 ALY F 7 5.65 -24.39 -6.06
HH33 ALY F 7 5.30 -23.09 -7.31
HZ ALY F 7 2.83 -25.33 -7.50
HE3 ALY F 7 0.55 -24.66 -7.24
HE2 ALY F 7 1.05 -23.69 -5.78
HD3 ALY F 7 1.42 -25.70 -4.44
HD2 ALY F 7 1.29 -26.78 -5.89
HG3 ALY F 7 -1.08 -26.30 -6.17
HG2 ALY F 7 -1.01 -24.94 -4.97
HB3 ALY F 7 -1.96 -27.17 -4.10
HB2 ALY F 7 -0.62 -26.44 -3.12
HA ALY F 7 1.04 -28.05 -4.05
H ALY F 7 -1.03 -28.66 -5.99
N GLN F 8 0.17 -28.95 -1.98
CA GLN F 8 -0.17 -29.64 -0.75
C GLN F 8 -1.60 -29.33 -0.37
N LEU F 9 -2.38 -30.36 -0.08
CA LEU F 9 -3.78 -30.21 0.33
C LEU F 9 -3.92 -30.81 1.72
N ALA F 10 -4.41 -30.01 2.65
CA ALA F 10 -4.57 -30.49 4.02
C ALA F 10 -5.68 -31.54 4.08
N THR F 11 -5.49 -32.51 4.97
CA THR F 11 -6.46 -33.57 5.15
C THR F 11 -7.13 -33.45 6.52
C ACE G 1 -12.93 31.31 -4.13
O ACE G 1 -13.34 30.17 -4.02
CH3 ACE G 1 -12.82 31.97 -5.48
H1 ACE G 1 -12.18 31.40 -6.09
H2 ACE G 1 -12.42 32.95 -5.37
H3 ACE G 1 -13.78 32.04 -5.92
N GLY G 2 -12.59 32.06 -3.08
CA GLY G 2 -12.65 31.54 -1.73
C GLY G 2 -11.47 30.64 -1.41
N LYS G 3 -11.51 30.03 -0.22
CA LYS G 3 -10.40 29.19 0.22
C LYS G 3 -10.35 27.90 -0.58
N ALA G 4 -11.43 27.13 -0.58
CA ALA G 4 -11.48 25.86 -1.30
C ALA G 4 -12.45 25.94 -2.46
N PRO G 5 -12.04 26.49 -3.62
CA PRO G 5 -12.94 26.65 -4.78
C PRO G 5 -13.66 25.38 -5.15
N ARG G 6 -12.93 24.27 -5.25
CA ARG G 6 -13.52 22.96 -5.49
C ARG G 6 -13.61 22.16 -4.17
OH ALY G 7 -16.32 25.03 1.80
CH ALY G 7 -15.59 25.63 0.98
CH3 ALY G 7 -14.50 26.54 1.48
NZ ALY G 7 -15.73 25.51 -0.38
CE ALY G 7 -16.71 24.67 -1.02
CD ALY G 7 -16.23 23.23 -1.12
CG ALY G 7 -16.98 22.42 -2.15
CB ALY G 7 -16.46 20.99 -2.13
CA ALY G 7 -15.02 20.92 -2.63
N ALY G 7 -14.80 21.64 -3.86
C ALY G 7 -14.64 19.46 -2.80
O ALY G 7 -14.78 18.79 -3.82
HH31 ALY G 7 -14.32 27.33 0.72
HH32 ALY G 7 -13.58 25.93 1.64
HH33 ALY G 7 -14.83 26.99 2.45
HZ ALY G 7 -15.13 26.03 -0.97
HE3 ALY G 7 -16.91 25.06 -2.06
HE2 ALY G 7 -17.67 24.71 -0.44
HD3 ALY G 7 -16.35 22.73 -0.11
HD2 ALY G 7 -15.13 23.21 -1.36
HG3 ALY G 7 -16.83 22.86 -3.17
HG2 ALY G 7 -18.08 22.44 -1.94
HB3 ALY G 7 -17.11 20.34 -2.77
HB2 ALY G 7 -16.51 20.59 -1.08
HA ALY G 7 -14.31 21.31 -1.83
H ALY G 7 -15.62 21.71 -4.42
N GLN G 8 -14.08 18.94 -1.71
CA GLN G 8 -13.66 17.56 -1.65
C GLN G 8 -14.86 16.63 -1.84
N LEU G 9 -14.75 15.72 -2.79
CA LEU G 9 -15.75 14.66 -3.01
C LEU G 9 -15.14 13.34 -2.58
N ALA G 10 -15.71 12.72 -1.56
CA ALA G 10 -15.17 11.47 -1.04
C ALA G 10 -15.30 10.35 -2.08
N THR G 11 -14.38 9.39 -2.00
CA THR G 11 -14.34 8.29 -2.95
C THR G 11 -15.42 7.25 -2.64
C ACE H 1 -1.16 29.21 8.46
O ACE H 1 -1.81 28.41 9.10
CH3 ACE H 1 -0.28 30.23 9.16
H1 ACE H 1 -0.87 30.83 9.79
H2 ACE H 1 0.18 30.84 8.43
H3 ACE H 1 0.46 29.73 9.72
N GLY H 2 -1.17 29.24 7.14
CA GLY H 2 -1.98 28.30 6.38
C GLY H 2 -3.43 28.71 6.26
N LYS H 3 -4.24 27.86 5.65
CA LYS H 3 -5.61 28.21 5.33
C LYS H 3 -6.54 28.15 6.54
N ALA H 4 -6.14 27.52 7.64
CA ALA H 4 -6.94 27.49 8.85
C ALA H 4 -6.02 27.29 10.04
N PRO H 5 -5.39 28.38 10.53
CA PRO H 5 -4.44 28.34 11.65
C PRO H 5 -4.96 27.55 12.86
N ARG H 6 -6.22 27.79 13.22
CA ARG H 6 -6.86 27.04 14.31
C ARG H 6 -7.93 26.07 13.76
OH ALY H 7 -6.61 21.75 8.51
CH ALY H 7 -5.97 22.80 8.40
CH3 ALY H 7 -5.91 23.51 7.08
NZ ALY H 7 -5.31 23.38 9.46
CE ALY H 7 -5.30 22.82 10.79
CD ALY H 7 -6.68 22.91 11.47
CG ALY H 7 -6.63 22.37 12.89
CB ALY H 7 -8.02 22.35 13.51
CA ALY H 7 -8.66 23.75 13.56
N ALY H 7 -7.77 24.78 14.05
C ALY H 7 -9.90 23.70 14.42
O ALY H 7 -9.96 24.09 15.60
HH31 ALY H 7 -4.86 23.53 6.73
HH32 ALY H 7 -6.29 24.55 7.21
HH33 ALY H 7 -6.55 22.96 6.34
HZ ALY H 7 -4.81 24.22 9.31
HE3 ALY H 7 -4.55 23.38 11.41
HE2 ALY H 7 -4.98 21.75 10.72
HD3 ALY H 7 -7.43 22.32 10.87
HD2 ALY H 7 -7.02 23.97 11.49
HG3 ALY H 7 -5.95 23.01 13.51
HG2 ALY H 7 -6.21 21.34 12.88
HB3 ALY H 7 -7.96 21.94 14.55
HB2 ALY H 7 -8.67 21.66 12.92
HA ALY H 7 -9.03 24.02 12.52
H ALY H 7 -7.05 24.39 14.63
N GLN H 8 -10.97 23.22 13.80
CA GLN H 8 -12.26 23.12 14.46
C GLN H 8 -12.21 22.05 15.55
N LEU H 9 -12.93 22.30 16.64
CA LEU H 9 -13.05 21.36 17.75
C LEU H 9 -14.53 21.15 18.02
N ALA H 10 -15.00 19.92 17.81
CA ALA H 10 -16.40 19.63 18.05
C ALA H 10 -16.75 19.89 19.51
N THR H 11 -18.04 20.11 19.76
CA THR H 11 -18.51 20.48 21.09
C THR H 11 -19.52 19.46 21.60
C1 MLI I . 8.66 -51.78 -1.81
C2 MLI I . 8.79 -53.28 -2.08
C3 MLI I . 8.58 -50.94 -3.10
O6 MLI I . 9.88 -53.77 -2.48
O7 MLI I . 7.81 -54.05 -1.88
O8 MLI I . 9.63 -50.48 -3.62
O9 MLI I . 7.47 -50.70 -3.63
H11 MLI I . 9.43 -51.49 -1.30
H12 MLI I . 7.86 -51.61 -1.30
C1 MLI J . -35.78 21.12 -12.91
C2 MLI J . -34.91 20.03 -13.53
C3 MLI J . -36.63 20.57 -11.76
O6 MLI J . -35.42 19.16 -14.29
O7 MLI J . -33.67 20.00 -13.29
O8 MLI J . -36.94 19.36 -11.72
O9 MLI J . -37.00 21.35 -10.84
H11 MLI J . -36.37 21.47 -13.60
H12 MLI J . -35.22 21.84 -12.58
C1 MLI K . -27.12 19.78 -34.63
C2 MLI K . -27.32 19.27 -33.20
C3 MLI K . -25.63 19.93 -34.90
O6 MLI K . -27.27 18.03 -32.96
O7 MLI K . -27.53 20.08 -32.27
O8 MLI K . -24.99 18.98 -35.44
O9 MLI K . -25.03 20.98 -34.58
H11 MLI K . -27.50 19.14 -35.26
H12 MLI K . -27.56 20.63 -34.73
C1 MLI L . -30.17 16.56 -16.62
C2 MLI L . -30.90 17.09 -15.39
C3 MLI L . -30.52 17.36 -17.88
O6 MLI L . -30.91 16.41 -14.32
O7 MLI L . -31.50 18.20 -15.43
O8 MLI L . -31.47 17.00 -18.61
O9 MLI L . -29.86 18.39 -18.18
H11 MLI L . -29.22 16.61 -16.47
H12 MLI L . -30.42 15.63 -16.76
C1 MLI M . 19.85 35.12 21.70
C2 MLI M . 19.18 34.69 23.00
C3 MLI M . 20.93 34.13 21.27
O6 MLI M . 18.73 33.53 23.12
O7 MLI M . 19.08 35.51 23.96
O8 MLI M . 20.90 32.94 21.68
O9 MLI M . 21.84 34.49 20.48
H11 MLI M . 19.18 35.19 21.00
H12 MLI M . 20.27 35.99 21.83
C24 QVR N . 23.89 -18.67 -0.18
C28 QVR N . 24.14 -17.61 -1.20
C31 QVR N . 24.36 -17.86 -2.48
C36 QVR N . 24.61 -16.74 -3.43
C38 QVR N . 25.58 -17.21 -5.51
C39 QVR N . 24.09 -17.53 -5.60
C40 QVR N . 23.55 -16.60 -4.51
C49 QVR N . 26.40 -19.61 -5.68
C50 QVR N . 28.08 -19.40 -6.95
C51 QVR N . 27.56 -18.13 -6.80
C53 QVR N . 29.12 -17.22 -8.07
C55 QVR N . 29.23 -19.52 -7.76
N47 QVR N . 26.47 -18.27 -5.97
N48 QVR N . 27.35 -20.33 -6.24
N52 QVR N . 28.02 -16.99 -7.34
N54 QVR N . 29.73 -18.39 -8.31
N57 QVR N . 29.84 -20.68 -8.02
O37 QVR N . 25.84 -16.97 -4.14
O41 QVR N . 23.56 -17.22 -6.88
O42 QVR N . 23.45 -15.25 -4.97
H1 QVR N . 23.17 -19.35 -0.63
H29 QVR N . 24.83 -19.23 -0.09
H28 QVR N . 24.16 -16.59 -0.83
H31 QVR N . 24.37 -18.86 -2.89
H61 QVR N . 24.76 -15.81 -2.87
H62 QVR N . 25.85 -16.31 -6.05
H44 QVR N . 23.87 -18.57 -5.35
H43 QVR N . 22.54 -16.83 -4.20
H58 QVR N . 25.62 -20.02 -5.03
H56 QVR N . 29.57 -16.35 -8.55
H59 QVR N . 29.53 -21.56 -7.65
H60 QVR N . 30.67 -20.73 -8.61
H46 QVR N . 24.35 -17.13 -7.48
H45 QVR N . 24.31 -14.79 -4.81
C24 QVR O . -0.76 -34.30 -13.00
C28 QVR O . -0.24 -35.71 -13.04
C31 QVR O . 0.82 -36.08 -13.72
C36 QVR O . 1.24 -37.52 -13.70
C38 QVR O . 2.89 -38.25 -15.19
C39 QVR O . 3.59 -37.60 -14.01
C40 QVR O . 2.54 -37.77 -12.92
C49 QVR O . 3.45 -36.46 -16.89
C50 QVR O . 4.03 -37.60 -18.58
C51 QVR O . 3.69 -38.51 -17.59
C53 QVR O . 4.13 -40.24 -18.89
C55 QVR O . 4.45 -38.14 -19.82
N47 QVR O . 3.32 -37.76 -16.50
N48 QVR O . 3.87 -36.31 -18.13
N52 QVR O . 3.72 -39.85 -17.68
N54 QVR O . 4.49 -39.49 -19.94
N57 QVR O . 4.81 -37.39 -20.86
O37 QVR O . 1.51 -37.96 -15.03
O41 QVR O . 4.81 -38.27 -13.69
O42 QVR O . 2.57 -39.08 -12.35
H1 QVR O . 0.09 -33.69 -12.67
H29 QVR O . -0.96 -34.03 -14.03
H28 QVR O . -0.82 -36.44 -12.47
H31 QVR O . 1.43 -35.39 -14.30
H61 QVR O . 0.42 -38.13 -13.34
H62 QVR O . 3.00 -39.34 -15.21
H44 QVR O . 3.78 -36.53 -14.18
H43 QVR O . 2.67 -37.12 -12.06
H58 QVR O . 3.22 -35.63 -16.23
H56 QVR O . 4.18 -41.31 -19.06
H59 QVR O . 4.81 -36.38 -20.84
H60 QVR O . 5.11 -37.79 -21.74
H46 QVR O . 5.18 -38.57 -14.56
H45 QVR O . 2.02 -39.68 -12.91
C24 QVR P . -12.17 25.00 -12.18
C28 QVR P . -10.85 24.80 -12.85
C31 QVR P . -9.86 25.67 -12.81
C36 QVR P . -8.56 25.37 -13.50
C38 QVR P . -7.15 27.16 -14.00
C39 QVR P . -6.96 26.78 -12.52
C40 QVR P . -7.35 25.32 -12.57
C49 QVR P . -8.21 29.43 -13.54
C50 QVR P . -7.41 30.62 -15.10
C51 QVR P . -6.88 29.35 -15.27
C53 QVR P . -5.74 29.98 -17.05
C55 QVR P . -7.02 31.61 -16.02
N47 QVR P . -7.41 28.59 -14.25
N48 QVR P . -8.26 30.66 -14.00
N52 QVR P . -6.04 28.96 -16.23
N54 QVR P . -6.17 31.24 -17.01
N57 QVR P . -7.42 32.89 -15.97
O37 QVR P . -8.24 26.40 -14.46
O41 QVR P . -5.61 26.98 -12.13
O42 QVR P . -6.32 24.54 -13.14
H1 QVR P . -11.95 25.35 -11.17
H29 QVR P . -12.64 25.85 -12.70
H28 QVR P . -10.73 23.86 -13.38
H31 QVR P . -9.93 26.63 -12.29
H61 QVR P . -8.68 24.46 -14.10
H62 QVR P . -6.28 26.90 -14.60
H44 QVR P . -7.64 27.32 -11.84
H43 QVR P . -7.54 24.86 -11.60
H58 QVR P . -8.78 29.08 -12.67
H56 QVR P . -5.06 29.74 -17.87
H59 QVR P . -8.05 33.23 -15.24
H60 QVR P . -7.13 33.57 -16.64
H46 QVR P . -5.08 26.91 -12.96
H45 QVR P . -6.53 24.37 -14.09
C24 QVR Q . -3.60 32.22 17.85
C28 QVR Q . -4.32 33.53 18.02
C31 QVR Q . -4.04 34.62 17.34
C36 QVR Q . -4.83 35.87 17.60
C38 QVR Q . -4.18 37.81 16.47
C39 QVR Q . -5.01 36.95 15.52
C40 QVR Q . -5.86 36.18 16.52
C49 QVR Q . -2.03 37.54 15.14
C50 QVR Q . -1.04 39.38 15.52
C51 QVR Q . -2.25 39.43 16.20
C53 QVR Q . -1.82 41.45 16.97
C55 QVR Q . -0.20 40.50 15.63
N47 QVR Q . -2.88 38.24 15.95
N48 QVR Q . -0.92 38.17 14.86
N52 QVR Q . -2.70 40.45 16.95
N54 QVR Q . -0.62 41.54 16.38
N57 QVR Q . 1.01 40.58 15.06
O37 QVR Q . -3.96 37.01 17.62
O41 QVR Q . -5.80 37.76 14.65
O42 QVR Q . -6.92 36.97 17.04
H1 QVR Q . -3.67 31.98 16.79
H29 QVR Q . -2.55 32.44 18.05
H28 QVR Q . -5.12 33.53 18.76
H31 QVR Q . -3.25 34.67 16.60
H61 QVR Q . -5.28 35.81 18.59
H62 QVR Q . -4.70 38.70 16.79
H44 QVR Q . -4.40 36.28 14.92
H43 QVR Q . -6.36 35.30 16.09
H58 QVR Q . -2.27 36.54 14.77
H56 QVR Q . -2.10 42.33 17.56
H59 QVR Q . 1.40 39.83 14.49
H60 QVR Q . 1.61 41.39 15.14
H46 QVR Q . -5.97 38.60 15.15
H45 QVR Q . -6.59 37.45 17.84
#